data_4MZ0
#
_entry.id   4MZ0
#
_cell.length_a   69.265
_cell.length_b   150.704
_cell.length_c   236.005
_cell.angle_alpha   90.00
_cell.angle_beta   90.00
_cell.angle_gamma   90.00
#
_symmetry.space_group_name_H-M   'P 21 21 21'
#
loop_
_entity.id
_entity.type
_entity.pdbx_description
1 polymer CurL
2 non-polymer 'CALCIUM ION'
3 water water
#
_entity_poly.entity_id   1
_entity_poly.type   'polypeptide(L)'
_entity_poly.pdbx_seq_one_letter_code
;MNLKQEQEKEQSLSALQRALIALKDARSKLEKYETQSKEPIAIIGMSCRFPGGVDSPESFWQLLNDGVDAISEVPSNRWN
INNYYDPDPDATGKISTRDGGFLSQIDGFDAPFFCISPREVQSLDPQQRLLLEVSWEAIERANIVPDQLFNSLTGVFIGI
GSSDYLNQLATSEVPQAYWGTGNAPSAATGRLSYILGLTGPNLAVETACSSSLVSLHLACQSLRQQECNLALAGGVNLLL
SPETSIIFSQAKMLSPDGRCKTFDASANGYVRGEGCGVIVLKRLSDAVANGDNVLAVIRGTAINQDGASGGLTVPNGPSQ
VAVIRKALSNGGVDPASVSYIEAHGTGTSLGDPIEVGAIGTVFGKTHSQEQPLIVGTAKTNIGHLEVAAGIAGLMKVVLQ
LQHQQIAPSLHFKQPNPYINWSQLPVQVSTQLTPWQTNGKSRIAGVSSFGFSGTNAHVVIEEAPKEGNSLSATVEENGNS
TVKEDTLERAVYLLTLSAKTQAALDDLVNSYQNYLKNYPELRIADICYTANTCRSHFNNRLAVVASNQQELVEKLRQHQQ
GEEVTGIYSIELPNNSTAPKIALLFTGQGSQYVNMGRQLYQQAPVFRKALEQCNEILLGTETFREKSLLEILYPANQEQS
NSSLLDQTAYTQPCLFALEYALFKLWQSWGIQPDVVMGHSVGEYVAATVAGVFSLEEGLKLIAARGRLMQQLPAGGEMVS
VIASESKVLEIFKAMSLEEKVAIAAINGPESTVISGEAEAVGAIATHLESLSIKTKQLQVSHAFHSRLMEPMLAEFEAVA
KQVTYSQPQISLISNVTGQQVGSEITSAEYWVNHVRQPVRFSESMTTLHQEGYELFLEIGPKPILLGMGRQCLPEGVGVW
LPSLRPGVEAWQQMLQSLGQLYMKGIKVNWSGFDQDYACHKVAIPTYPFQRESYWIDT
;
_entity_poly.pdbx_strand_id   A,B
#
# COMPACT_ATOMS: atom_id res chain seq x y z
N LEU A 3 -46.15 -22.55 39.33
CA LEU A 3 -47.32 -22.32 38.50
C LEU A 3 -47.01 -21.24 37.43
N LYS A 4 -47.26 -19.95 37.74
CA LYS A 4 -46.90 -18.79 36.90
C LYS A 4 -45.61 -18.19 37.48
N GLN A 5 -45.16 -18.74 38.63
CA GLN A 5 -43.93 -18.42 39.35
C GLN A 5 -42.78 -19.06 38.55
N GLU A 6 -43.05 -20.25 37.92
CA GLU A 6 -42.15 -21.00 37.04
C GLU A 6 -41.80 -20.13 35.83
N GLN A 7 -42.83 -19.43 35.29
CA GLN A 7 -42.80 -18.54 34.13
C GLN A 7 -41.90 -17.32 34.33
N GLU A 8 -42.10 -16.53 35.41
CA GLU A 8 -41.27 -15.35 35.73
C GLU A 8 -39.77 -15.67 35.96
N LYS A 9 -39.48 -16.94 36.36
CA LYS A 9 -38.15 -17.51 36.60
C LYS A 9 -37.57 -18.09 35.30
N GLU A 10 -38.43 -18.71 34.44
CA GLU A 10 -38.07 -19.24 33.12
C GLU A 10 -37.65 -18.08 32.22
N GLN A 11 -38.44 -16.95 32.29
CA GLN A 11 -38.21 -15.69 31.58
C GLN A 11 -36.88 -15.06 32.01
N SER A 12 -36.62 -14.99 33.35
CA SER A 12 -35.40 -14.44 33.96
C SER A 12 -34.16 -15.22 33.52
N LEU A 13 -34.24 -16.57 33.48
CA LEU A 13 -33.12 -17.39 32.99
C LEU A 13 -32.87 -17.11 31.50
N SER A 14 -33.95 -17.07 30.69
CA SER A 14 -33.92 -16.76 29.25
C SER A 14 -33.48 -15.31 28.96
N ALA A 15 -33.75 -14.35 29.87
CA ALA A 15 -33.32 -12.96 29.74
C ALA A 15 -31.80 -12.89 29.88
N LEU A 16 -31.25 -13.49 30.97
CA LEU A 16 -29.82 -13.58 31.25
C LEU A 16 -29.14 -14.30 30.10
N GLN A 17 -29.70 -15.46 29.71
CA GLN A 17 -29.23 -16.30 28.61
C GLN A 17 -28.94 -15.50 27.34
N ARG A 18 -29.90 -14.62 26.94
CA ARG A 18 -29.81 -13.75 25.76
C ARG A 18 -28.77 -12.64 25.97
N ALA A 19 -28.77 -12.02 27.18
CA ALA A 19 -27.85 -10.95 27.56
C ALA A 19 -26.42 -11.45 27.52
N LEU A 20 -26.18 -12.70 27.98
CA LEU A 20 -24.82 -13.28 27.96
C LEU A 20 -24.41 -13.64 26.55
N ILE A 21 -25.35 -14.15 25.75
CA ILE A 21 -25.13 -14.45 24.35
C ILE A 21 -24.73 -13.16 23.60
N ALA A 22 -25.44 -12.04 23.86
CA ALA A 22 -25.18 -10.73 23.25
C ALA A 22 -23.84 -10.12 23.67
N LEU A 23 -23.46 -10.25 24.94
CA LEU A 23 -22.21 -9.78 25.54
C LEU A 23 -21.02 -10.56 24.99
N LYS A 24 -21.18 -11.90 24.85
CA LYS A 24 -20.16 -12.80 24.31
C LYS A 24 -19.84 -12.34 22.89
N ASP A 25 -20.87 -12.25 22.05
CA ASP A 25 -20.76 -11.85 20.66
C ASP A 25 -20.21 -10.45 20.39
N ALA A 26 -20.55 -9.50 21.27
CA ALA A 26 -20.08 -8.10 21.21
C ALA A 26 -18.60 -8.07 21.50
N ARG A 27 -18.15 -8.86 22.48
CA ARG A 27 -16.77 -8.96 22.94
C ARG A 27 -15.93 -9.56 21.82
N SER A 28 -16.40 -10.69 21.29
CA SER A 28 -15.77 -11.42 20.21
C SER A 28 -15.52 -10.49 19.01
N LYS A 29 -16.55 -9.71 18.61
CA LYS A 29 -16.53 -8.72 17.51
C LYS A 29 -15.42 -7.69 17.70
N LEU A 30 -15.26 -7.18 18.92
CA LEU A 30 -14.22 -6.21 19.22
C LEU A 30 -12.83 -6.84 19.31
N GLU A 31 -12.72 -8.08 19.88
CA GLU A 31 -11.43 -8.82 19.99
C GLU A 31 -10.88 -9.07 18.58
N LYS A 32 -11.74 -9.54 17.64
CA LYS A 32 -11.39 -9.80 16.23
C LYS A 32 -10.74 -8.56 15.59
N TYR A 33 -11.35 -7.38 15.78
CA TYR A 33 -10.86 -6.08 15.35
C TYR A 33 -9.46 -5.74 15.88
N GLU A 34 -9.23 -5.94 17.19
CA GLU A 34 -7.93 -5.70 17.82
C GLU A 34 -6.87 -6.71 17.36
N THR A 35 -7.23 -8.01 17.34
CA THR A 35 -6.36 -9.12 16.92
C THR A 35 -5.93 -8.93 15.47
N GLN A 36 -6.88 -8.57 14.62
CA GLN A 36 -6.63 -8.31 13.21
C GLN A 36 -5.66 -7.16 12.99
N SER A 37 -5.79 -6.05 13.78
CA SER A 37 -4.99 -4.83 13.67
C SER A 37 -3.50 -5.01 13.93
N LYS A 38 -3.13 -5.96 14.79
CA LYS A 38 -1.74 -6.22 15.20
C LYS A 38 -1.28 -7.63 14.77
N GLU A 39 -2.01 -8.23 13.79
CA GLU A 39 -1.75 -9.58 13.32
C GLU A 39 -0.46 -9.72 12.61
N PRO A 40 0.41 -10.69 13.00
CA PRO A 40 1.68 -10.87 12.26
C PRO A 40 1.37 -11.24 10.83
N ILE A 41 2.28 -10.90 9.94
CA ILE A 41 2.12 -11.17 8.53
C ILE A 41 3.15 -12.20 8.21
N ALA A 42 2.72 -13.40 7.87
CA ALA A 42 3.64 -14.45 7.50
C ALA A 42 4.28 -14.19 6.14
N ILE A 43 5.63 -14.32 6.07
CA ILE A 43 6.41 -14.34 4.84
C ILE A 43 6.45 -15.85 4.51
N ILE A 44 5.83 -16.23 3.37
CA ILE A 44 5.66 -17.62 2.94
C ILE A 44 6.50 -18.04 1.75
N GLY A 45 7.15 -17.09 1.07
CA GLY A 45 8.02 -17.34 -0.06
C GLY A 45 8.89 -16.14 -0.42
N MET A 46 10.08 -16.36 -0.97
CA MET A 46 10.96 -15.25 -1.36
C MET A 46 11.72 -15.67 -2.56
N SER A 47 12.14 -14.70 -3.36
CA SER A 47 13.06 -14.98 -4.46
C SER A 47 13.84 -13.71 -4.76
N CYS A 48 15.00 -13.86 -5.42
CA CYS A 48 15.87 -12.73 -5.69
C CYS A 48 16.85 -12.94 -6.81
N ARG A 49 17.41 -11.80 -7.24
CA ARG A 49 18.55 -11.66 -8.13
C ARG A 49 19.34 -10.56 -7.42
N PHE A 50 20.53 -10.92 -6.89
CA PHE A 50 21.46 -10.01 -6.18
C PHE A 50 22.86 -10.18 -6.74
N PRO A 51 23.82 -9.25 -6.49
CA PRO A 51 25.16 -9.43 -7.07
C PRO A 51 25.92 -10.66 -6.53
N GLY A 52 26.96 -11.07 -7.23
CA GLY A 52 27.75 -12.23 -6.82
C GLY A 52 27.15 -13.53 -7.31
N GLY A 53 26.36 -13.44 -8.39
CA GLY A 53 25.69 -14.58 -8.99
C GLY A 53 24.54 -15.14 -8.17
N VAL A 54 24.04 -14.38 -7.19
CA VAL A 54 22.92 -14.74 -6.32
C VAL A 54 21.61 -14.77 -7.12
N ASP A 55 21.02 -15.96 -7.28
CA ASP A 55 19.78 -16.13 -8.06
C ASP A 55 18.65 -16.80 -7.27
N SER A 56 18.83 -16.96 -5.92
CA SER A 56 17.88 -17.60 -5.00
C SER A 56 18.27 -17.32 -3.55
N PRO A 57 17.37 -17.51 -2.55
CA PRO A 57 17.76 -17.34 -1.14
C PRO A 57 18.89 -18.28 -0.70
N GLU A 58 19.00 -19.49 -1.29
CA GLU A 58 20.04 -20.46 -0.91
C GLU A 58 21.40 -19.90 -1.27
N SER A 59 21.53 -19.37 -2.50
CA SER A 59 22.76 -18.73 -3.01
C SER A 59 23.08 -17.42 -2.28
N PHE A 60 22.05 -16.67 -1.82
CA PHE A 60 22.26 -15.44 -1.06
C PHE A 60 22.85 -15.83 0.29
N TRP A 61 22.31 -16.91 0.91
CA TRP A 61 22.78 -17.37 2.20
C TRP A 61 24.19 -17.89 2.16
N GLN A 62 24.61 -18.60 1.12
CA GLN A 62 25.98 -19.09 1.01
C GLN A 62 26.91 -17.90 1.02
N LEU A 63 26.62 -16.87 0.17
CA LEU A 63 27.39 -15.63 0.06
C LEU A 63 27.54 -14.96 1.43
N LEU A 64 26.40 -14.75 2.12
CA LEU A 64 26.31 -14.15 3.45
C LEU A 64 27.04 -14.96 4.53
N ASN A 65 26.85 -16.29 4.49
CA ASN A 65 27.44 -17.28 5.40
C ASN A 65 28.96 -17.25 5.32
N ASP A 66 29.51 -17.28 4.07
CA ASP A 66 30.95 -17.29 3.78
C ASP A 66 31.60 -15.89 3.78
N GLY A 67 30.83 -14.85 4.08
CA GLY A 67 31.30 -13.48 4.09
C GLY A 67 32.02 -13.09 2.81
N VAL A 68 31.33 -13.25 1.66
CA VAL A 68 31.93 -12.94 0.38
C VAL A 68 31.62 -11.50 -0.09
N ASP A 69 32.65 -10.83 -0.66
CA ASP A 69 32.54 -9.48 -1.19
C ASP A 69 32.16 -9.67 -2.64
N ALA A 70 30.88 -9.41 -2.94
CA ALA A 70 30.30 -9.58 -4.26
C ALA A 70 30.59 -8.43 -5.21
N ILE A 71 31.10 -7.30 -4.68
CA ILE A 71 31.45 -6.08 -5.42
C ILE A 71 32.55 -6.34 -6.45
N SER A 72 32.34 -5.85 -7.71
CA SER A 72 33.22 -6.02 -8.89
C SER A 72 33.33 -4.74 -9.65
N GLU A 73 34.15 -4.71 -10.71
CA GLU A 73 34.33 -3.53 -11.56
C GLU A 73 33.15 -3.45 -12.48
N VAL A 74 32.75 -2.22 -12.88
CA VAL A 74 31.68 -2.03 -13.87
C VAL A 74 32.00 -2.94 -15.09
N PRO A 75 31.09 -3.90 -15.38
CA PRO A 75 31.32 -4.77 -16.54
C PRO A 75 31.45 -3.94 -17.82
N SER A 76 32.41 -4.31 -18.68
CA SER A 76 32.66 -3.66 -19.99
C SER A 76 31.36 -3.54 -20.81
N ASN A 77 30.46 -4.54 -20.70
CA ASN A 77 29.16 -4.55 -21.37
C ASN A 77 28.10 -3.55 -20.83
N ARG A 78 28.35 -2.84 -19.71
CA ARG A 78 27.36 -1.87 -19.19
C ARG A 78 27.67 -0.47 -19.69
N TRP A 79 28.95 -0.08 -19.52
CA TRP A 79 29.59 1.15 -19.94
C TRP A 79 31.07 1.06 -19.61
N ASN A 80 31.89 1.86 -20.31
CA ASN A 80 33.31 1.88 -20.09
C ASN A 80 33.60 2.76 -18.88
N ILE A 81 33.90 2.12 -17.74
CA ILE A 81 34.27 2.80 -16.50
C ILE A 81 35.54 3.67 -16.72
N ASN A 82 36.37 3.33 -17.72
CA ASN A 82 37.60 4.05 -18.08
C ASN A 82 37.31 5.47 -18.59
N ASN A 83 36.15 5.66 -19.22
CA ASN A 83 35.72 6.96 -19.67
C ASN A 83 35.13 7.83 -18.55
N TYR A 84 34.96 7.30 -17.32
CA TYR A 84 34.33 8.05 -16.23
C TYR A 84 35.06 8.03 -14.91
N TYR A 85 35.84 6.97 -14.63
CA TYR A 85 36.57 6.88 -13.36
C TYR A 85 37.62 7.98 -13.20
N ASP A 86 37.60 8.61 -12.03
CA ASP A 86 38.51 9.64 -11.57
C ASP A 86 38.28 9.76 -10.05
N PRO A 87 39.24 9.27 -9.23
CA PRO A 87 39.09 9.35 -7.76
C PRO A 87 39.17 10.76 -7.19
N ASP A 88 39.71 11.72 -7.99
CA ASP A 88 39.87 13.11 -7.61
C ASP A 88 38.54 13.79 -7.22
N PRO A 89 38.41 14.21 -5.95
CA PRO A 89 37.16 14.89 -5.51
C PRO A 89 36.84 16.20 -6.23
N ASP A 90 37.83 16.80 -6.91
CA ASP A 90 37.65 18.05 -7.63
C ASP A 90 37.31 17.85 -9.11
N ALA A 91 37.34 16.59 -9.58
CA ALA A 91 37.01 16.24 -10.98
C ALA A 91 35.52 16.47 -11.22
N THR A 92 35.18 16.94 -12.42
CA THR A 92 33.81 17.30 -12.83
C THR A 92 33.26 16.23 -13.77
N GLY A 93 32.00 15.86 -13.56
CA GLY A 93 31.29 14.88 -14.39
C GLY A 93 31.93 13.50 -14.46
N LYS A 94 32.49 13.04 -13.34
CA LYS A 94 33.20 11.76 -13.22
C LYS A 94 32.59 10.92 -12.09
N ILE A 95 32.84 9.61 -12.09
CA ILE A 95 32.41 8.64 -11.06
C ILE A 95 33.59 8.38 -10.09
N SER A 96 33.34 8.46 -8.79
CA SER A 96 34.34 8.25 -7.73
C SER A 96 34.98 6.87 -7.72
N THR A 97 34.22 5.84 -8.15
CA THR A 97 34.66 4.44 -8.06
C THR A 97 34.69 3.66 -9.38
N ARG A 98 35.55 2.63 -9.42
CA ARG A 98 35.74 1.74 -10.54
C ARG A 98 34.73 0.60 -10.43
N ASP A 99 34.31 0.31 -9.20
CA ASP A 99 33.47 -0.80 -8.79
C ASP A 99 31.98 -0.52 -8.47
N GLY A 100 31.19 -1.58 -8.50
CA GLY A 100 29.76 -1.64 -8.15
C GLY A 100 29.28 -3.08 -7.96
N GLY A 101 28.09 -3.24 -7.38
CA GLY A 101 27.43 -4.54 -7.19
C GLY A 101 26.53 -4.81 -8.38
N PHE A 102 26.96 -5.65 -9.33
CA PHE A 102 26.23 -5.91 -10.58
C PHE A 102 25.63 -7.31 -10.71
N LEU A 103 24.58 -7.43 -11.51
CA LEU A 103 23.97 -8.74 -11.79
C LEU A 103 24.76 -9.39 -12.94
N SER A 104 24.76 -10.72 -12.98
CA SER A 104 25.48 -11.55 -13.95
C SER A 104 25.05 -11.29 -15.38
N GLN A 105 23.76 -10.94 -15.57
CA GLN A 105 23.13 -10.62 -16.86
C GLN A 105 21.82 -9.89 -16.61
N ILE A 106 21.40 -9.01 -17.54
CA ILE A 106 20.16 -8.26 -17.41
C ILE A 106 19.33 -8.27 -18.70
N ASP A 107 19.94 -8.67 -19.83
CA ASP A 107 19.26 -8.74 -21.13
C ASP A 107 18.45 -10.04 -21.32
N GLY A 108 18.89 -11.10 -20.65
CA GLY A 108 18.29 -12.43 -20.70
C GLY A 108 16.88 -12.46 -20.13
N PHE A 109 15.95 -13.08 -20.89
CA PHE A 109 14.55 -13.16 -20.51
C PHE A 109 13.84 -14.25 -21.32
N ASP A 110 12.99 -15.02 -20.66
CA ASP A 110 12.22 -16.05 -21.34
C ASP A 110 10.94 -15.38 -21.84
N ALA A 111 11.04 -14.61 -22.94
CA ALA A 111 9.90 -13.94 -23.56
C ALA A 111 8.72 -14.86 -23.86
N PRO A 112 8.90 -16.06 -24.51
CA PRO A 112 7.72 -16.90 -24.79
C PRO A 112 6.98 -17.36 -23.54
N PHE A 113 7.67 -17.74 -22.43
CA PHE A 113 7.01 -18.16 -21.19
C PHE A 113 5.94 -17.16 -20.75
N PHE A 114 6.27 -15.86 -20.79
CA PHE A 114 5.38 -14.78 -20.35
C PHE A 114 4.50 -14.22 -21.45
N CYS A 115 4.61 -14.79 -22.67
CA CYS A 115 3.86 -14.42 -23.89
C CYS A 115 4.17 -13.03 -24.41
N ILE A 116 5.38 -12.56 -24.18
CA ILE A 116 5.84 -11.27 -24.66
C ILE A 116 6.42 -11.53 -26.07
N SER A 117 5.82 -10.92 -27.11
CA SER A 117 6.30 -11.02 -28.49
C SER A 117 7.71 -10.42 -28.59
N PRO A 118 8.59 -10.95 -29.48
CA PRO A 118 9.95 -10.38 -29.60
C PRO A 118 9.98 -8.86 -29.92
N ARG A 119 8.89 -8.30 -30.48
CA ARG A 119 8.79 -6.88 -30.78
C ARG A 119 8.71 -6.11 -29.47
N GLU A 120 7.71 -6.45 -28.62
CA GLU A 120 7.44 -5.86 -27.30
C GLU A 120 8.66 -5.91 -26.35
N VAL A 121 9.41 -7.03 -26.38
CA VAL A 121 10.56 -7.20 -25.48
C VAL A 121 11.73 -6.19 -25.73
N GLN A 122 11.90 -5.72 -26.97
CA GLN A 122 12.94 -4.78 -27.37
C GLN A 122 12.93 -3.47 -26.56
N SER A 123 11.72 -2.99 -26.19
CA SER A 123 11.48 -1.76 -25.43
C SER A 123 11.03 -2.03 -23.95
N LEU A 124 11.14 -3.31 -23.52
CA LEU A 124 10.75 -3.77 -22.19
C LEU A 124 11.89 -3.56 -21.25
N ASP A 125 11.61 -2.79 -20.19
CA ASP A 125 12.57 -2.44 -19.16
C ASP A 125 13.11 -3.72 -18.48
N PRO A 126 14.45 -3.90 -18.38
CA PRO A 126 14.99 -5.07 -17.66
C PRO A 126 14.45 -5.21 -16.24
N GLN A 127 13.90 -4.11 -15.66
CA GLN A 127 13.26 -4.11 -14.34
C GLN A 127 11.99 -4.96 -14.35
N GLN A 128 11.21 -4.90 -15.44
CA GLN A 128 9.98 -5.67 -15.64
C GLN A 128 10.27 -7.15 -15.86
N ARG A 129 11.36 -7.44 -16.61
CA ARG A 129 11.86 -8.78 -16.92
C ARG A 129 12.26 -9.52 -15.67
N LEU A 130 12.91 -8.81 -14.76
CA LEU A 130 13.32 -9.36 -13.50
C LEU A 130 12.13 -9.53 -12.56
N LEU A 131 11.21 -8.56 -12.52
CA LEU A 131 10.05 -8.72 -11.66
C LEU A 131 9.23 -9.95 -12.00
N LEU A 132 9.10 -10.27 -13.31
CA LEU A 132 8.30 -11.41 -13.78
C LEU A 132 8.91 -12.76 -13.37
N GLU A 133 10.21 -12.92 -13.63
CA GLU A 133 10.94 -14.13 -13.27
C GLU A 133 10.93 -14.35 -11.75
N VAL A 134 11.30 -13.31 -10.97
CA VAL A 134 11.41 -13.31 -9.51
C VAL A 134 10.10 -13.60 -8.79
N SER A 135 9.03 -12.93 -9.21
CA SER A 135 7.68 -13.10 -8.64
C SER A 135 7.19 -14.52 -8.89
N TRP A 136 7.39 -15.02 -10.12
CA TRP A 136 6.97 -16.36 -10.47
C TRP A 136 7.56 -17.37 -9.50
N GLU A 137 8.87 -17.27 -9.29
CA GLU A 137 9.65 -18.12 -8.44
C GLU A 137 9.25 -17.94 -6.98
N ALA A 138 8.89 -16.71 -6.55
CA ALA A 138 8.52 -16.42 -5.15
C ALA A 138 7.25 -17.18 -4.81
N ILE A 139 6.31 -17.18 -5.76
CA ILE A 139 5.04 -17.90 -5.67
C ILE A 139 5.28 -19.41 -5.65
N GLU A 140 6.11 -19.95 -6.58
CA GLU A 140 6.45 -21.38 -6.62
C GLU A 140 7.06 -21.82 -5.29
N ARG A 141 8.02 -21.05 -4.79
CA ARG A 141 8.69 -21.34 -3.54
C ARG A 141 7.75 -21.32 -2.34
N ALA A 142 6.69 -20.49 -2.41
CA ALA A 142 5.64 -20.39 -1.38
C ALA A 142 4.65 -21.56 -1.54
N ASN A 143 4.91 -22.41 -2.57
CA ASN A 143 4.15 -23.60 -2.95
C ASN A 143 2.68 -23.32 -3.28
N ILE A 144 2.42 -22.21 -3.99
CA ILE A 144 1.10 -21.82 -4.49
C ILE A 144 1.10 -22.13 -6.00
N VAL A 145 -0.07 -22.55 -6.58
CA VAL A 145 -0.19 -22.75 -8.05
C VAL A 145 -0.81 -21.52 -8.72
N PRO A 146 -0.03 -20.82 -9.60
CA PRO A 146 -0.55 -19.60 -10.30
C PRO A 146 -1.92 -19.67 -11.00
N ASP A 147 -2.47 -20.89 -11.21
CA ASP A 147 -3.78 -21.17 -11.83
C ASP A 147 -4.86 -21.04 -10.78
N GLN A 148 -4.53 -21.43 -9.53
CA GLN A 148 -5.42 -21.36 -8.37
C GLN A 148 -5.32 -19.95 -7.74
N LEU A 149 -4.27 -19.20 -8.15
CA LEU A 149 -3.92 -17.83 -7.77
C LEU A 149 -4.56 -16.88 -8.81
N PHE A 150 -4.89 -17.45 -9.97
CA PHE A 150 -5.52 -16.75 -11.08
C PHE A 150 -6.93 -16.30 -10.69
N ASN A 151 -7.26 -15.04 -11.04
CA ASN A 151 -8.51 -14.33 -10.75
C ASN A 151 -8.75 -14.09 -9.25
N SER A 152 -7.65 -13.96 -8.48
CA SER A 152 -7.74 -13.74 -7.03
C SER A 152 -7.49 -12.32 -6.51
N LEU A 153 -7.95 -12.08 -5.28
CA LEU A 153 -7.77 -10.85 -4.55
C LEU A 153 -6.35 -10.81 -3.93
N THR A 154 -5.33 -10.67 -4.78
CA THR A 154 -3.94 -10.60 -4.36
C THR A 154 -3.43 -9.19 -4.65
N GLY A 155 -2.74 -8.60 -3.68
CA GLY A 155 -2.11 -7.28 -3.78
C GLY A 155 -0.68 -7.32 -4.31
N VAL A 156 -0.25 -6.26 -5.05
CA VAL A 156 1.12 -6.09 -5.58
C VAL A 156 1.64 -4.70 -5.13
N PHE A 157 2.75 -4.67 -4.35
CA PHE A 157 3.32 -3.45 -3.80
C PHE A 157 4.77 -3.45 -4.10
N ILE A 158 5.20 -2.70 -5.12
CA ILE A 158 6.61 -2.72 -5.52
C ILE A 158 7.35 -1.38 -5.31
N GLY A 159 8.59 -1.48 -4.81
CA GLY A 159 9.51 -0.38 -4.66
C GLY A 159 10.20 -0.31 -6.00
N ILE A 160 9.80 0.66 -6.83
CA ILE A 160 10.31 0.80 -8.20
C ILE A 160 10.26 2.25 -8.69
N GLY A 161 11.38 2.65 -9.27
CA GLY A 161 11.52 3.94 -9.90
C GLY A 161 11.83 3.68 -11.36
N SER A 162 11.65 4.71 -12.18
CA SER A 162 12.03 4.60 -13.57
C SER A 162 13.56 4.30 -13.71
N SER A 163 13.95 3.57 -14.75
CA SER A 163 15.36 3.28 -15.07
C SER A 163 15.76 4.12 -16.34
N ASP A 164 16.97 3.94 -16.88
CA ASP A 164 17.39 4.71 -18.04
C ASP A 164 17.15 3.95 -19.36
N TYR A 165 16.36 2.86 -19.31
CA TYR A 165 16.14 2.03 -20.49
C TYR A 165 15.57 2.78 -21.68
N LEU A 166 14.47 3.51 -21.45
CA LEU A 166 13.77 4.33 -22.43
C LEU A 166 14.72 5.38 -23.00
N ASN A 167 15.53 6.01 -22.13
CA ASN A 167 16.51 7.02 -22.56
C ASN A 167 17.64 6.41 -23.41
N GLN A 168 17.66 5.08 -23.55
CA GLN A 168 18.62 4.38 -24.40
C GLN A 168 17.95 4.01 -25.73
N LEU A 169 16.60 3.94 -25.71
CA LEU A 169 15.78 3.65 -26.88
C LEU A 169 15.62 4.94 -27.70
N ALA A 170 15.25 6.06 -27.02
CA ALA A 170 15.08 7.42 -27.59
C ALA A 170 16.32 7.90 -28.40
N THR A 171 17.50 7.34 -28.09
CA THR A 171 18.80 7.62 -28.70
C THR A 171 18.92 7.02 -30.11
N SER A 172 18.50 5.74 -30.26
CA SER A 172 18.63 4.96 -31.50
C SER A 172 17.39 4.90 -32.44
N GLU A 173 16.17 4.84 -31.86
CA GLU A 173 14.94 4.65 -32.64
C GLU A 173 13.94 5.83 -32.57
N VAL A 174 12.75 5.63 -33.19
CA VAL A 174 11.59 6.53 -33.23
C VAL A 174 10.59 5.94 -32.21
N PRO A 175 9.93 6.77 -31.36
CA PRO A 175 9.03 6.22 -30.34
C PRO A 175 7.89 5.34 -30.85
N GLN A 176 7.68 4.21 -30.15
CA GLN A 176 6.69 3.18 -30.46
C GLN A 176 5.66 3.02 -29.35
N ALA A 177 4.55 2.32 -29.67
CA ALA A 177 3.45 2.07 -28.75
C ALA A 177 3.87 1.29 -27.51
N TYR A 178 4.80 0.31 -27.65
CA TYR A 178 5.29 -0.51 -26.52
C TYR A 178 6.17 0.22 -25.52
N TRP A 179 6.84 1.33 -25.93
CA TRP A 179 7.71 2.14 -25.06
C TRP A 179 7.07 2.50 -23.74
N GLY A 180 5.76 2.81 -23.76
CA GLY A 180 4.95 3.19 -22.60
C GLY A 180 4.73 2.07 -21.59
N THR A 181 4.12 0.95 -22.05
CA THR A 181 3.93 -0.24 -21.22
C THR A 181 5.27 -0.88 -20.87
N GLY A 182 6.25 -0.72 -21.74
CA GLY A 182 7.55 -1.31 -21.48
C GLY A 182 8.39 -0.57 -20.46
N ASN A 183 8.08 0.70 -20.16
CA ASN A 183 8.93 1.49 -19.27
C ASN A 183 8.28 2.20 -18.11
N ALA A 184 6.96 2.32 -18.10
CA ALA A 184 6.30 2.95 -16.96
C ALA A 184 6.36 2.04 -15.74
N PRO A 185 6.84 2.58 -14.57
CA PRO A 185 6.76 1.80 -13.31
C PRO A 185 5.34 1.34 -12.96
N SER A 186 4.30 2.09 -13.34
CA SER A 186 2.94 1.65 -13.12
C SER A 186 2.59 0.43 -14.02
N ALA A 187 3.19 0.36 -15.22
CA ALA A 187 2.96 -0.77 -16.15
C ALA A 187 3.69 -2.00 -15.64
N ALA A 188 4.89 -1.80 -15.02
CA ALA A 188 5.72 -2.83 -14.41
C ALA A 188 4.91 -3.63 -13.41
N THR A 189 4.29 -2.94 -12.42
CA THR A 189 3.46 -3.60 -11.42
C THR A 189 2.13 -4.10 -12.01
N GLY A 190 1.60 -3.34 -12.97
CA GLY A 190 0.38 -3.67 -13.69
C GLY A 190 0.52 -5.02 -14.38
N ARG A 191 1.67 -5.25 -15.05
CA ARG A 191 1.96 -6.50 -15.75
C ARG A 191 1.99 -7.74 -14.87
N LEU A 192 2.32 -7.58 -13.60
CA LEU A 192 2.33 -8.72 -12.69
C LEU A 192 0.90 -9.19 -12.48
N SER A 193 0.00 -8.25 -12.16
CA SER A 193 -1.41 -8.49 -11.95
C SER A 193 -2.05 -9.07 -13.20
N TYR A 194 -1.58 -8.61 -14.37
CA TYR A 194 -2.06 -9.06 -15.67
C TYR A 194 -1.64 -10.49 -15.94
N ILE A 195 -0.36 -10.80 -15.74
CA ILE A 195 0.16 -12.15 -16.02
C ILE A 195 -0.35 -13.20 -15.03
N LEU A 196 -0.30 -12.91 -13.72
CA LEU A 196 -0.71 -13.84 -12.66
C LEU A 196 -2.20 -13.82 -12.36
N GLY A 197 -2.93 -12.91 -12.98
CA GLY A 197 -4.37 -12.73 -12.82
C GLY A 197 -4.76 -12.29 -11.43
N LEU A 198 -4.16 -11.20 -10.93
CA LEU A 198 -4.38 -10.70 -9.57
C LEU A 198 -5.22 -9.45 -9.60
N THR A 199 -6.30 -9.42 -8.83
CA THR A 199 -7.24 -8.30 -8.82
C THR A 199 -7.17 -7.37 -7.62
N GLY A 200 -6.27 -7.60 -6.66
CA GLY A 200 -6.23 -6.77 -5.46
C GLY A 200 -5.57 -5.42 -5.66
N PRO A 201 -5.26 -4.68 -4.57
CA PRO A 201 -4.55 -3.38 -4.74
C PRO A 201 -3.19 -3.52 -5.47
N ASN A 202 -2.81 -2.50 -6.21
CA ASN A 202 -1.57 -2.59 -6.99
C ASN A 202 -0.90 -1.21 -7.03
N LEU A 203 0.35 -1.12 -6.58
CA LEU A 203 1.06 0.15 -6.59
C LEU A 203 2.57 0.08 -6.69
N ALA A 204 3.13 1.14 -7.33
CA ALA A 204 4.57 1.36 -7.47
C ALA A 204 4.94 2.49 -6.50
N VAL A 205 5.80 2.22 -5.50
CA VAL A 205 6.23 3.26 -4.56
C VAL A 205 7.63 3.68 -4.83
N GLU A 206 7.93 4.94 -4.54
CA GLU A 206 9.26 5.52 -4.68
C GLU A 206 9.56 6.54 -3.55
N THR A 207 10.41 6.10 -2.59
CA THR A 207 10.83 6.88 -1.41
C THR A 207 12.34 6.74 -1.28
N ALA A 208 13.02 6.56 -2.43
CA ALA A 208 14.45 6.31 -2.55
C ALA A 208 14.84 5.00 -1.84
N CYS A 209 15.81 5.04 -0.91
CA CYS A 209 16.38 3.92 -0.18
C CYS A 209 15.38 3.16 0.67
N SER A 210 14.29 3.79 1.07
CA SER A 210 13.30 3.09 1.88
C SER A 210 12.18 2.39 1.06
N SER A 211 12.20 2.54 -0.28
CA SER A 211 11.16 2.05 -1.19
C SER A 211 10.66 0.63 -0.90
N SER A 212 11.60 -0.35 -0.89
CA SER A 212 11.36 -1.75 -0.60
C SER A 212 10.66 -1.93 0.73
N LEU A 213 11.10 -1.24 1.79
CA LEU A 213 10.46 -1.32 3.11
C LEU A 213 9.11 -0.60 3.22
N VAL A 214 8.87 0.44 2.40
CA VAL A 214 7.62 1.19 2.38
C VAL A 214 6.57 0.29 1.74
N SER A 215 6.95 -0.45 0.67
CA SER A 215 6.07 -1.40 0.00
C SER A 215 5.60 -2.46 1.00
N LEU A 216 6.52 -3.02 1.83
CA LEU A 216 6.20 -3.99 2.92
C LEU A 216 5.16 -3.41 3.87
N HIS A 217 5.39 -2.21 4.36
CA HIS A 217 4.45 -1.52 5.25
C HIS A 217 3.04 -1.46 4.62
N LEU A 218 2.97 -1.06 3.33
CA LEU A 218 1.72 -0.92 2.57
C LEU A 218 0.98 -2.27 2.37
N ALA A 219 1.75 -3.32 2.00
CA ALA A 219 1.26 -4.68 1.86
C ALA A 219 0.68 -5.18 3.20
N CYS A 220 1.40 -4.93 4.32
CA CYS A 220 0.95 -5.32 5.64
C CYS A 220 -0.29 -4.57 6.09
N GLN A 221 -0.40 -3.29 5.68
CA GLN A 221 -1.56 -2.44 5.88
C GLN A 221 -2.75 -3.06 5.15
N SER A 222 -2.56 -3.40 3.87
CA SER A 222 -3.60 -3.97 3.02
C SER A 222 -4.18 -5.27 3.59
N LEU A 223 -3.29 -6.18 4.04
CA LEU A 223 -3.65 -7.48 4.60
C LEU A 223 -4.45 -7.35 5.91
N ARG A 224 -4.01 -6.49 6.81
CA ARG A 224 -4.66 -6.20 8.08
C ARG A 224 -6.02 -5.55 7.86
N GLN A 225 -6.08 -4.67 6.88
CA GLN A 225 -7.33 -3.99 6.49
C GLN A 225 -8.23 -4.89 5.62
N GLN A 226 -7.81 -6.17 5.40
CA GLN A 226 -8.55 -7.16 4.60
C GLN A 226 -8.80 -6.72 3.14
N GLU A 227 -7.88 -5.95 2.49
CA GLU A 227 -8.04 -5.52 1.09
C GLU A 227 -7.55 -6.60 0.13
N CYS A 228 -6.79 -7.56 0.64
CA CYS A 228 -6.30 -8.74 -0.07
C CYS A 228 -6.05 -9.88 0.89
N ASN A 229 -5.72 -11.05 0.36
CA ASN A 229 -5.51 -12.25 1.17
C ASN A 229 -4.13 -12.79 0.95
N LEU A 230 -3.47 -12.29 -0.08
CA LEU A 230 -2.11 -12.59 -0.45
C LEU A 230 -1.52 -11.30 -1.02
N ALA A 231 -0.20 -11.11 -0.89
CA ALA A 231 0.46 -9.91 -1.37
C ALA A 231 1.86 -10.14 -1.88
N LEU A 232 2.22 -9.46 -2.96
CA LEU A 232 3.60 -9.52 -3.45
C LEU A 232 4.16 -8.19 -3.05
N ALA A 233 5.33 -8.23 -2.42
CA ALA A 233 6.03 -7.05 -1.94
C ALA A 233 7.48 -7.20 -2.31
N GLY A 234 8.05 -6.18 -2.97
CA GLY A 234 9.47 -6.18 -3.34
C GLY A 234 10.07 -4.85 -3.76
N GLY A 235 11.23 -4.93 -4.41
CA GLY A 235 11.96 -3.79 -4.96
C GLY A 235 12.89 -4.15 -6.09
N VAL A 236 13.16 -3.20 -7.00
CA VAL A 236 14.13 -3.38 -8.09
C VAL A 236 15.02 -2.18 -8.14
N ASN A 237 16.24 -2.36 -8.62
CA ASN A 237 17.19 -1.27 -8.84
C ASN A 237 18.23 -1.76 -9.83
N LEU A 238 18.40 -1.02 -10.94
CA LEU A 238 19.39 -1.40 -11.96
C LEU A 238 20.35 -0.26 -12.25
N LEU A 239 21.60 -0.56 -12.62
CA LEU A 239 22.63 0.45 -12.93
C LEU A 239 22.94 0.41 -14.43
N LEU A 240 22.00 0.96 -15.22
CA LEU A 240 22.02 0.97 -16.67
C LEU A 240 22.91 2.07 -17.31
N SER A 241 22.93 3.29 -16.73
CA SER A 241 23.76 4.38 -17.27
C SER A 241 24.73 4.95 -16.22
N PRO A 242 25.91 5.51 -16.62
CA PRO A 242 26.81 6.12 -15.62
C PRO A 242 26.28 7.43 -15.05
N GLU A 243 25.26 8.06 -15.69
CA GLU A 243 24.70 9.35 -15.29
C GLU A 243 24.39 9.48 -13.81
N THR A 244 23.70 8.49 -13.23
CA THR A 244 23.27 8.49 -11.84
C THR A 244 24.47 8.32 -10.94
N SER A 245 25.45 7.52 -11.40
CA SER A 245 26.71 7.34 -10.70
C SER A 245 27.55 8.66 -10.69
N ILE A 246 27.47 9.50 -11.77
CA ILE A 246 28.13 10.81 -11.83
C ILE A 246 27.46 11.76 -10.79
N ILE A 247 26.10 11.81 -10.78
CA ILE A 247 25.30 12.59 -9.83
C ILE A 247 25.69 12.22 -8.40
N PHE A 248 25.62 10.91 -8.03
CA PHE A 248 26.02 10.46 -6.70
C PHE A 248 27.50 10.72 -6.32
N SER A 249 28.42 10.71 -7.30
CA SER A 249 29.85 11.03 -7.07
C SER A 249 29.99 12.53 -6.81
N GLN A 250 29.30 13.34 -7.64
CA GLN A 250 29.28 14.81 -7.53
C GLN A 250 28.65 15.26 -6.23
N ALA A 251 27.70 14.49 -5.71
CA ALA A 251 27.04 14.77 -4.45
C ALA A 251 27.83 14.20 -3.29
N LYS A 252 28.99 13.59 -3.58
CA LYS A 252 29.95 13.06 -2.59
C LYS A 252 29.40 11.90 -1.72
N MET A 253 28.57 11.05 -2.32
CA MET A 253 27.93 9.95 -1.62
C MET A 253 28.70 8.66 -1.70
N LEU A 254 29.49 8.52 -2.78
CA LEU A 254 30.22 7.31 -3.13
C LEU A 254 31.63 7.22 -2.61
N SER A 255 31.95 6.07 -2.04
CA SER A 255 33.26 5.74 -1.52
C SER A 255 34.22 5.56 -2.69
N PRO A 256 35.37 6.23 -2.67
CA PRO A 256 36.38 6.02 -3.71
C PRO A 256 36.96 4.60 -3.73
N ASP A 257 36.77 3.82 -2.63
CA ASP A 257 37.20 2.40 -2.48
C ASP A 257 36.24 1.40 -3.18
N GLY A 258 35.01 1.87 -3.42
CA GLY A 258 33.95 1.09 -4.05
C GLY A 258 33.47 0.05 -3.09
N ARG A 259 33.41 0.45 -1.79
CA ARG A 259 33.07 -0.41 -0.68
C ARG A 259 32.36 0.27 0.50
N CYS A 260 31.33 -0.41 1.05
CA CYS A 260 30.55 0.02 2.22
C CYS A 260 31.29 -0.53 3.45
N LYS A 261 32.04 0.32 4.15
CA LYS A 261 32.84 -0.10 5.29
C LYS A 261 32.13 0.36 6.51
N THR A 262 30.88 -0.12 6.62
CA THR A 262 29.96 0.20 7.70
C THR A 262 30.55 -0.07 9.08
N PHE A 263 30.50 0.99 9.91
CA PHE A 263 30.99 1.06 11.28
C PHE A 263 32.51 1.23 11.44
N ASP A 264 33.26 1.10 10.32
CA ASP A 264 34.72 1.30 10.29
C ASP A 264 35.12 2.79 10.27
N ALA A 265 36.30 3.06 10.86
CA ALA A 265 36.92 4.37 10.97
C ALA A 265 37.08 5.03 9.61
N SER A 266 37.28 4.21 8.57
CA SER A 266 37.51 4.66 7.20
C SER A 266 36.26 4.80 6.30
N ALA A 267 35.04 4.74 6.87
CA ALA A 267 33.76 4.91 6.15
C ALA A 267 33.82 6.24 5.39
N ASN A 268 33.70 6.19 4.06
CA ASN A 268 33.82 7.37 3.22
C ASN A 268 32.82 7.38 2.07
N GLY A 269 31.63 6.83 2.33
CA GLY A 269 30.53 6.76 1.39
C GLY A 269 30.15 5.34 1.02
N TYR A 270 29.15 5.20 0.13
CA TYR A 270 28.66 3.88 -0.30
C TYR A 270 29.05 3.47 -1.66
N VAL A 271 28.75 2.20 -2.02
CA VAL A 271 28.94 1.58 -3.33
C VAL A 271 27.59 1.17 -3.86
N ARG A 272 27.33 1.49 -5.12
CA ARG A 272 26.06 1.26 -5.78
C ARG A 272 25.96 -0.14 -6.26
N GLY A 273 24.92 -0.79 -5.79
CA GLY A 273 24.62 -2.15 -6.16
C GLY A 273 23.28 -2.22 -6.85
N GLU A 274 23.01 -3.34 -7.47
CA GLU A 274 21.74 -3.55 -8.14
C GLU A 274 21.12 -4.88 -7.78
N GLY A 275 19.80 -4.99 -7.95
CA GLY A 275 19.14 -6.25 -7.66
C GLY A 275 17.63 -6.22 -7.57
N CYS A 276 17.06 -7.42 -7.37
CA CYS A 276 15.62 -7.64 -7.31
C CYS A 276 15.24 -8.66 -6.25
N GLY A 277 14.24 -8.34 -5.45
CA GLY A 277 13.72 -9.22 -4.41
C GLY A 277 12.22 -9.04 -4.31
N VAL A 278 11.48 -10.16 -4.22
CA VAL A 278 10.02 -10.23 -4.12
C VAL A 278 9.73 -11.26 -3.02
N ILE A 279 8.75 -10.95 -2.15
CA ILE A 279 8.34 -11.83 -1.06
C ILE A 279 6.84 -12.01 -1.15
N VAL A 280 6.33 -13.17 -0.67
CA VAL A 280 4.91 -13.54 -0.68
C VAL A 280 4.40 -13.41 0.76
N LEU A 281 3.32 -12.64 0.97
CA LEU A 281 2.77 -12.44 2.30
C LEU A 281 1.32 -12.90 2.46
N LYS A 282 0.97 -13.44 3.65
CA LYS A 282 -0.39 -13.83 4.01
C LYS A 282 -0.60 -13.35 5.45
N ARG A 283 -1.82 -13.19 5.94
CA ARG A 283 -1.98 -12.91 7.37
C ARG A 283 -1.62 -14.27 8.03
N LEU A 284 -0.90 -14.26 9.19
CA LEU A 284 -0.47 -15.48 9.86
C LEU A 284 -1.54 -16.52 10.01
N SER A 285 -2.73 -16.15 10.53
CA SER A 285 -3.83 -17.10 10.69
C SER A 285 -4.15 -17.88 9.40
N ASP A 286 -4.21 -17.19 8.25
CA ASP A 286 -4.42 -17.81 6.94
C ASP A 286 -3.25 -18.76 6.58
N ALA A 287 -2.00 -18.41 6.90
CA ALA A 287 -0.86 -19.31 6.64
C ALA A 287 -0.91 -20.52 7.56
N VAL A 288 -1.36 -20.36 8.84
CA VAL A 288 -1.47 -21.54 9.70
C VAL A 288 -2.60 -22.43 9.24
N ALA A 289 -3.74 -21.83 8.86
CA ALA A 289 -4.90 -22.58 8.37
C ALA A 289 -4.58 -23.40 7.11
N ASN A 290 -3.79 -22.83 6.19
CA ASN A 290 -3.44 -23.49 4.94
C ASN A 290 -2.18 -24.35 5.02
N GLY A 291 -1.60 -24.47 6.22
CA GLY A 291 -0.39 -25.27 6.44
C GLY A 291 0.78 -24.84 5.57
N ASP A 292 0.92 -23.53 5.40
CA ASP A 292 2.01 -22.95 4.65
C ASP A 292 3.23 -22.95 5.57
N ASN A 293 4.41 -23.02 4.98
CA ASN A 293 5.65 -22.93 5.72
C ASN A 293 5.94 -21.44 5.91
N VAL A 294 5.89 -21.01 7.15
CA VAL A 294 6.20 -19.63 7.49
C VAL A 294 7.73 -19.55 7.69
N LEU A 295 8.39 -18.73 6.84
CA LEU A 295 9.84 -18.48 6.87
C LEU A 295 10.16 -17.57 8.03
N ALA A 296 9.29 -16.59 8.32
CA ALA A 296 9.44 -15.55 9.35
C ALA A 296 8.16 -14.72 9.41
N VAL A 297 8.00 -13.89 10.43
CA VAL A 297 6.78 -13.07 10.51
C VAL A 297 7.13 -11.58 10.63
N ILE A 298 6.36 -10.71 9.98
CA ILE A 298 6.55 -9.28 10.10
C ILE A 298 5.59 -8.83 11.20
N ARG A 299 6.14 -8.37 12.30
CA ARG A 299 5.35 -7.91 13.45
C ARG A 299 4.83 -6.47 13.35
N GLY A 300 5.70 -5.53 13.02
CA GLY A 300 5.38 -4.12 12.91
C GLY A 300 6.25 -3.39 11.91
N THR A 301 5.71 -2.27 11.40
CA THR A 301 6.30 -1.39 10.38
C THR A 301 5.96 0.08 10.70
N ALA A 302 6.83 0.99 10.25
CA ALA A 302 6.66 2.44 10.40
C ALA A 302 7.46 3.11 9.33
N ILE A 303 6.93 4.24 8.90
CA ILE A 303 7.51 5.10 7.90
C ILE A 303 7.27 6.51 8.39
N ASN A 304 8.27 7.35 8.25
CA ASN A 304 8.22 8.74 8.69
C ASN A 304 9.18 9.57 7.84
N GLN A 305 9.34 10.85 8.22
CA GLN A 305 10.18 11.81 7.54
C GLN A 305 11.03 12.60 8.49
N ASP A 306 12.25 12.92 8.03
CA ASP A 306 13.26 13.73 8.71
C ASP A 306 12.76 15.15 8.98
N GLY A 307 11.85 15.65 8.15
CA GLY A 307 11.32 17.00 8.25
C GLY A 307 12.37 18.07 8.01
N ALA A 308 12.25 19.20 8.75
CA ALA A 308 13.12 20.39 8.65
C ALA A 308 14.42 20.28 9.47
N SER A 309 14.47 19.26 10.36
CA SER A 309 15.61 18.94 11.24
C SER A 309 16.79 18.47 10.42
N GLY A 310 17.66 19.42 10.09
CA GLY A 310 18.84 19.16 9.29
C GLY A 310 18.53 19.16 7.80
N GLY A 311 19.59 19.01 7.01
CA GLY A 311 19.55 19.03 5.55
C GLY A 311 18.62 18.03 4.92
N LEU A 312 18.25 18.30 3.67
CA LEU A 312 17.36 17.46 2.89
C LEU A 312 18.02 16.11 2.62
N THR A 313 19.35 16.12 2.41
CA THR A 313 20.15 14.94 2.08
C THR A 313 21.02 14.46 3.25
N VAL A 314 20.82 15.03 4.43
CA VAL A 314 21.58 14.66 5.64
C VAL A 314 20.66 13.83 6.55
N PRO A 315 21.14 12.69 7.10
CA PRO A 315 20.31 11.91 8.02
C PRO A 315 19.97 12.66 9.31
N ASN A 316 19.03 12.13 10.08
CA ASN A 316 18.59 12.72 11.34
C ASN A 316 18.28 11.62 12.37
N GLY A 317 19.08 11.60 13.43
CA GLY A 317 18.99 10.69 14.56
C GLY A 317 17.64 10.70 15.25
N PRO A 318 17.04 11.86 15.61
CA PRO A 318 15.71 11.81 16.25
C PRO A 318 14.61 11.24 15.35
N SER A 319 14.76 11.37 14.04
CA SER A 319 13.83 10.85 13.04
C SER A 319 13.89 9.34 13.03
N GLN A 320 15.13 8.80 13.10
CA GLN A 320 15.43 7.37 13.12
C GLN A 320 14.95 6.70 14.39
N VAL A 321 15.04 7.42 15.50
CA VAL A 321 14.61 6.93 16.81
C VAL A 321 13.09 6.79 16.79
N ALA A 322 12.37 7.83 16.32
CA ALA A 322 10.90 7.85 16.22
C ALA A 322 10.36 6.70 15.34
N VAL A 323 11.05 6.40 14.19
CA VAL A 323 10.63 5.37 13.26
C VAL A 323 10.82 3.94 13.78
N ILE A 324 11.93 3.70 14.53
CA ILE A 324 12.17 2.38 15.13
C ILE A 324 11.14 2.16 16.24
N ARG A 325 10.96 3.19 17.09
CA ARG A 325 10.02 3.14 18.21
C ARG A 325 8.56 2.95 17.76
N LYS A 326 8.16 3.62 16.66
CA LYS A 326 6.81 3.51 16.11
C LYS A 326 6.57 2.11 15.56
N ALA A 327 7.57 1.53 14.87
CA ALA A 327 7.50 0.19 14.31
C ALA A 327 7.37 -0.83 15.43
N LEU A 328 8.20 -0.70 16.49
CA LEU A 328 8.10 -1.55 17.69
C LEU A 328 6.73 -1.45 18.33
N SER A 329 6.16 -0.24 18.35
CA SER A 329 4.84 0.07 18.88
C SER A 329 3.73 -0.56 18.04
N ASN A 330 3.90 -0.51 16.70
CA ASN A 330 2.94 -1.03 15.72
C ASN A 330 2.73 -2.56 15.85
N GLY A 331 3.76 -3.29 16.26
CA GLY A 331 3.64 -4.74 16.41
C GLY A 331 3.61 -5.20 17.86
N GLY A 332 3.55 -4.26 18.80
CA GLY A 332 3.58 -4.60 20.21
C GLY A 332 4.85 -5.30 20.67
N VAL A 333 6.01 -4.93 20.07
CA VAL A 333 7.31 -5.48 20.46
C VAL A 333 8.00 -4.50 21.43
N ASP A 334 8.52 -5.07 22.53
CA ASP A 334 9.28 -4.39 23.55
C ASP A 334 10.74 -4.28 23.01
N PRO A 335 11.45 -3.13 23.20
CA PRO A 335 12.85 -3.03 22.72
C PRO A 335 13.77 -4.12 23.24
N ALA A 336 13.51 -4.58 24.49
CA ALA A 336 14.26 -5.66 25.15
C ALA A 336 14.22 -6.95 24.34
N SER A 337 13.09 -7.22 23.63
CA SER A 337 12.89 -8.42 22.80
C SER A 337 13.79 -8.49 21.57
N VAL A 338 14.40 -7.35 21.15
CA VAL A 338 15.18 -7.28 19.94
C VAL A 338 16.60 -7.69 20.12
N SER A 339 17.12 -8.62 19.29
CA SER A 339 18.50 -9.05 19.43
C SER A 339 19.41 -8.59 18.30
N TYR A 340 18.82 -8.30 17.15
CA TYR A 340 19.59 -7.95 15.98
C TYR A 340 19.02 -6.79 15.20
N ILE A 341 19.91 -6.00 14.59
CA ILE A 341 19.55 -4.94 13.66
C ILE A 341 20.36 -5.01 12.40
N GLU A 342 19.65 -5.06 11.29
CA GLU A 342 20.22 -4.99 9.97
C GLU A 342 20.04 -3.51 9.67
N ALA A 343 21.11 -2.77 9.93
CA ALA A 343 21.21 -1.32 9.84
C ALA A 343 21.13 -0.83 8.41
N HIS A 344 20.78 0.47 8.25
CA HIS A 344 20.80 1.14 6.96
C HIS A 344 22.26 1.10 6.52
N GLY A 345 23.16 1.31 7.49
CA GLY A 345 24.61 1.21 7.39
C GLY A 345 25.22 1.31 6.02
N THR A 346 25.09 2.47 5.40
CA THR A 346 25.60 2.81 4.07
C THR A 346 27.10 3.03 4.04
N GLY A 347 27.69 3.21 5.22
CA GLY A 347 29.11 3.45 5.35
C GLY A 347 29.54 4.85 4.96
N THR A 348 28.75 5.87 5.32
CA THR A 348 29.12 7.25 5.10
C THR A 348 29.70 7.73 6.43
N SER A 349 30.57 8.76 6.36
CA SER A 349 31.28 9.34 7.49
C SER A 349 30.37 9.85 8.62
N LEU A 350 29.27 10.53 8.28
CA LEU A 350 28.35 11.07 9.28
C LEU A 350 27.16 10.15 9.53
N GLY A 351 26.81 9.31 8.55
CA GLY A 351 25.73 8.33 8.69
C GLY A 351 25.96 7.30 9.78
N ASP A 352 27.09 6.57 9.74
CA ASP A 352 27.41 5.54 10.75
C ASP A 352 27.22 6.05 12.20
N PRO A 353 27.81 7.20 12.60
CA PRO A 353 27.55 7.70 13.97
C PRO A 353 26.09 8.05 14.27
N ILE A 354 25.35 8.63 13.30
CA ILE A 354 23.95 8.98 13.51
C ILE A 354 23.08 7.73 13.75
N GLU A 355 23.32 6.67 12.93
CA GLU A 355 22.59 5.42 13.04
C GLU A 355 22.86 4.71 14.36
N VAL A 356 24.13 4.48 14.69
CA VAL A 356 24.47 3.78 15.92
C VAL A 356 24.01 4.55 17.16
N GLY A 357 24.09 5.88 17.09
CA GLY A 357 23.59 6.77 18.13
C GLY A 357 22.10 6.62 18.29
N ALA A 358 21.36 6.55 17.17
CA ALA A 358 19.90 6.35 17.18
C ALA A 358 19.54 4.96 17.73
N ILE A 359 20.36 3.95 17.42
CA ILE A 359 20.13 2.59 17.94
C ILE A 359 20.37 2.62 19.44
N GLY A 360 21.47 3.27 19.86
CA GLY A 360 21.86 3.44 21.25
C GLY A 360 20.77 4.13 22.06
N THR A 361 20.06 5.10 21.44
CA THR A 361 18.98 5.84 22.09
C THR A 361 17.78 4.92 22.39
N VAL A 362 17.38 4.08 21.40
CA VAL A 362 16.24 3.15 21.48
C VAL A 362 16.49 1.96 22.44
N PHE A 363 17.64 1.29 22.28
CA PHE A 363 17.99 0.06 23.00
C PHE A 363 18.92 0.20 24.22
N GLY A 364 19.24 1.43 24.62
CA GLY A 364 20.17 1.72 25.69
C GLY A 364 19.79 1.28 27.08
N LYS A 365 18.49 1.41 27.43
CA LYS A 365 17.97 1.02 28.73
C LYS A 365 17.62 -0.48 28.81
N THR A 366 17.50 -1.14 27.65
CA THR A 366 17.11 -2.56 27.55
C THR A 366 18.26 -3.48 27.33
N HIS A 367 19.37 -2.95 26.80
CA HIS A 367 20.57 -3.71 26.44
C HIS A 367 21.77 -3.20 27.23
N SER A 368 22.74 -4.09 27.45
CA SER A 368 23.92 -3.84 28.25
C SER A 368 25.15 -4.07 27.37
N GLN A 369 26.35 -3.77 27.87
CA GLN A 369 27.58 -4.02 27.13
C GLN A 369 27.96 -5.52 27.20
N GLU A 370 27.45 -6.25 28.21
CA GLU A 370 27.74 -7.69 28.40
C GLU A 370 26.76 -8.51 27.53
N GLN A 371 25.53 -7.99 27.39
CA GLN A 371 24.45 -8.55 26.57
C GLN A 371 24.10 -7.47 25.50
N PRO A 372 24.95 -7.27 24.47
CA PRO A 372 24.66 -6.20 23.52
C PRO A 372 23.69 -6.58 22.39
N LEU A 373 23.22 -5.56 21.69
CA LEU A 373 22.44 -5.70 20.48
C LEU A 373 23.50 -5.91 19.36
N ILE A 374 23.24 -6.82 18.40
CA ILE A 374 24.13 -7.12 17.28
C ILE A 374 23.67 -6.35 16.07
N VAL A 375 24.60 -5.68 15.38
CA VAL A 375 24.28 -4.94 14.16
C VAL A 375 25.13 -5.41 13.01
N GLY A 376 24.67 -5.18 11.79
CA GLY A 376 25.36 -5.53 10.56
C GLY A 376 24.53 -5.16 9.35
N THR A 377 25.06 -5.42 8.13
CA THR A 377 24.36 -5.10 6.89
C THR A 377 24.81 -5.90 5.68
N ALA A 378 23.85 -6.26 4.79
CA ALA A 378 24.13 -6.98 3.52
C ALA A 378 24.93 -6.07 2.59
N LYS A 379 24.85 -4.76 2.83
CA LYS A 379 25.54 -3.70 2.11
C LYS A 379 27.05 -3.91 2.04
N THR A 380 27.64 -4.55 3.08
CA THR A 380 29.08 -4.85 3.12
C THR A 380 29.43 -6.02 2.19
N ASN A 381 28.42 -6.69 1.59
CA ASN A 381 28.63 -7.83 0.69
C ASN A 381 28.27 -7.50 -0.76
N ILE A 382 27.07 -6.92 -0.98
CA ILE A 382 26.45 -6.65 -2.28
C ILE A 382 26.30 -5.16 -2.65
N GLY A 383 26.68 -4.27 -1.73
CA GLY A 383 26.53 -2.83 -1.91
C GLY A 383 25.16 -2.30 -1.50
N HIS A 384 24.93 -1.02 -1.87
CA HIS A 384 23.70 -0.32 -1.58
C HIS A 384 22.85 -0.39 -2.84
N LEU A 385 21.75 -1.20 -2.77
CA LEU A 385 20.81 -1.48 -3.84
C LEU A 385 19.73 -0.44 -3.89
N GLU A 386 19.90 0.66 -3.14
CA GLU A 386 19.01 1.80 -3.09
C GLU A 386 17.54 1.39 -3.01
N VAL A 387 16.81 1.52 -4.12
CA VAL A 387 15.38 1.18 -4.17
C VAL A 387 15.10 -0.27 -3.66
N ALA A 388 16.03 -1.19 -3.92
CA ALA A 388 15.95 -2.59 -3.53
C ALA A 388 16.73 -2.92 -2.23
N ALA A 389 17.41 -1.93 -1.62
CA ALA A 389 18.04 -2.15 -0.32
C ALA A 389 16.84 -2.28 0.64
N GLY A 390 16.91 -3.10 1.65
CA GLY A 390 15.70 -3.20 2.45
C GLY A 390 15.04 -4.51 2.12
N ILE A 391 14.78 -4.77 0.81
CA ILE A 391 14.33 -6.10 0.44
C ILE A 391 15.50 -7.08 0.65
N ALA A 392 16.73 -6.67 0.26
CA ALA A 392 17.96 -7.43 0.48
C ALA A 392 18.27 -7.60 1.99
N GLY A 393 17.98 -6.53 2.77
CA GLY A 393 18.15 -6.50 4.21
C GLY A 393 17.19 -7.44 4.88
N LEU A 394 15.90 -7.36 4.50
CA LEU A 394 14.84 -8.21 5.00
C LEU A 394 15.13 -9.67 4.74
N MET A 395 15.56 -9.99 3.52
CA MET A 395 15.88 -11.34 3.07
C MET A 395 17.02 -11.90 3.89
N LYS A 396 18.10 -11.11 4.11
CA LYS A 396 19.26 -11.47 4.96
C LYS A 396 18.75 -11.84 6.38
N VAL A 397 17.95 -10.96 6.98
CA VAL A 397 17.38 -11.21 8.31
C VAL A 397 16.53 -12.51 8.35
N VAL A 398 15.73 -12.74 7.29
CA VAL A 398 14.87 -13.92 7.19
C VAL A 398 15.69 -15.20 7.17
N LEU A 399 16.77 -15.23 6.35
CA LEU A 399 17.71 -16.34 6.25
C LEU A 399 18.43 -16.59 7.63
N GLN A 400 18.93 -15.50 8.26
CA GLN A 400 19.51 -15.52 9.60
C GLN A 400 18.56 -16.19 10.62
N LEU A 401 17.25 -15.84 10.55
CA LEU A 401 16.21 -16.44 11.38
C LEU A 401 15.99 -17.92 11.02
N GLN A 402 16.09 -18.28 9.75
CA GLN A 402 15.88 -19.65 9.28
C GLN A 402 17.02 -20.50 9.76
N HIS A 403 18.25 -20.00 9.59
CA HIS A 403 19.45 -20.74 9.94
C HIS A 403 19.90 -20.61 11.38
N GLN A 404 19.26 -19.73 12.17
CA GLN A 404 19.60 -19.50 13.59
C GLN A 404 21.05 -19.13 13.81
N GLN A 405 21.61 -18.39 12.83
CA GLN A 405 22.98 -17.89 12.76
C GLN A 405 22.93 -16.42 12.35
N ILE A 406 23.90 -15.62 12.81
CA ILE A 406 24.07 -14.22 12.42
C ILE A 406 25.31 -14.17 11.55
N ALA A 407 25.16 -13.82 10.25
CA ALA A 407 26.23 -13.75 9.25
C ALA A 407 27.21 -12.61 9.55
N PRO A 408 28.50 -12.71 9.13
CA PRO A 408 29.44 -11.61 9.42
C PRO A 408 29.24 -10.36 8.58
N SER A 409 29.46 -9.18 9.16
CA SER A 409 29.46 -7.91 8.40
C SER A 409 30.92 -7.70 7.97
N LEU A 410 31.14 -7.40 6.68
CA LEU A 410 32.49 -7.20 6.14
C LEU A 410 33.09 -5.79 6.37
N HIS A 411 34.40 -5.66 6.14
CA HIS A 411 35.15 -4.41 6.22
C HIS A 411 35.27 -3.73 7.61
N PHE A 412 34.92 -4.43 8.70
CA PHE A 412 35.00 -3.80 10.02
C PHE A 412 36.32 -4.10 10.66
N LYS A 413 37.30 -3.20 10.45
CA LYS A 413 38.64 -3.34 10.98
C LYS A 413 38.89 -2.41 12.20
N GLN A 414 38.81 -1.11 11.97
CA GLN A 414 39.00 -0.17 13.04
C GLN A 414 37.63 0.34 13.48
N PRO A 415 37.16 0.03 14.70
CA PRO A 415 35.88 0.59 15.13
C PRO A 415 35.94 2.11 15.07
N ASN A 416 34.90 2.74 14.54
CA ASN A 416 34.84 4.19 14.40
C ASN A 416 34.95 4.97 15.74
N PRO A 417 36.03 5.79 15.87
CA PRO A 417 36.21 6.61 17.09
C PRO A 417 35.12 7.67 17.30
N TYR A 418 34.38 8.01 16.22
CA TYR A 418 33.29 8.99 16.30
C TYR A 418 32.05 8.43 16.90
N ILE A 419 32.01 7.07 17.07
CA ILE A 419 30.94 6.34 17.74
C ILE A 419 31.42 6.01 19.17
N ASN A 420 30.62 6.40 20.17
CA ASN A 420 30.97 6.10 21.56
C ASN A 420 30.61 4.64 21.90
N TRP A 421 31.44 3.69 21.42
CA TRP A 421 31.24 2.26 21.58
C TRP A 421 31.02 1.83 23.01
N SER A 422 31.77 2.43 23.93
CA SER A 422 31.74 2.17 25.38
C SER A 422 30.46 2.65 26.10
N GLN A 423 29.60 3.44 25.44
CA GLN A 423 28.36 3.89 26.06
C GLN A 423 27.14 3.44 25.28
N LEU A 424 27.36 2.69 24.18
CA LEU A 424 26.29 2.14 23.36
C LEU A 424 26.37 0.60 23.40
N PRO A 425 25.29 -0.09 23.87
CA PRO A 425 25.33 -1.57 23.96
C PRO A 425 25.16 -2.25 22.57
N VAL A 426 26.00 -1.85 21.60
CA VAL A 426 25.95 -2.30 20.22
C VAL A 426 27.20 -3.10 19.88
N GLN A 427 27.06 -4.17 19.09
CA GLN A 427 28.17 -5.01 18.68
C GLN A 427 28.08 -5.34 17.19
N VAL A 428 29.17 -5.19 16.44
CA VAL A 428 29.18 -5.48 15.01
C VAL A 428 29.48 -6.96 14.79
N SER A 429 28.58 -7.66 14.07
CA SER A 429 28.77 -9.06 13.73
C SER A 429 29.97 -9.12 12.79
N THR A 430 31.05 -9.78 13.20
CA THR A 430 32.29 -9.89 12.41
C THR A 430 32.54 -11.33 12.01
N GLN A 431 31.82 -12.27 12.64
CA GLN A 431 31.94 -13.70 12.37
C GLN A 431 30.57 -14.35 12.30
N LEU A 432 30.45 -15.44 11.51
CA LEU A 432 29.22 -16.23 11.43
C LEU A 432 29.14 -16.90 12.80
N THR A 433 28.06 -16.62 13.53
CA THR A 433 27.91 -17.07 14.91
C THR A 433 26.52 -17.65 15.16
N PRO A 434 26.32 -18.61 16.10
CA PRO A 434 24.96 -19.07 16.38
C PRO A 434 24.19 -17.87 16.90
N TRP A 435 22.96 -17.67 16.42
CA TRP A 435 22.15 -16.55 16.91
C TRP A 435 21.60 -17.01 18.26
N GLN A 436 22.34 -16.78 19.35
CA GLN A 436 21.84 -17.27 20.64
C GLN A 436 20.71 -16.49 21.24
N THR A 437 19.95 -17.16 22.09
CA THR A 437 18.82 -16.61 22.84
C THR A 437 18.62 -17.45 24.10
N ASN A 438 17.80 -16.93 25.02
CA ASN A 438 17.46 -17.73 26.18
C ASN A 438 15.97 -18.08 26.12
N GLY A 439 15.67 -19.04 25.24
CA GLY A 439 14.32 -19.55 24.96
C GLY A 439 13.48 -18.57 24.17
N LYS A 440 13.67 -17.26 24.52
CA LYS A 440 13.07 -16.05 23.96
C LYS A 440 13.10 -16.14 22.42
N SER A 441 11.94 -15.87 21.76
CA SER A 441 11.81 -15.88 20.31
C SER A 441 12.71 -14.82 19.69
N ARG A 442 13.44 -15.18 18.62
CA ARG A 442 14.35 -14.30 17.91
C ARG A 442 13.58 -13.18 17.19
N ILE A 443 13.86 -11.92 17.53
CA ILE A 443 13.26 -10.73 16.91
C ILE A 443 14.38 -9.85 16.36
N ALA A 444 14.17 -9.25 15.18
CA ALA A 444 15.15 -8.39 14.53
C ALA A 444 14.46 -7.20 13.92
N GLY A 445 15.24 -6.16 13.65
CA GLY A 445 14.77 -4.96 12.98
C GLY A 445 15.57 -4.77 11.70
N VAL A 446 14.92 -4.16 10.70
CA VAL A 446 15.52 -3.78 9.42
C VAL A 446 15.16 -2.35 9.23
N SER A 447 16.21 -1.55 8.98
CA SER A 447 16.18 -0.13 8.77
C SER A 447 16.57 0.21 7.34
N SER A 448 15.90 1.22 6.81
CA SER A 448 16.16 1.87 5.52
C SER A 448 15.80 3.32 5.63
N PHE A 449 16.82 4.17 5.51
CA PHE A 449 16.75 5.62 5.65
C PHE A 449 17.01 6.28 4.30
N GLY A 450 15.93 6.73 3.67
CA GLY A 450 15.94 7.33 2.35
C GLY A 450 16.72 8.62 2.30
N PHE A 451 17.49 8.81 1.23
CA PHE A 451 18.35 9.97 0.99
C PHE A 451 17.63 11.31 1.13
N SER A 452 16.36 11.40 0.63
CA SER A 452 15.53 12.60 0.76
C SER A 452 14.70 12.66 2.10
N GLY A 453 15.18 11.92 3.10
CA GLY A 453 14.67 11.91 4.47
C GLY A 453 13.50 11.02 4.81
N THR A 454 13.08 10.14 3.88
CA THR A 454 11.95 9.24 4.12
C THR A 454 12.46 7.98 4.71
N ASN A 455 12.34 7.89 6.01
CA ASN A 455 12.79 6.76 6.83
C ASN A 455 11.74 5.65 6.98
N ALA A 456 12.22 4.42 7.04
CA ALA A 456 11.40 3.22 7.25
C ALA A 456 12.08 2.18 8.13
N HIS A 457 11.31 1.49 8.97
CA HIS A 457 11.82 0.43 9.85
C HIS A 457 10.81 -0.70 9.94
N VAL A 458 11.29 -1.97 9.93
CA VAL A 458 10.47 -3.19 9.96
C VAL A 458 10.95 -4.16 11.03
N VAL A 459 10.04 -4.69 11.87
CA VAL A 459 10.40 -5.71 12.85
C VAL A 459 9.91 -7.12 12.41
N ILE A 460 10.86 -8.08 12.29
CA ILE A 460 10.63 -9.45 11.86
C ILE A 460 10.93 -10.41 13.00
N GLU A 461 9.99 -11.28 13.33
CA GLU A 461 10.16 -12.32 14.33
C GLU A 461 10.35 -13.68 13.67
N GLU A 462 10.92 -14.62 14.43
CA GLU A 462 11.12 -16.01 14.05
C GLU A 462 9.73 -16.65 13.91
N ALA A 463 9.56 -17.53 12.92
CA ALA A 463 8.31 -18.26 12.66
C ALA A 463 7.89 -19.07 13.93
N PRO A 464 6.55 -19.25 14.16
CA PRO A 464 6.10 -19.96 15.37
C PRO A 464 6.51 -21.43 15.48
N LYS A 465 6.48 -21.95 16.74
CA LYS A 465 6.85 -23.32 17.17
C LYS A 465 8.37 -23.52 17.02
N GLU A 488 0.22 -48.05 4.22
CA GLU A 488 0.42 -46.88 3.36
C GLU A 488 1.17 -47.21 2.05
N ARG A 489 0.88 -46.44 0.97
CA ARG A 489 1.44 -46.64 -0.38
C ARG A 489 2.94 -46.40 -0.53
N ALA A 490 3.65 -47.47 -0.90
CA ALA A 490 5.10 -47.46 -1.11
C ALA A 490 5.53 -47.42 -2.59
N VAL A 491 4.58 -47.10 -3.50
CA VAL A 491 4.85 -46.89 -4.95
C VAL A 491 4.40 -45.44 -5.26
N TYR A 492 5.30 -44.65 -5.89
CA TYR A 492 5.07 -43.22 -6.12
C TYR A 492 5.04 -42.80 -7.57
N LEU A 493 4.23 -41.76 -7.88
CA LEU A 493 4.17 -41.19 -9.22
C LEU A 493 4.56 -39.70 -9.24
N LEU A 494 5.67 -39.37 -9.95
CA LEU A 494 6.18 -38.00 -10.08
C LEU A 494 5.83 -37.40 -11.43
N THR A 495 5.26 -36.19 -11.42
CA THR A 495 4.98 -35.48 -12.68
C THR A 495 5.81 -34.21 -12.77
N LEU A 496 6.40 -33.97 -13.95
CA LEU A 496 7.19 -32.77 -14.29
C LEU A 496 6.63 -32.22 -15.56
N SER A 497 6.79 -30.91 -15.82
CA SER A 497 6.27 -30.23 -17.02
C SER A 497 6.82 -28.86 -17.15
N ALA A 498 7.06 -28.45 -18.36
CA ALA A 498 7.56 -27.14 -18.69
C ALA A 498 6.92 -26.67 -20.04
N LYS A 499 7.13 -25.44 -20.43
CA LYS A 499 6.46 -24.95 -21.62
C LYS A 499 7.16 -25.32 -22.91
N THR A 500 8.28 -26.02 -22.81
CA THR A 500 9.16 -26.34 -23.92
C THR A 500 9.95 -27.61 -23.61
N GLN A 501 10.38 -28.32 -24.67
CA GLN A 501 11.18 -29.53 -24.51
C GLN A 501 12.51 -29.18 -23.82
N ALA A 502 13.21 -28.12 -24.30
CA ALA A 502 14.47 -27.62 -23.69
C ALA A 502 14.27 -27.32 -22.19
N ALA A 503 13.17 -26.66 -21.84
CA ALA A 503 12.77 -26.31 -20.47
C ALA A 503 12.49 -27.57 -19.67
N LEU A 504 11.84 -28.59 -20.25
CA LEU A 504 11.62 -29.84 -19.53
C LEU A 504 12.95 -30.61 -19.34
N ASP A 505 13.83 -30.57 -20.35
CA ASP A 505 15.17 -31.18 -20.25
C ASP A 505 15.96 -30.54 -19.08
N ASP A 506 15.94 -29.19 -18.98
CA ASP A 506 16.59 -28.42 -17.90
C ASP A 506 15.94 -28.74 -16.56
N LEU A 507 14.60 -28.89 -16.54
CA LEU A 507 13.84 -29.26 -15.34
C LEU A 507 14.25 -30.64 -14.84
N VAL A 508 14.31 -31.63 -15.74
CA VAL A 508 14.77 -32.97 -15.34
C VAL A 508 16.19 -32.90 -14.70
N ASN A 509 17.08 -32.08 -15.29
CA ASN A 509 18.41 -31.89 -14.72
C ASN A 509 18.36 -31.32 -13.30
N SER A 510 17.54 -30.26 -13.07
CA SER A 510 17.36 -29.64 -11.76
C SER A 510 17.08 -30.69 -10.71
N TYR A 511 16.13 -31.62 -11.03
CA TYR A 511 15.71 -32.71 -10.18
C TYR A 511 16.82 -33.68 -9.85
N GLN A 512 17.67 -34.00 -10.84
CA GLN A 512 18.80 -34.91 -10.59
C GLN A 512 19.77 -34.31 -9.59
N ASN A 513 20.09 -32.97 -9.69
CA ASN A 513 20.95 -32.29 -8.71
C ASN A 513 20.23 -32.14 -7.41
N TYR A 514 18.93 -31.91 -7.46
CA TYR A 514 18.10 -31.72 -6.27
C TYR A 514 18.02 -32.98 -5.43
N LEU A 515 17.89 -34.13 -6.10
CA LEU A 515 17.78 -35.43 -5.45
C LEU A 515 19.15 -35.87 -4.91
N LYS A 516 20.24 -35.45 -5.58
CA LYS A 516 21.58 -35.80 -5.11
C LYS A 516 21.98 -34.97 -3.90
N ASN A 517 21.54 -33.70 -3.83
CA ASN A 517 21.87 -32.79 -2.75
C ASN A 517 21.00 -32.92 -1.52
N TYR A 518 19.71 -33.22 -1.69
CA TYR A 518 18.78 -33.33 -0.57
C TYR A 518 18.28 -34.78 -0.46
N PRO A 519 19.12 -35.75 -0.01
CA PRO A 519 18.63 -37.14 0.06
C PRO A 519 17.74 -37.43 1.26
N GLU A 520 17.73 -36.52 2.22
CA GLU A 520 16.93 -36.60 3.44
C GLU A 520 15.39 -36.39 3.21
N LEU A 521 15.01 -35.87 2.01
CA LEU A 521 13.61 -35.61 1.69
C LEU A 521 12.95 -36.84 1.14
N ARG A 522 11.71 -37.09 1.59
CA ARG A 522 10.90 -38.25 1.22
C ARG A 522 10.33 -38.13 -0.20
N ILE A 523 10.50 -39.20 -1.00
CA ILE A 523 9.96 -39.26 -2.36
C ILE A 523 8.45 -39.01 -2.33
N ALA A 524 7.74 -39.46 -1.26
CA ALA A 524 6.30 -39.21 -1.09
C ALA A 524 6.03 -37.72 -1.07
N ASP A 525 6.85 -36.98 -0.30
CA ASP A 525 6.70 -35.55 -0.11
C ASP A 525 7.06 -34.72 -1.34
N ILE A 526 8.17 -35.08 -2.00
CA ILE A 526 8.64 -34.45 -3.24
C ILE A 526 7.55 -34.61 -4.31
N CYS A 527 7.05 -35.83 -4.48
CA CYS A 527 6.03 -36.14 -5.48
C CYS A 527 4.75 -35.39 -5.27
N TYR A 528 4.24 -35.41 -4.05
CA TYR A 528 3.03 -34.72 -3.65
C TYR A 528 3.13 -33.22 -3.99
N THR A 529 4.28 -32.58 -3.63
CA THR A 529 4.53 -31.16 -3.87
C THR A 529 4.54 -30.85 -5.36
N ALA A 530 5.26 -31.64 -6.16
CA ALA A 530 5.33 -31.41 -7.61
C ALA A 530 3.97 -31.57 -8.32
N ASN A 531 3.14 -32.51 -7.85
CA ASN A 531 1.88 -32.79 -8.52
C ASN A 531 0.84 -31.78 -8.14
N THR A 532 0.84 -31.36 -6.85
CA THR A 532 -0.18 -30.44 -6.30
C THR A 532 0.20 -28.97 -6.32
N CYS A 533 1.51 -28.63 -6.09
CA CYS A 533 2.04 -27.27 -6.00
C CYS A 533 2.79 -26.76 -7.23
N ARG A 534 2.69 -27.45 -8.35
CA ARG A 534 3.36 -26.99 -9.57
C ARG A 534 2.40 -27.01 -10.74
N SER A 535 2.61 -26.09 -11.69
CA SER A 535 1.77 -25.95 -12.89
C SER A 535 1.93 -27.13 -13.80
N HIS A 536 0.84 -27.53 -14.45
CA HIS A 536 0.86 -28.64 -15.38
C HIS A 536 0.84 -28.07 -16.78
N PHE A 537 2.04 -28.04 -17.39
CA PHE A 537 2.31 -27.50 -18.71
C PHE A 537 2.22 -28.55 -19.82
N ASN A 538 2.41 -28.12 -21.07
CA ASN A 538 2.24 -28.99 -22.24
C ASN A 538 3.37 -29.99 -22.53
N ASN A 539 4.60 -29.75 -22.03
CA ASN A 539 5.74 -30.64 -22.27
C ASN A 539 5.91 -31.39 -20.98
N ARG A 540 5.27 -32.56 -20.88
CA ARG A 540 5.23 -33.31 -19.62
C ARG A 540 5.93 -34.64 -19.59
N LEU A 541 6.24 -35.09 -18.37
CA LEU A 541 6.89 -36.34 -18.06
C LEU A 541 6.26 -36.92 -16.78
N ALA A 542 5.96 -38.22 -16.79
CA ALA A 542 5.42 -38.98 -15.63
C ALA A 542 6.36 -40.15 -15.33
N VAL A 543 6.77 -40.27 -14.05
CA VAL A 543 7.71 -41.32 -13.61
C VAL A 543 7.11 -42.05 -12.44
N VAL A 544 7.06 -43.40 -12.54
CA VAL A 544 6.60 -44.29 -11.46
C VAL A 544 7.84 -44.87 -10.77
N ALA A 545 7.93 -44.68 -9.46
CA ALA A 545 9.08 -45.18 -8.71
C ALA A 545 8.65 -45.49 -7.29
N SER A 546 9.38 -46.42 -6.65
CA SER A 546 9.10 -46.88 -5.29
C SER A 546 10.10 -46.35 -4.24
N ASN A 547 11.30 -45.92 -4.68
CA ASN A 547 12.35 -45.37 -3.82
C ASN A 547 13.10 -44.26 -4.54
N GLN A 548 13.83 -43.41 -3.79
CA GLN A 548 14.62 -42.31 -4.35
C GLN A 548 15.64 -42.75 -5.38
N GLN A 549 16.40 -43.83 -5.11
CA GLN A 549 17.42 -44.37 -6.01
C GLN A 549 16.84 -44.78 -7.36
N GLU A 550 15.66 -45.45 -7.34
CA GLU A 550 14.95 -45.91 -8.56
C GLU A 550 14.52 -44.70 -9.38
N LEU A 551 14.02 -43.66 -8.69
CA LEU A 551 13.61 -42.40 -9.31
C LEU A 551 14.82 -41.79 -10.00
N VAL A 552 15.98 -41.69 -9.30
CA VAL A 552 17.23 -41.15 -9.83
C VAL A 552 17.68 -41.89 -11.11
N GLU A 553 17.62 -43.24 -11.08
CA GLU A 553 17.99 -44.10 -12.21
C GLU A 553 17.13 -43.84 -13.41
N LYS A 554 15.79 -43.86 -13.24
CA LYS A 554 14.79 -43.61 -14.30
C LYS A 554 14.96 -42.22 -14.92
N LEU A 555 15.30 -41.20 -14.10
CA LEU A 555 15.57 -39.86 -14.66
C LEU A 555 16.78 -39.89 -15.54
N ARG A 556 17.83 -40.63 -15.14
CA ARG A 556 19.04 -40.78 -15.93
C ARG A 556 18.73 -41.55 -17.23
N GLN A 557 17.97 -42.67 -17.10
CA GLN A 557 17.54 -43.51 -18.22
C GLN A 557 16.81 -42.69 -19.28
N HIS A 558 15.85 -41.85 -18.83
CA HIS A 558 15.09 -40.96 -19.71
C HIS A 558 15.98 -39.94 -20.44
N GLN A 559 16.94 -39.34 -19.71
CA GLN A 559 17.92 -38.38 -20.24
C GLN A 559 18.77 -39.02 -21.34
N GLN A 560 19.23 -40.27 -21.13
CA GLN A 560 20.03 -41.01 -22.10
C GLN A 560 19.16 -41.53 -23.26
N GLY A 561 17.85 -41.61 -23.02
CA GLY A 561 16.87 -42.05 -24.00
C GLY A 561 16.57 -43.52 -23.96
N GLU A 562 16.94 -44.18 -22.84
CA GLU A 562 16.78 -45.62 -22.61
C GLU A 562 15.31 -45.97 -22.25
N GLU A 563 14.43 -46.09 -23.28
CA GLU A 563 12.99 -46.41 -23.19
C GLU A 563 12.69 -47.50 -22.13
N VAL A 564 12.32 -47.08 -20.90
CA VAL A 564 12.05 -47.96 -19.77
C VAL A 564 10.65 -47.84 -19.18
N THR A 565 10.09 -48.98 -18.76
CA THR A 565 8.78 -49.12 -18.12
C THR A 565 8.65 -48.20 -16.90
N GLY A 566 7.51 -47.53 -16.81
CA GLY A 566 7.23 -46.62 -15.69
C GLY A 566 7.63 -45.19 -15.95
N ILE A 567 8.00 -44.87 -17.20
CA ILE A 567 8.37 -43.52 -17.58
C ILE A 567 7.79 -43.13 -18.90
N TYR A 568 6.88 -42.14 -18.85
CA TYR A 568 6.10 -41.60 -19.97
C TYR A 568 6.37 -40.12 -20.19
N SER A 569 6.47 -39.71 -21.46
CA SER A 569 6.74 -38.32 -21.90
C SER A 569 5.87 -37.94 -23.11
N ILE A 570 5.54 -36.64 -23.27
CA ILE A 570 4.69 -36.09 -24.34
C ILE A 570 4.75 -34.56 -24.42
N GLU A 571 4.50 -34.00 -25.62
CA GLU A 571 4.31 -32.57 -25.81
C GLU A 571 2.88 -32.42 -26.31
N LEU A 572 1.96 -31.98 -25.44
CA LEU A 572 0.57 -31.77 -25.83
C LEU A 572 0.48 -30.53 -26.74
N PRO A 573 -0.41 -30.51 -27.78
CA PRO A 573 -0.52 -29.32 -28.62
C PRO A 573 -1.07 -28.15 -27.80
N ASN A 574 -0.73 -26.91 -28.19
CA ASN A 574 -1.20 -25.72 -27.46
C ASN A 574 -2.71 -25.63 -27.55
N ASN A 575 -3.38 -25.43 -26.40
CA ASN A 575 -4.84 -25.37 -26.29
C ASN A 575 -5.44 -26.68 -26.84
N SER A 576 -5.34 -27.71 -26.01
CA SER A 576 -5.82 -29.05 -26.27
C SER A 576 -6.70 -29.42 -25.09
N THR A 577 -7.75 -30.20 -25.34
CA THR A 577 -8.68 -30.60 -24.30
C THR A 577 -8.58 -32.08 -23.97
N ALA A 578 -8.90 -32.43 -22.71
CA ALA A 578 -8.92 -33.80 -22.21
C ALA A 578 -9.74 -34.66 -23.17
N PRO A 579 -9.21 -35.84 -23.58
CA PRO A 579 -9.97 -36.68 -24.51
C PRO A 579 -11.08 -37.46 -23.79
N LYS A 580 -12.07 -37.94 -24.56
CA LYS A 580 -13.17 -38.78 -24.08
C LYS A 580 -12.57 -40.13 -23.61
N ILE A 581 -13.08 -40.70 -22.51
CA ILE A 581 -12.55 -41.94 -21.96
C ILE A 581 -13.59 -43.04 -21.79
N ALA A 582 -13.36 -44.20 -22.44
CA ALA A 582 -14.22 -45.38 -22.39
C ALA A 582 -13.75 -46.31 -21.31
N LEU A 583 -14.70 -46.72 -20.44
CA LEU A 583 -14.41 -47.68 -19.37
C LEU A 583 -14.98 -49.03 -19.80
N LEU A 584 -14.12 -50.07 -19.86
CA LEU A 584 -14.46 -51.43 -20.24
C LEU A 584 -14.38 -52.31 -19.00
N PHE A 585 -15.51 -52.84 -18.54
CA PHE A 585 -15.61 -53.70 -17.33
C PHE A 585 -15.52 -55.20 -17.64
N THR A 586 -14.51 -55.89 -17.08
CA THR A 586 -14.22 -57.32 -17.34
C THR A 586 -15.33 -58.32 -17.01
N GLY A 587 -15.30 -59.45 -17.72
CA GLY A 587 -16.23 -60.56 -17.62
C GLY A 587 -15.79 -61.65 -16.68
N GLN A 588 -16.46 -62.82 -16.77
CA GLN A 588 -16.29 -63.97 -15.90
C GLN A 588 -14.91 -64.62 -15.75
N GLY A 589 -14.31 -65.08 -16.83
CA GLY A 589 -13.05 -65.82 -16.75
C GLY A 589 -11.80 -65.07 -16.32
N SER A 590 -11.92 -63.89 -15.72
CA SER A 590 -10.78 -63.05 -15.34
C SER A 590 -10.15 -63.28 -13.95
N GLN A 591 -10.85 -63.94 -13.02
CA GLN A 591 -10.39 -64.18 -11.64
C GLN A 591 -9.08 -64.94 -11.40
N TYR A 592 -8.46 -64.61 -10.25
CA TYR A 592 -7.27 -65.23 -9.68
C TYR A 592 -7.23 -65.02 -8.18
N VAL A 593 -6.39 -65.80 -7.47
CA VAL A 593 -6.29 -65.72 -6.02
C VAL A 593 -5.51 -64.46 -5.60
N ASN A 594 -6.03 -63.73 -4.58
CA ASN A 594 -5.45 -62.50 -4.05
C ASN A 594 -5.48 -61.32 -5.06
N MET A 595 -6.42 -61.36 -6.04
CA MET A 595 -6.57 -60.33 -7.07
C MET A 595 -6.84 -58.96 -6.45
N GLY A 596 -5.85 -58.07 -6.61
CA GLY A 596 -5.87 -56.71 -6.05
C GLY A 596 -5.87 -56.66 -4.54
N ARG A 597 -5.14 -57.61 -3.90
CA ARG A 597 -5.05 -57.70 -2.44
C ARG A 597 -4.33 -56.48 -1.90
N GLN A 598 -3.23 -56.05 -2.59
CA GLN A 598 -2.42 -54.88 -2.24
C GLN A 598 -3.28 -53.60 -2.07
N LEU A 599 -4.21 -53.34 -3.01
CA LEU A 599 -5.10 -52.18 -2.93
C LEU A 599 -6.03 -52.29 -1.73
N TYR A 600 -6.37 -53.54 -1.28
CA TYR A 600 -7.22 -53.74 -0.10
C TYR A 600 -6.38 -53.43 1.18
N GLN A 601 -5.15 -53.97 1.23
CA GLN A 601 -4.20 -53.76 2.32
C GLN A 601 -3.61 -52.32 2.34
N GLN A 602 -3.88 -51.46 1.30
CA GLN A 602 -3.27 -50.12 1.18
C GLN A 602 -4.12 -48.95 0.67
N ALA A 603 -5.32 -49.18 0.11
CA ALA A 603 -6.07 -48.05 -0.44
C ALA A 603 -7.45 -47.81 0.12
N PRO A 604 -7.60 -46.74 0.94
CA PRO A 604 -8.90 -46.44 1.57
C PRO A 604 -10.15 -46.19 0.73
N VAL A 605 -10.07 -45.59 -0.48
CA VAL A 605 -11.30 -45.39 -1.31
C VAL A 605 -11.81 -46.75 -1.83
N PHE A 606 -10.84 -47.63 -2.18
CA PHE A 606 -11.04 -49.00 -2.64
C PHE A 606 -11.65 -49.83 -1.48
N ARG A 607 -11.06 -49.76 -0.25
CA ARG A 607 -11.53 -50.45 0.97
C ARG A 607 -12.95 -50.05 1.42
N LYS A 608 -13.26 -48.74 1.45
CA LYS A 608 -14.58 -48.21 1.82
C LYS A 608 -15.68 -48.67 0.83
N ALA A 609 -15.27 -49.32 -0.28
CA ALA A 609 -16.16 -49.84 -1.31
C ALA A 609 -16.20 -51.36 -1.25
N LEU A 610 -15.04 -52.03 -1.18
CA LEU A 610 -14.92 -53.48 -1.11
C LEU A 610 -15.44 -54.08 0.19
N GLU A 611 -15.43 -53.29 1.28
CA GLU A 611 -15.95 -53.72 2.58
C GLU A 611 -17.45 -53.43 2.65
N GLN A 612 -17.89 -52.31 2.02
CA GLN A 612 -19.29 -51.92 1.92
C GLN A 612 -20.05 -53.04 1.19
N CYS A 613 -19.46 -53.60 0.11
CA CYS A 613 -19.99 -54.73 -0.65
C CYS A 613 -20.16 -55.90 0.30
N ASN A 614 -19.03 -56.33 0.95
CA ASN A 614 -18.90 -57.43 1.92
C ASN A 614 -19.99 -57.46 2.97
N GLU A 615 -20.49 -56.27 3.38
CA GLU A 615 -21.57 -56.12 4.34
C GLU A 615 -22.87 -56.73 3.79
N ILE A 616 -23.13 -56.55 2.46
CA ILE A 616 -24.29 -57.09 1.75
C ILE A 616 -24.34 -58.64 1.81
N LEU A 617 -23.18 -59.30 1.57
CA LEU A 617 -23.01 -60.76 1.62
C LEU A 617 -22.66 -61.21 3.06
N LYS A 626 -20.28 -67.91 4.19
CA LYS A 626 -19.04 -67.15 4.32
C LYS A 626 -19.15 -65.67 3.88
N SER A 627 -18.04 -64.91 4.07
CA SER A 627 -17.89 -63.49 3.75
C SER A 627 -17.09 -63.26 2.45
N LEU A 628 -17.52 -62.24 1.66
CA LEU A 628 -16.89 -61.81 0.41
C LEU A 628 -15.35 -61.86 0.54
N LEU A 629 -14.84 -61.27 1.65
CA LEU A 629 -13.44 -61.13 2.06
C LEU A 629 -12.70 -62.42 2.30
N GLU A 630 -13.34 -63.40 2.98
CA GLU A 630 -12.70 -64.68 3.27
C GLU A 630 -12.53 -65.46 1.98
N ILE A 631 -13.49 -65.31 1.04
CA ILE A 631 -13.48 -65.92 -0.28
C ILE A 631 -12.43 -65.24 -1.16
N LEU A 632 -12.50 -63.88 -1.27
CA LEU A 632 -11.54 -63.07 -2.03
C LEU A 632 -10.10 -63.24 -1.54
N TYR A 633 -9.85 -62.86 -0.27
CA TYR A 633 -8.53 -62.91 0.36
C TYR A 633 -8.55 -63.85 1.60
N PRO A 634 -8.18 -65.14 1.41
CA PRO A 634 -8.19 -66.08 2.56
C PRO A 634 -6.98 -65.89 3.49
N ALA A 635 -7.08 -66.42 4.75
CA ALA A 635 -5.99 -66.39 5.74
C ALA A 635 -4.72 -67.01 5.12
N ASN A 636 -4.87 -68.24 4.57
CA ASN A 636 -3.88 -68.99 3.82
C ASN A 636 -4.50 -70.24 3.22
N LEU A 645 -14.47 -71.24 -5.58
CA LEU A 645 -13.31 -70.43 -5.90
C LEU A 645 -13.47 -69.81 -7.31
N ASP A 646 -13.32 -70.65 -8.36
CA ASP A 646 -13.54 -70.32 -9.78
C ASP A 646 -15.02 -70.64 -10.06
N GLN A 647 -15.71 -71.19 -9.03
CA GLN A 647 -17.12 -71.58 -8.98
C GLN A 647 -17.98 -70.33 -9.10
N THR A 648 -18.84 -70.31 -10.15
CA THR A 648 -19.76 -69.23 -10.51
C THR A 648 -20.53 -68.58 -9.37
N ALA A 649 -20.78 -69.33 -8.28
CA ALA A 649 -21.47 -68.83 -7.10
C ALA A 649 -20.65 -67.70 -6.45
N TYR A 650 -19.33 -67.93 -6.29
CA TYR A 650 -18.35 -66.96 -5.75
C TYR A 650 -17.96 -66.01 -6.89
N THR A 651 -17.36 -66.58 -7.95
CA THR A 651 -16.91 -65.94 -9.18
C THR A 651 -17.73 -64.73 -9.66
N GLN A 652 -19.04 -64.86 -9.81
CA GLN A 652 -19.88 -63.76 -10.28
C GLN A 652 -19.94 -62.52 -9.38
N PRO A 653 -20.34 -62.59 -8.07
CA PRO A 653 -20.43 -61.36 -7.26
C PRO A 653 -19.11 -60.70 -6.90
N CYS A 654 -18.04 -61.50 -6.66
CA CYS A 654 -16.69 -61.05 -6.37
C CYS A 654 -16.30 -59.95 -7.37
N LEU A 655 -16.11 -60.34 -8.67
CA LEU A 655 -15.74 -59.46 -9.78
C LEU A 655 -16.54 -58.17 -9.75
N PHE A 656 -17.86 -58.23 -9.52
CA PHE A 656 -18.68 -57.02 -9.45
C PHE A 656 -18.09 -56.02 -8.45
N ALA A 657 -17.89 -56.50 -7.20
CA ALA A 657 -17.35 -55.75 -6.06
C ALA A 657 -15.96 -55.23 -6.41
N LEU A 658 -15.01 -56.14 -6.76
CA LEU A 658 -13.64 -55.80 -7.16
C LEU A 658 -13.59 -54.67 -8.23
N GLU A 659 -14.50 -54.74 -9.22
CA GLU A 659 -14.62 -53.75 -10.28
C GLU A 659 -15.24 -52.47 -9.73
N TYR A 660 -16.20 -52.56 -8.81
CA TYR A 660 -16.82 -51.36 -8.22
C TYR A 660 -15.72 -50.61 -7.37
N ALA A 661 -14.94 -51.39 -6.60
CA ALA A 661 -13.84 -50.95 -5.76
C ALA A 661 -12.75 -50.26 -6.61
N LEU A 662 -12.38 -50.84 -7.76
CA LEU A 662 -11.41 -50.26 -8.68
C LEU A 662 -11.97 -48.97 -9.30
N PHE A 663 -13.28 -48.96 -9.61
CA PHE A 663 -13.92 -47.78 -10.22
C PHE A 663 -13.97 -46.63 -9.21
N LYS A 664 -14.17 -46.98 -7.91
CA LYS A 664 -14.23 -46.02 -6.81
C LYS A 664 -12.90 -45.31 -6.66
N LEU A 665 -11.79 -46.07 -6.85
CA LEU A 665 -10.41 -45.58 -6.83
C LEU A 665 -10.14 -44.63 -8.00
N TRP A 666 -10.47 -45.04 -9.26
CA TRP A 666 -10.27 -44.22 -10.45
C TRP A 666 -11.02 -42.89 -10.41
N GLN A 667 -12.30 -42.88 -9.94
CA GLN A 667 -13.08 -41.62 -9.85
C GLN A 667 -12.50 -40.71 -8.75
N SER A 668 -12.00 -41.33 -7.64
CA SER A 668 -11.35 -40.62 -6.56
C SER A 668 -10.13 -39.86 -7.12
N TRP A 669 -9.39 -40.43 -8.11
CA TRP A 669 -8.26 -39.75 -8.75
C TRP A 669 -8.66 -38.83 -9.90
N GLY A 670 -9.96 -38.57 -10.03
CA GLY A 670 -10.47 -37.64 -11.03
C GLY A 670 -10.87 -38.18 -12.39
N ILE A 671 -10.99 -39.50 -12.51
CA ILE A 671 -11.36 -40.13 -13.79
C ILE A 671 -12.87 -40.34 -13.85
N GLN A 672 -13.52 -39.73 -14.84
CA GLN A 672 -14.96 -39.83 -15.03
C GLN A 672 -15.27 -40.34 -16.44
N PRO A 673 -15.79 -41.59 -16.55
CA PRO A 673 -16.10 -42.18 -17.86
C PRO A 673 -17.06 -41.35 -18.70
N ASP A 674 -16.85 -41.36 -20.03
CA ASP A 674 -17.64 -40.66 -21.03
C ASP A 674 -18.67 -41.63 -21.67
N VAL A 675 -18.39 -42.96 -21.55
CA VAL A 675 -19.17 -44.15 -21.95
C VAL A 675 -18.67 -45.29 -21.07
N VAL A 676 -19.52 -46.29 -20.84
CA VAL A 676 -19.16 -47.48 -20.11
C VAL A 676 -19.61 -48.69 -20.90
N MET A 677 -19.06 -49.87 -20.55
CA MET A 677 -19.39 -51.17 -21.11
C MET A 677 -18.74 -52.30 -20.35
N GLY A 678 -19.30 -53.48 -20.46
CA GLY A 678 -18.74 -54.64 -19.78
C GLY A 678 -19.23 -55.97 -20.31
N HIS A 679 -18.34 -56.97 -20.32
CA HIS A 679 -18.66 -58.33 -20.78
C HIS A 679 -19.57 -59.06 -19.76
N SER A 680 -20.89 -59.07 -20.04
CA SER A 680 -21.99 -59.70 -19.26
C SER A 680 -21.96 -59.37 -17.76
N VAL A 681 -21.12 -60.10 -17.02
CA VAL A 681 -20.84 -59.94 -15.59
C VAL A 681 -20.43 -58.47 -15.31
N GLY A 682 -19.74 -57.87 -16.27
CA GLY A 682 -19.24 -56.51 -16.23
C GLY A 682 -20.26 -55.48 -16.66
N GLU A 683 -21.35 -55.91 -17.32
CA GLU A 683 -22.39 -54.95 -17.72
C GLU A 683 -23.22 -54.62 -16.48
N TYR A 684 -23.10 -55.45 -15.43
CA TYR A 684 -23.78 -55.19 -14.17
C TYR A 684 -23.15 -53.95 -13.52
N VAL A 685 -21.82 -54.00 -13.29
CA VAL A 685 -21.03 -52.90 -12.73
C VAL A 685 -21.05 -51.67 -13.65
N ALA A 686 -21.13 -51.86 -14.96
CA ALA A 686 -21.23 -50.77 -15.92
C ALA A 686 -22.55 -50.03 -15.73
N ALA A 687 -23.62 -50.77 -15.37
CA ALA A 687 -24.95 -50.19 -15.13
C ALA A 687 -25.09 -49.50 -13.77
N THR A 688 -24.53 -50.10 -12.68
CA THR A 688 -24.56 -49.45 -11.35
C THR A 688 -23.88 -48.04 -11.42
N VAL A 689 -22.71 -47.97 -12.12
CA VAL A 689 -21.89 -46.79 -12.41
C VAL A 689 -22.73 -45.74 -13.15
N ALA A 690 -23.54 -46.15 -14.13
CA ALA A 690 -24.39 -45.21 -14.86
C ALA A 690 -25.68 -44.83 -14.06
N GLY A 691 -25.98 -45.56 -12.99
CA GLY A 691 -27.13 -45.29 -12.14
C GLY A 691 -28.13 -46.40 -11.90
N VAL A 692 -28.47 -47.14 -12.97
CA VAL A 692 -29.43 -48.25 -13.02
C VAL A 692 -29.74 -48.96 -11.68
N PHE A 693 -28.70 -49.25 -10.89
CA PHE A 693 -28.86 -49.89 -9.57
C PHE A 693 -28.07 -49.15 -8.47
N SER A 694 -28.14 -49.69 -7.26
CA SER A 694 -27.38 -49.26 -6.10
C SER A 694 -26.27 -50.30 -6.00
N LEU A 695 -25.21 -50.07 -5.22
CA LEU A 695 -24.20 -51.11 -5.01
C LEU A 695 -24.95 -52.40 -4.56
N GLU A 696 -25.88 -52.27 -3.57
CA GLU A 696 -26.72 -53.36 -3.02
C GLU A 696 -27.55 -54.05 -4.13
N GLU A 697 -28.45 -53.30 -4.83
CA GLU A 697 -29.30 -53.78 -5.94
C GLU A 697 -28.49 -54.63 -6.96
N GLY A 698 -27.50 -54.02 -7.61
CA GLY A 698 -26.62 -54.64 -8.58
C GLY A 698 -25.89 -55.86 -8.04
N LEU A 699 -25.32 -55.76 -6.83
CA LEU A 699 -24.59 -56.85 -6.18
C LEU A 699 -25.53 -58.02 -5.74
N LYS A 700 -26.84 -57.73 -5.53
CA LYS A 700 -27.86 -58.73 -5.17
C LYS A 700 -28.12 -59.59 -6.41
N LEU A 701 -28.29 -58.91 -7.55
CA LEU A 701 -28.53 -59.53 -8.84
C LEU A 701 -27.40 -60.43 -9.25
N ILE A 702 -26.15 -59.96 -9.20
CA ILE A 702 -24.99 -60.77 -9.57
C ILE A 702 -24.77 -62.00 -8.64
N ALA A 703 -25.15 -61.87 -7.35
CA ALA A 703 -25.08 -62.96 -6.36
C ALA A 703 -26.21 -63.98 -6.63
N ALA A 704 -27.38 -63.49 -7.08
CA ALA A 704 -28.54 -64.31 -7.46
C ALA A 704 -28.19 -65.28 -8.62
N ARG A 705 -27.80 -64.73 -9.82
CA ARG A 705 -27.43 -65.54 -10.98
C ARG A 705 -26.25 -66.47 -10.74
N GLY A 706 -25.32 -66.04 -9.90
CA GLY A 706 -24.16 -66.85 -9.52
C GLY A 706 -24.57 -68.10 -8.78
N ARG A 707 -25.41 -67.92 -7.74
CA ARG A 707 -26.01 -68.98 -6.91
C ARG A 707 -26.92 -69.91 -7.76
N LEU A 708 -27.70 -69.29 -8.69
CA LEU A 708 -28.63 -69.95 -9.62
C LEU A 708 -27.95 -70.85 -10.65
N MET A 709 -27.05 -70.30 -11.49
CA MET A 709 -26.29 -71.03 -12.54
C MET A 709 -25.40 -72.18 -12.00
N GLN A 710 -25.05 -72.11 -10.69
CA GLN A 710 -24.25 -73.08 -9.94
C GLN A 710 -25.02 -74.38 -9.72
N GLN A 711 -26.28 -74.26 -9.25
CA GLN A 711 -27.18 -75.38 -8.98
C GLN A 711 -27.69 -76.04 -10.28
N LEU A 712 -27.44 -75.40 -11.45
CA LEU A 712 -27.82 -75.90 -12.77
C LEU A 712 -27.02 -77.15 -13.20
N PRO A 713 -27.65 -78.09 -13.94
CA PRO A 713 -26.96 -79.36 -14.28
C PRO A 713 -25.69 -79.29 -15.10
N ALA A 714 -24.88 -80.35 -15.01
CA ALA A 714 -23.62 -80.53 -15.74
C ALA A 714 -23.87 -80.79 -17.24
N GLY A 715 -22.85 -81.29 -17.94
CA GLY A 715 -22.88 -81.54 -19.38
C GLY A 715 -22.86 -80.27 -20.21
N GLY A 716 -22.44 -79.17 -19.56
CA GLY A 716 -22.36 -77.84 -20.15
C GLY A 716 -20.94 -77.46 -20.50
N GLU A 717 -20.72 -77.13 -21.78
CA GLU A 717 -19.41 -76.75 -22.30
C GLU A 717 -19.45 -75.42 -23.05
N MET A 718 -18.30 -74.75 -23.09
CA MET A 718 -18.11 -73.48 -23.79
C MET A 718 -16.79 -73.56 -24.54
N VAL A 719 -16.81 -73.22 -25.83
CA VAL A 719 -15.61 -73.26 -26.65
C VAL A 719 -15.28 -71.91 -27.32
N SER A 720 -13.99 -71.55 -27.28
CA SER A 720 -13.46 -70.34 -27.87
C SER A 720 -12.99 -70.73 -29.27
N VAL A 721 -13.63 -70.17 -30.30
CA VAL A 721 -13.39 -70.51 -31.70
C VAL A 721 -12.80 -69.33 -32.47
N ILE A 722 -11.72 -69.55 -33.22
CA ILE A 722 -11.11 -68.53 -34.07
C ILE A 722 -11.75 -68.57 -35.48
N ALA A 723 -13.00 -68.05 -35.53
CA ALA A 723 -13.84 -67.94 -36.73
C ALA A 723 -14.93 -66.85 -36.57
N SER A 724 -15.32 -66.23 -37.69
CA SER A 724 -16.40 -65.23 -37.77
C SER A 724 -17.72 -65.80 -37.23
N GLU A 725 -18.65 -64.90 -36.85
CA GLU A 725 -19.96 -65.30 -36.35
C GLU A 725 -20.78 -66.03 -37.46
N SER A 726 -20.66 -65.58 -38.73
CA SER A 726 -21.36 -66.21 -39.86
C SER A 726 -20.87 -67.64 -40.16
N LYS A 727 -19.53 -67.87 -40.13
CA LYS A 727 -18.97 -69.20 -40.36
C LYS A 727 -19.50 -70.20 -39.33
N VAL A 728 -19.52 -69.80 -38.05
CA VAL A 728 -20.03 -70.62 -36.95
C VAL A 728 -21.56 -70.86 -37.13
N LEU A 729 -22.28 -69.84 -37.59
CA LEU A 729 -23.73 -69.94 -37.81
C LEU A 729 -24.07 -70.88 -38.96
N GLU A 730 -23.26 -70.85 -40.04
CA GLU A 730 -23.50 -71.76 -41.15
C GLU A 730 -23.25 -73.21 -40.73
N ILE A 731 -22.24 -73.44 -39.86
CA ILE A 731 -21.91 -74.77 -39.33
C ILE A 731 -22.99 -75.30 -38.38
N PHE A 732 -23.62 -74.41 -37.55
CA PHE A 732 -24.72 -74.76 -36.63
C PHE A 732 -25.91 -75.31 -37.44
N LYS A 733 -26.21 -74.64 -38.57
CA LYS A 733 -27.28 -74.91 -39.55
C LYS A 733 -26.96 -76.22 -40.26
N ALA A 734 -25.72 -76.33 -40.81
CA ALA A 734 -25.17 -77.50 -41.50
C ALA A 734 -25.27 -78.75 -40.64
N MET A 735 -24.94 -78.65 -39.35
CA MET A 735 -24.96 -79.77 -38.42
C MET A 735 -26.27 -79.93 -37.67
N SER A 736 -27.28 -79.08 -37.98
CA SER A 736 -28.62 -79.11 -37.35
C SER A 736 -28.56 -79.01 -35.80
N LEU A 737 -27.58 -78.27 -35.29
CA LEU A 737 -27.39 -78.17 -33.85
C LEU A 737 -27.89 -76.87 -33.27
N GLU A 738 -28.51 -76.03 -34.13
CA GLU A 738 -29.10 -74.71 -33.83
C GLU A 738 -29.89 -74.66 -32.53
N GLU A 739 -30.64 -75.72 -32.18
CA GLU A 739 -31.43 -75.71 -30.95
C GLU A 739 -30.64 -76.16 -29.69
N LYS A 740 -29.48 -76.79 -29.91
CA LYS A 740 -28.62 -77.32 -28.83
C LYS A 740 -27.36 -76.46 -28.57
N VAL A 741 -26.95 -75.65 -29.56
CA VAL A 741 -25.76 -74.77 -29.48
C VAL A 741 -26.13 -73.32 -29.79
N ALA A 742 -25.47 -72.40 -29.09
CA ALA A 742 -25.67 -70.97 -29.24
C ALA A 742 -24.36 -70.29 -29.36
N ILE A 743 -24.38 -69.05 -29.89
CA ILE A 743 -23.20 -68.20 -29.87
C ILE A 743 -23.33 -67.40 -28.56
N ALA A 744 -22.32 -67.53 -27.68
CA ALA A 744 -22.27 -66.85 -26.38
C ALA A 744 -21.72 -65.42 -26.51
N ALA A 745 -20.65 -65.24 -27.31
CA ALA A 745 -20.04 -63.94 -27.54
C ALA A 745 -19.41 -63.77 -28.90
N ILE A 746 -19.49 -62.56 -29.44
CA ILE A 746 -18.80 -62.19 -30.67
C ILE A 746 -17.77 -61.17 -30.19
N ASN A 747 -16.53 -61.65 -30.01
CA ASN A 747 -15.42 -60.89 -29.45
C ASN A 747 -14.44 -60.28 -30.45
N GLY A 748 -14.60 -60.62 -31.71
CA GLY A 748 -13.75 -60.15 -32.78
C GLY A 748 -14.37 -60.41 -34.13
N PRO A 749 -13.72 -59.94 -35.20
CA PRO A 749 -14.27 -60.23 -36.55
C PRO A 749 -14.06 -61.69 -36.96
N GLU A 750 -13.10 -62.36 -36.27
CA GLU A 750 -12.70 -63.73 -36.52
C GLU A 750 -12.32 -64.36 -35.16
N SER A 751 -13.19 -64.14 -34.14
CA SER A 751 -12.99 -64.64 -32.78
C SER A 751 -14.36 -64.67 -32.11
N THR A 752 -14.94 -65.87 -31.94
CA THR A 752 -16.27 -66.02 -31.34
C THR A 752 -16.32 -67.15 -30.30
N VAL A 753 -17.23 -67.08 -29.33
CA VAL A 753 -17.37 -68.09 -28.27
C VAL A 753 -18.72 -68.86 -28.38
N ILE A 754 -18.63 -70.20 -28.58
CA ILE A 754 -19.79 -71.09 -28.73
C ILE A 754 -20.16 -71.73 -27.41
N SER A 755 -21.46 -71.83 -27.13
CA SER A 755 -21.99 -72.36 -25.89
C SER A 755 -23.22 -73.28 -26.08
N GLY A 756 -23.19 -74.43 -25.42
CA GLY A 756 -24.26 -75.43 -25.43
C GLY A 756 -23.92 -76.76 -24.76
N GLU A 757 -24.71 -77.81 -25.08
CA GLU A 757 -24.57 -79.18 -24.57
C GLU A 757 -23.22 -79.77 -24.98
N ALA A 758 -22.53 -80.42 -24.03
CA ALA A 758 -21.19 -81.03 -24.17
C ALA A 758 -20.92 -81.79 -25.46
N GLU A 759 -21.86 -82.67 -25.87
CA GLU A 759 -21.68 -83.50 -27.05
C GLU A 759 -21.71 -82.66 -28.32
N ALA A 760 -22.75 -81.80 -28.43
CA ALA A 760 -22.99 -80.87 -29.55
C ALA A 760 -21.80 -79.90 -29.72
N VAL A 761 -21.37 -79.28 -28.61
CA VAL A 761 -20.23 -78.36 -28.58
C VAL A 761 -18.96 -79.08 -29.13
N GLY A 762 -18.72 -80.31 -28.64
CA GLY A 762 -17.63 -81.18 -29.07
C GLY A 762 -17.74 -81.53 -30.54
N ALA A 763 -18.99 -81.79 -31.00
CA ALA A 763 -19.28 -82.08 -32.40
C ALA A 763 -18.92 -80.86 -33.27
N ILE A 764 -19.39 -79.63 -32.90
CA ILE A 764 -19.01 -78.43 -33.65
C ILE A 764 -17.49 -78.17 -33.61
N ALA A 765 -16.85 -78.25 -32.41
CA ALA A 765 -15.38 -78.10 -32.28
C ALA A 765 -14.59 -79.09 -33.18
N THR A 766 -14.91 -80.43 -33.10
CA THR A 766 -14.28 -81.46 -33.94
C THR A 766 -14.43 -81.08 -35.41
N HIS A 767 -15.64 -80.65 -35.81
CA HIS A 767 -15.86 -80.22 -37.19
C HIS A 767 -15.08 -78.97 -37.53
N LEU A 768 -14.96 -78.02 -36.58
CA LEU A 768 -14.20 -76.79 -36.82
C LEU A 768 -12.71 -77.08 -36.92
N GLU A 769 -12.20 -78.04 -36.12
CA GLU A 769 -10.81 -78.47 -36.18
C GLU A 769 -10.55 -79.16 -37.52
N SER A 770 -11.54 -79.95 -38.00
CA SER A 770 -11.47 -80.63 -39.30
C SER A 770 -11.38 -79.61 -40.44
N LEU A 771 -11.85 -78.38 -40.17
CA LEU A 771 -11.87 -77.29 -41.13
C LEU A 771 -10.64 -76.37 -41.00
N SER A 772 -9.65 -76.79 -40.16
CA SER A 772 -8.38 -76.10 -39.83
C SER A 772 -8.60 -74.88 -38.91
N ILE A 773 -9.84 -74.69 -38.42
CA ILE A 773 -10.24 -73.58 -37.54
C ILE A 773 -9.83 -73.90 -36.12
N LYS A 774 -8.99 -73.02 -35.53
CA LYS A 774 -8.49 -73.17 -34.15
C LYS A 774 -9.62 -73.09 -33.15
N THR A 775 -9.54 -73.88 -32.08
CA THR A 775 -10.55 -74.02 -31.04
C THR A 775 -9.84 -74.17 -29.70
N LYS A 776 -10.45 -73.69 -28.63
CA LYS A 776 -9.94 -73.80 -27.27
C LYS A 776 -11.13 -73.98 -26.36
N GLN A 777 -11.18 -75.11 -25.65
CA GLN A 777 -12.25 -75.38 -24.71
C GLN A 777 -11.99 -74.52 -23.49
N LEU A 778 -13.04 -73.90 -22.95
CA LEU A 778 -12.93 -73.06 -21.76
C LEU A 778 -13.08 -73.87 -20.48
N GLN A 779 -12.27 -73.52 -19.45
CA GLN A 779 -12.32 -74.13 -18.12
C GLN A 779 -13.49 -73.46 -17.43
N VAL A 780 -14.67 -73.74 -17.96
CA VAL A 780 -15.94 -73.18 -17.56
C VAL A 780 -16.77 -74.22 -16.77
N SER A 781 -17.68 -73.72 -15.92
CA SER A 781 -18.54 -74.61 -15.12
C SER A 781 -19.78 -74.99 -15.91
N HIS A 782 -20.56 -73.97 -16.33
CA HIS A 782 -21.81 -74.11 -17.08
C HIS A 782 -21.76 -73.45 -18.46
N ALA A 783 -22.66 -73.83 -19.36
CA ALA A 783 -22.70 -73.26 -20.70
C ALA A 783 -23.54 -71.97 -20.67
N PHE A 784 -22.85 -70.81 -20.45
CA PHE A 784 -23.44 -69.47 -20.32
C PHE A 784 -23.92 -68.90 -21.67
N HIS A 785 -24.98 -68.07 -21.67
CA HIS A 785 -25.57 -67.46 -22.89
C HIS A 785 -26.03 -68.46 -23.97
N SER A 786 -26.24 -69.72 -23.54
CA SER A 786 -26.69 -70.88 -24.28
C SER A 786 -28.11 -71.20 -23.82
N ARG A 787 -28.86 -72.00 -24.61
CA ARG A 787 -30.24 -72.42 -24.29
C ARG A 787 -30.35 -73.02 -22.88
N LEU A 788 -29.31 -73.76 -22.44
CA LEU A 788 -29.22 -74.41 -21.12
C LEU A 788 -29.43 -73.47 -19.91
N MET A 789 -29.55 -72.15 -20.18
CA MET A 789 -29.78 -71.10 -19.19
C MET A 789 -31.27 -70.77 -19.08
N GLU A 790 -32.14 -71.59 -19.69
CA GLU A 790 -33.59 -71.37 -19.66
C GLU A 790 -34.25 -71.79 -18.34
N PRO A 791 -33.87 -72.93 -17.68
CA PRO A 791 -34.51 -73.27 -16.40
C PRO A 791 -34.47 -72.13 -15.37
N MET A 792 -33.26 -71.60 -15.10
CA MET A 792 -33.04 -70.50 -14.15
C MET A 792 -33.71 -69.16 -14.49
N LEU A 793 -33.90 -68.89 -15.80
CA LEU A 793 -34.48 -67.66 -16.36
C LEU A 793 -35.78 -67.12 -15.75
N ALA A 794 -36.49 -67.93 -14.92
CA ALA A 794 -37.74 -67.53 -14.28
C ALA A 794 -37.53 -67.24 -12.80
N GLU A 795 -36.74 -68.10 -12.13
CA GLU A 795 -36.32 -68.01 -10.73
C GLU A 795 -35.40 -66.78 -10.56
N PHE A 796 -34.70 -66.36 -11.66
CA PHE A 796 -33.85 -65.15 -11.71
C PHE A 796 -34.69 -63.94 -12.17
N GLU A 797 -35.73 -64.16 -13.02
CA GLU A 797 -36.61 -63.07 -13.42
C GLU A 797 -37.48 -62.68 -12.23
N ALA A 798 -37.61 -63.60 -11.25
CA ALA A 798 -38.34 -63.37 -10.01
C ALA A 798 -37.57 -62.35 -9.15
N VAL A 799 -36.25 -62.55 -8.99
CA VAL A 799 -35.32 -61.71 -8.24
C VAL A 799 -35.26 -60.29 -8.87
N ALA A 800 -35.12 -60.21 -10.22
CA ALA A 800 -35.06 -58.95 -10.97
C ALA A 800 -36.34 -58.11 -10.88
N LYS A 801 -37.49 -58.77 -10.67
CA LYS A 801 -38.78 -58.12 -10.56
C LYS A 801 -38.83 -57.27 -9.27
N GLN A 802 -38.15 -57.75 -8.19
CA GLN A 802 -38.05 -57.09 -6.88
C GLN A 802 -36.82 -56.12 -6.82
N VAL A 803 -36.64 -55.28 -7.88
CA VAL A 803 -35.56 -54.28 -8.02
C VAL A 803 -36.12 -52.96 -8.64
N THR A 804 -35.68 -51.78 -8.11
CA THR A 804 -36.05 -50.44 -8.64
C THR A 804 -35.05 -50.11 -9.75
N TYR A 805 -35.54 -49.62 -10.89
CA TYR A 805 -34.64 -49.30 -12.00
C TYR A 805 -34.66 -47.83 -12.35
N SER A 806 -33.59 -47.14 -11.94
CA SER A 806 -33.35 -45.74 -12.21
C SER A 806 -32.61 -45.64 -13.54
N GLN A 807 -32.90 -44.58 -14.31
CA GLN A 807 -32.32 -44.32 -15.61
C GLN A 807 -30.76 -44.13 -15.57
N PRO A 808 -30.01 -44.46 -16.67
CA PRO A 808 -28.56 -44.25 -16.66
C PRO A 808 -28.12 -42.79 -16.94
N GLN A 809 -27.11 -42.32 -16.19
CA GLN A 809 -26.53 -40.96 -16.27
C GLN A 809 -25.45 -40.82 -17.37
N ILE A 810 -24.54 -41.84 -17.45
CA ILE A 810 -23.44 -41.94 -18.41
C ILE A 810 -23.90 -42.87 -19.55
N SER A 811 -23.41 -42.63 -20.79
CA SER A 811 -23.67 -43.47 -21.97
C SER A 811 -23.21 -44.92 -21.70
N LEU A 812 -24.02 -45.92 -22.10
CA LEU A 812 -23.70 -47.35 -21.91
C LEU A 812 -23.90 -48.10 -23.22
N ILE A 813 -22.94 -48.93 -23.64
CA ILE A 813 -23.11 -49.72 -24.86
C ILE A 813 -23.65 -51.09 -24.49
N SER A 814 -24.83 -51.41 -25.04
CA SER A 814 -25.54 -52.68 -24.82
C SER A 814 -24.74 -53.93 -25.33
N ASN A 815 -24.74 -55.00 -24.53
CA ASN A 815 -24.10 -56.28 -24.88
C ASN A 815 -24.98 -57.02 -25.88
N VAL A 816 -26.29 -56.85 -25.72
CA VAL A 816 -27.34 -57.45 -26.52
C VAL A 816 -27.35 -56.79 -27.92
N THR A 817 -27.03 -55.49 -28.01
CA THR A 817 -27.08 -54.75 -29.26
C THR A 817 -25.74 -54.35 -29.91
N GLY A 818 -24.76 -53.99 -29.10
CA GLY A 818 -23.49 -53.48 -29.62
C GLY A 818 -23.67 -52.02 -30.01
N GLN A 819 -24.70 -51.38 -29.46
CA GLN A 819 -25.02 -49.98 -29.72
C GLN A 819 -25.36 -49.29 -28.40
N GLN A 820 -25.45 -47.96 -28.44
CA GLN A 820 -25.77 -47.12 -27.30
C GLN A 820 -27.09 -47.59 -26.70
N VAL A 821 -27.11 -47.95 -25.40
CA VAL A 821 -28.33 -48.41 -24.75
C VAL A 821 -29.31 -47.24 -24.61
N GLY A 822 -30.52 -47.47 -25.07
CA GLY A 822 -31.57 -46.46 -25.00
C GLY A 822 -32.31 -46.59 -23.69
N SER A 823 -33.60 -46.27 -23.72
CA SER A 823 -34.47 -46.38 -22.55
C SER A 823 -34.76 -47.87 -22.23
N GLU A 824 -34.39 -48.78 -23.17
CA GLU A 824 -34.54 -50.23 -23.13
C GLU A 824 -34.07 -50.86 -21.81
N ILE A 825 -32.98 -50.30 -21.24
CA ILE A 825 -32.32 -50.76 -20.02
C ILE A 825 -33.21 -50.71 -18.75
N THR A 826 -34.19 -49.77 -18.71
CA THR A 826 -35.14 -49.54 -17.60
C THR A 826 -35.84 -50.81 -17.08
N SER A 827 -36.59 -51.50 -17.95
CA SER A 827 -37.35 -52.72 -17.68
C SER A 827 -36.47 -53.92 -17.30
N ALA A 828 -36.89 -54.72 -16.29
CA ALA A 828 -36.18 -55.93 -15.87
C ALA A 828 -36.18 -57.03 -16.97
N GLU A 829 -36.81 -56.72 -18.13
CA GLU A 829 -36.89 -57.59 -19.30
C GLU A 829 -35.52 -57.60 -19.94
N TYR A 830 -34.92 -56.39 -20.16
CA TYR A 830 -33.59 -56.23 -20.73
C TYR A 830 -32.56 -57.12 -20.06
N TRP A 831 -32.65 -57.25 -18.73
CA TRP A 831 -31.72 -58.03 -17.91
C TRP A 831 -31.97 -59.53 -17.95
N VAL A 832 -33.21 -59.92 -18.26
CA VAL A 832 -33.55 -61.35 -18.38
C VAL A 832 -33.18 -61.85 -19.80
N ASN A 833 -33.37 -60.98 -20.81
CA ASN A 833 -33.01 -61.21 -22.21
C ASN A 833 -31.48 -61.27 -22.36
N HIS A 834 -30.77 -60.57 -21.46
CA HIS A 834 -29.33 -60.44 -21.40
C HIS A 834 -28.67 -61.81 -21.26
N VAL A 835 -29.22 -62.71 -20.40
CA VAL A 835 -28.66 -64.06 -20.16
C VAL A 835 -28.76 -64.92 -21.41
N ARG A 836 -29.90 -64.83 -22.12
CA ARG A 836 -30.16 -65.66 -23.30
C ARG A 836 -29.40 -65.27 -24.58
N GLN A 837 -29.26 -63.95 -24.85
CA GLN A 837 -28.63 -63.40 -26.05
C GLN A 837 -27.09 -63.42 -26.13
N PRO A 838 -26.50 -63.53 -27.35
CA PRO A 838 -25.03 -63.47 -27.48
C PRO A 838 -24.44 -62.09 -27.14
N VAL A 839 -23.23 -62.06 -26.52
CA VAL A 839 -22.51 -60.82 -26.13
C VAL A 839 -21.80 -60.21 -27.38
N ARG A 840 -22.42 -59.16 -27.98
CA ARG A 840 -21.93 -58.51 -29.20
C ARG A 840 -20.78 -57.50 -28.95
N PHE A 841 -19.66 -57.98 -28.34
CA PHE A 841 -18.51 -57.18 -27.96
C PHE A 841 -17.82 -56.49 -29.12
N SER A 842 -17.64 -57.21 -30.23
CA SER A 842 -17.02 -56.75 -31.46
C SER A 842 -17.76 -55.48 -31.95
N GLU A 843 -19.12 -55.51 -32.01
CA GLU A 843 -19.96 -54.38 -32.46
C GLU A 843 -19.89 -53.22 -31.45
N SER A 844 -19.83 -53.54 -30.15
CA SER A 844 -19.68 -52.56 -29.07
C SER A 844 -18.43 -51.72 -29.29
N MET A 845 -17.32 -52.35 -29.71
CA MET A 845 -16.03 -51.74 -30.02
C MET A 845 -16.07 -50.87 -31.25
N THR A 846 -16.71 -51.35 -32.31
CA THR A 846 -16.84 -50.61 -33.56
C THR A 846 -17.73 -49.39 -33.35
N THR A 847 -18.72 -49.47 -32.44
CA THR A 847 -19.59 -48.36 -32.05
C THR A 847 -18.70 -47.23 -31.48
N LEU A 848 -17.84 -47.59 -30.50
CA LEU A 848 -16.89 -46.73 -29.81
C LEU A 848 -15.91 -46.12 -30.80
N HIS A 849 -15.40 -46.90 -31.74
CA HIS A 849 -14.49 -46.40 -32.77
C HIS A 849 -15.20 -45.40 -33.69
N GLN A 850 -16.48 -45.68 -34.02
CA GLN A 850 -17.29 -44.79 -34.87
C GLN A 850 -17.58 -43.47 -34.13
N GLU A 851 -17.71 -43.51 -32.79
CA GLU A 851 -17.91 -42.34 -31.95
C GLU A 851 -16.58 -41.59 -31.67
N GLY A 852 -15.47 -42.04 -32.28
CA GLY A 852 -14.15 -41.43 -32.14
C GLY A 852 -13.37 -41.66 -30.84
N TYR A 853 -13.63 -42.78 -30.14
CA TYR A 853 -12.92 -43.13 -28.90
C TYR A 853 -11.58 -43.80 -29.18
N GLU A 854 -10.52 -43.27 -28.55
CA GLU A 854 -9.14 -43.73 -28.70
C GLU A 854 -8.46 -43.93 -27.33
N LEU A 855 -9.23 -43.80 -26.22
CA LEU A 855 -8.72 -43.99 -24.87
C LEU A 855 -9.66 -44.95 -24.15
N PHE A 856 -9.11 -46.13 -23.75
CA PHE A 856 -9.84 -47.24 -23.12
C PHE A 856 -9.15 -47.65 -21.86
N LEU A 857 -9.89 -47.69 -20.74
CA LEU A 857 -9.39 -48.09 -19.43
C LEU A 857 -10.14 -49.31 -18.98
N GLU A 858 -9.44 -50.40 -18.74
CA GLU A 858 -10.10 -51.62 -18.32
C GLU A 858 -10.21 -51.74 -16.81
N ILE A 859 -11.44 -51.74 -16.30
CA ILE A 859 -11.68 -51.92 -14.89
C ILE A 859 -11.95 -53.42 -14.68
N GLY A 860 -10.92 -54.15 -14.26
CA GLY A 860 -10.97 -55.58 -14.01
C GLY A 860 -9.65 -56.18 -13.57
N PRO A 861 -9.60 -57.49 -13.20
CA PRO A 861 -8.32 -58.07 -12.72
C PRO A 861 -7.34 -58.49 -13.83
N LYS A 862 -7.79 -58.55 -15.07
CA LYS A 862 -6.88 -58.91 -16.16
C LYS A 862 -7.18 -58.01 -17.35
N PRO A 863 -6.18 -57.63 -18.19
CA PRO A 863 -6.48 -56.79 -19.36
C PRO A 863 -7.07 -57.57 -20.56
N ILE A 864 -8.16 -58.37 -20.30
CA ILE A 864 -8.85 -59.24 -21.28
C ILE A 864 -9.44 -58.44 -22.42
N LEU A 865 -10.43 -57.61 -22.10
CA LEU A 865 -11.18 -56.76 -23.03
C LEU A 865 -10.25 -55.81 -23.84
N LEU A 866 -9.05 -55.49 -23.29
CA LEU A 866 -8.07 -54.67 -23.98
C LEU A 866 -7.50 -55.46 -25.15
N GLY A 867 -7.10 -56.69 -24.89
CA GLY A 867 -6.58 -57.61 -25.89
C GLY A 867 -7.58 -57.89 -26.98
N MET A 868 -8.83 -58.16 -26.60
CA MET A 868 -9.91 -58.37 -27.55
C MET A 868 -10.19 -57.08 -28.27
N GLY A 869 -10.13 -55.96 -27.54
CA GLY A 869 -10.37 -54.61 -28.02
C GLY A 869 -9.42 -54.19 -29.11
N ARG A 870 -8.10 -54.40 -28.88
CA ARG A 870 -7.03 -54.09 -29.84
C ARG A 870 -7.24 -54.85 -31.16
N GLN A 871 -7.90 -56.02 -31.11
CA GLN A 871 -8.17 -56.88 -32.26
C GLN A 871 -9.33 -56.40 -33.11
N CYS A 872 -10.30 -55.68 -32.50
CA CYS A 872 -11.49 -55.15 -33.18
C CYS A 872 -11.19 -53.87 -33.94
N LEU A 873 -10.31 -53.03 -33.38
CA LEU A 873 -9.93 -51.74 -33.93
C LEU A 873 -8.71 -51.82 -34.89
N PRO A 874 -8.57 -50.90 -35.89
CA PRO A 874 -7.40 -50.93 -36.79
C PRO A 874 -6.07 -50.86 -36.07
N GLU A 875 -5.02 -51.50 -36.61
CA GLU A 875 -3.72 -51.56 -35.96
C GLU A 875 -3.11 -50.23 -35.59
N GLY A 876 -2.53 -50.20 -34.39
CA GLY A 876 -1.86 -49.04 -33.81
C GLY A 876 -2.77 -47.94 -33.29
N VAL A 877 -4.10 -48.11 -33.41
CA VAL A 877 -5.10 -47.14 -32.97
C VAL A 877 -5.41 -47.26 -31.46
N GLY A 878 -5.57 -46.13 -30.81
CA GLY A 878 -5.96 -46.06 -29.41
C GLY A 878 -4.89 -46.30 -28.37
N VAL A 879 -5.21 -45.98 -27.10
CA VAL A 879 -4.38 -46.18 -25.90
C VAL A 879 -5.17 -47.09 -25.00
N TRP A 880 -4.57 -48.23 -24.59
CA TRP A 880 -5.23 -49.30 -23.85
C TRP A 880 -4.65 -49.47 -22.50
N LEU A 881 -5.45 -49.27 -21.45
CA LEU A 881 -4.89 -49.27 -20.11
C LEU A 881 -5.55 -50.19 -19.07
N PRO A 882 -4.79 -51.14 -18.49
CA PRO A 882 -5.37 -51.98 -17.44
C PRO A 882 -5.40 -51.31 -16.06
N SER A 883 -6.19 -51.90 -15.13
CA SER A 883 -6.27 -51.47 -13.73
C SER A 883 -5.35 -52.42 -13.00
N LEU A 884 -5.58 -53.76 -13.19
CA LEU A 884 -4.80 -54.84 -12.59
C LEU A 884 -4.29 -55.74 -13.69
N ARG A 885 -3.17 -56.41 -13.45
CA ARG A 885 -2.54 -57.27 -14.44
C ARG A 885 -1.61 -58.24 -13.76
N PRO A 886 -1.78 -59.57 -13.97
CA PRO A 886 -0.87 -60.54 -13.35
C PRO A 886 0.57 -60.36 -13.82
N GLY A 887 1.48 -60.35 -12.85
CA GLY A 887 2.89 -60.12 -13.11
C GLY A 887 3.32 -58.68 -12.81
N VAL A 888 2.31 -57.82 -12.66
CA VAL A 888 2.53 -56.42 -12.37
C VAL A 888 1.86 -56.17 -11.05
N GLU A 889 2.61 -55.59 -10.09
CA GLU A 889 2.13 -55.22 -8.76
C GLU A 889 0.92 -54.25 -8.89
N ALA A 890 -0.08 -54.41 -8.04
CA ALA A 890 -1.30 -53.57 -8.11
C ALA A 890 -1.04 -52.07 -8.24
N TRP A 891 -0.20 -51.51 -7.35
CA TRP A 891 0.16 -50.10 -7.39
C TRP A 891 0.94 -49.77 -8.65
N GLN A 892 1.84 -50.66 -9.04
CA GLN A 892 2.63 -50.47 -10.25
C GLN A 892 1.73 -50.33 -11.50
N GLN A 893 0.69 -51.18 -11.65
CA GLN A 893 -0.24 -51.13 -12.79
C GLN A 893 -1.13 -49.90 -12.78
N MET A 894 -1.74 -49.60 -11.62
CA MET A 894 -2.60 -48.45 -11.38
C MET A 894 -1.88 -47.08 -11.69
N LEU A 895 -0.66 -46.91 -11.18
CA LEU A 895 0.17 -45.72 -11.38
C LEU A 895 0.73 -45.63 -12.80
N GLN A 896 1.15 -46.77 -13.41
CA GLN A 896 1.63 -46.70 -14.81
C GLN A 896 0.47 -46.23 -15.71
N SER A 897 -0.75 -46.69 -15.41
CA SER A 897 -1.93 -46.29 -16.16
C SER A 897 -2.30 -44.81 -15.91
N LEU A 898 -2.21 -44.35 -14.65
CA LEU A 898 -2.44 -42.95 -14.28
C LEU A 898 -1.50 -41.98 -14.99
N GLY A 899 -0.22 -42.29 -15.02
CA GLY A 899 0.79 -41.50 -15.73
C GLY A 899 0.47 -41.40 -17.21
N GLN A 900 -0.12 -42.48 -17.78
CA GLN A 900 -0.48 -42.49 -19.19
C GLN A 900 -1.72 -41.68 -19.49
N LEU A 901 -2.64 -41.56 -18.48
CA LEU A 901 -3.83 -40.72 -18.60
C LEU A 901 -3.39 -39.24 -18.49
N TYR A 902 -2.39 -38.98 -17.63
CA TYR A 902 -1.84 -37.65 -17.46
C TYR A 902 -1.14 -37.21 -18.76
N MET A 903 -0.64 -38.19 -19.57
CA MET A 903 -0.04 -37.89 -20.89
C MET A 903 -1.09 -37.51 -21.93
N LYS A 904 -2.35 -37.96 -21.74
CA LYS A 904 -3.46 -37.65 -22.64
C LYS A 904 -4.06 -36.25 -22.39
N GLY A 905 -3.85 -35.72 -21.19
CA GLY A 905 -4.35 -34.41 -20.81
C GLY A 905 -5.50 -34.52 -19.83
N ILE A 906 -5.72 -35.74 -19.33
CA ILE A 906 -6.79 -35.99 -18.36
C ILE A 906 -6.43 -35.23 -17.09
N LYS A 907 -7.37 -34.42 -16.58
CA LYS A 907 -7.12 -33.64 -15.38
C LYS A 907 -7.27 -34.56 -14.18
N VAL A 908 -6.15 -34.83 -13.54
CA VAL A 908 -6.06 -35.74 -12.42
C VAL A 908 -6.27 -34.94 -11.13
N ASN A 909 -6.98 -35.54 -10.17
CA ASN A 909 -7.19 -34.94 -8.88
C ASN A 909 -5.99 -35.44 -8.04
N TRP A 910 -4.87 -34.71 -8.14
CA TRP A 910 -3.61 -35.03 -7.46
C TRP A 910 -3.74 -34.90 -5.96
N SER A 911 -4.66 -34.00 -5.51
CA SER A 911 -5.00 -33.81 -4.10
C SER A 911 -5.62 -35.12 -3.62
N GLY A 912 -6.57 -35.63 -4.43
CA GLY A 912 -7.28 -36.87 -4.22
C GLY A 912 -6.37 -38.08 -4.22
N PHE A 913 -5.42 -38.11 -5.17
CA PHE A 913 -4.45 -39.18 -5.31
C PHE A 913 -3.56 -39.42 -4.08
N ASP A 914 -3.24 -38.36 -3.28
CA ASP A 914 -2.38 -38.47 -2.06
C ASP A 914 -3.11 -38.14 -0.72
N GLN A 915 -4.45 -38.06 -0.74
CA GLN A 915 -5.34 -37.74 0.40
C GLN A 915 -5.20 -38.67 1.62
N ASP A 916 -5.20 -39.99 1.38
CA ASP A 916 -5.15 -41.01 2.44
C ASP A 916 -3.72 -41.27 2.98
N TYR A 917 -2.75 -40.45 2.56
CA TYR A 917 -1.35 -40.63 2.96
C TYR A 917 -0.80 -39.42 3.71
N ALA A 918 0.22 -39.66 4.53
CA ALA A 918 0.85 -38.65 5.37
C ALA A 918 1.85 -37.82 4.56
N CYS A 919 1.35 -36.96 3.65
CA CYS A 919 2.22 -36.12 2.81
C CYS A 919 2.36 -34.71 3.35
N HIS A 920 3.53 -34.12 3.13
CA HIS A 920 3.86 -32.77 3.55
C HIS A 920 4.49 -32.03 2.41
N LYS A 921 4.08 -30.77 2.20
CA LYS A 921 4.67 -29.89 1.17
C LYS A 921 6.12 -29.58 1.57
N VAL A 922 7.06 -29.88 0.66
CA VAL A 922 8.49 -29.64 0.86
C VAL A 922 8.98 -28.61 -0.15
N ALA A 923 10.25 -28.19 -0.05
CA ALA A 923 10.79 -27.26 -1.04
C ALA A 923 11.29 -28.11 -2.21
N ILE A 924 10.88 -27.74 -3.43
CA ILE A 924 11.26 -28.47 -4.65
C ILE A 924 11.75 -27.47 -5.72
N PRO A 925 12.45 -27.90 -6.81
CA PRO A 925 12.89 -26.90 -7.82
C PRO A 925 11.84 -26.00 -8.45
N THR A 926 12.23 -24.74 -8.70
CA THR A 926 11.42 -23.73 -9.38
C THR A 926 11.61 -23.87 -10.89
N TYR A 927 10.85 -23.10 -11.68
CA TYR A 927 10.86 -23.21 -13.13
C TYR A 927 12.22 -22.83 -13.77
N PRO A 928 12.74 -23.68 -14.72
CA PRO A 928 14.00 -23.33 -15.43
C PRO A 928 13.79 -22.43 -16.66
N PHE A 929 13.75 -21.09 -16.44
CA PHE A 929 13.55 -20.10 -17.51
C PHE A 929 14.50 -20.21 -18.67
N GLN A 930 13.96 -20.35 -19.86
CA GLN A 930 14.70 -20.49 -21.13
C GLN A 930 15.07 -19.12 -21.67
N ARG A 931 16.22 -18.63 -21.22
CA ARG A 931 16.68 -17.28 -21.52
C ARG A 931 17.28 -17.00 -22.87
N GLU A 932 16.87 -15.84 -23.42
CA GLU A 932 17.37 -15.25 -24.64
C GLU A 932 17.60 -13.74 -24.51
N SER A 933 18.64 -13.20 -25.23
CA SER A 933 19.08 -11.80 -25.17
C SER A 933 18.22 -10.84 -25.95
N TYR A 934 17.66 -9.84 -25.24
CA TYR A 934 16.84 -8.78 -25.82
C TYR A 934 17.33 -7.41 -25.31
N TRP A 935 17.55 -6.45 -26.26
CA TRP A 935 18.06 -5.09 -25.97
C TRP A 935 17.67 -4.10 -27.11
N ILE A 936 18.59 -3.17 -27.48
CA ILE A 936 18.52 -2.18 -28.59
C ILE A 936 17.10 -1.61 -28.90
N SER B 12 -25.14 -4.52 45.26
CA SER B 12 -26.20 -5.51 45.43
C SER B 12 -27.01 -5.73 44.13
N LEU B 13 -26.29 -6.10 43.06
CA LEU B 13 -26.87 -6.30 41.73
C LEU B 13 -27.06 -7.75 41.34
N SER B 14 -28.17 -8.07 40.65
CA SER B 14 -28.46 -9.41 40.16
C SER B 14 -27.57 -9.73 38.96
N ALA B 15 -27.60 -11.00 38.48
CA ALA B 15 -26.77 -11.42 37.37
C ALA B 15 -27.16 -10.69 36.09
N LEU B 16 -28.50 -10.57 35.84
CA LEU B 16 -29.08 -9.90 34.66
C LEU B 16 -28.75 -8.42 34.62
N GLN B 17 -28.87 -7.71 35.76
CA GLN B 17 -28.55 -6.29 35.86
C GLN B 17 -27.08 -6.12 35.42
N ARG B 18 -26.14 -6.84 36.08
CA ARG B 18 -24.70 -6.82 35.81
C ARG B 18 -24.36 -7.03 34.33
N ALA B 19 -24.99 -8.05 33.71
CA ALA B 19 -24.84 -8.42 32.30
C ALA B 19 -25.26 -7.26 31.41
N LEU B 20 -26.50 -6.73 31.59
CA LEU B 20 -27.04 -5.59 30.83
C LEU B 20 -26.16 -4.32 30.98
N ILE B 21 -25.47 -4.16 32.12
CA ILE B 21 -24.54 -3.06 32.38
C ILE B 21 -23.28 -3.31 31.56
N ALA B 22 -22.74 -4.55 31.65
CA ALA B 22 -21.53 -4.98 30.95
C ALA B 22 -21.76 -4.99 29.44
N LEU B 23 -23.02 -5.28 29.01
CA LEU B 23 -23.44 -5.34 27.62
C LEU B 23 -23.49 -3.93 27.03
N LYS B 24 -24.05 -2.95 27.79
CA LYS B 24 -24.15 -1.55 27.39
C LYS B 24 -22.74 -1.00 27.08
N ASP B 25 -21.76 -1.32 27.93
CA ASP B 25 -20.37 -0.92 27.82
C ASP B 25 -19.68 -1.55 26.59
N ALA B 26 -19.85 -2.88 26.41
CA ALA B 26 -19.31 -3.68 25.30
C ALA B 26 -19.81 -3.16 23.97
N ARG B 27 -21.11 -2.87 23.89
CA ARG B 27 -21.75 -2.29 22.71
C ARG B 27 -21.13 -0.92 22.34
N SER B 28 -21.00 -0.05 23.34
CA SER B 28 -20.42 1.29 23.20
C SER B 28 -18.98 1.20 22.68
N LYS B 29 -18.12 0.40 23.37
CA LYS B 29 -16.73 0.12 22.99
C LYS B 29 -16.60 -0.33 21.52
N LEU B 30 -17.55 -1.16 21.05
CA LEU B 30 -17.64 -1.69 19.69
C LEU B 30 -18.08 -0.62 18.68
N GLU B 31 -19.19 0.12 18.97
CA GLU B 31 -19.74 1.24 18.19
C GLU B 31 -18.64 2.31 17.99
N LYS B 32 -17.94 2.69 19.08
CA LYS B 32 -16.86 3.67 19.05
C LYS B 32 -15.74 3.30 18.08
N TYR B 33 -15.24 2.05 18.18
CA TYR B 33 -14.16 1.48 17.35
C TYR B 33 -14.57 1.42 15.88
N GLU B 34 -15.80 0.91 15.61
CA GLU B 34 -16.36 0.76 14.28
C GLU B 34 -16.51 2.13 13.63
N THR B 35 -16.81 3.16 14.44
CA THR B 35 -16.97 4.55 13.99
C THR B 35 -15.63 5.11 13.53
N GLN B 36 -14.59 5.00 14.36
CA GLN B 36 -13.31 5.55 13.96
C GLN B 36 -12.64 4.84 12.76
N SER B 37 -12.95 3.55 12.56
CA SER B 37 -12.45 2.76 11.43
C SER B 37 -13.07 3.21 10.08
N LYS B 38 -14.30 3.73 10.13
CA LYS B 38 -15.04 4.21 8.95
C LYS B 38 -15.23 5.74 9.04
N GLU B 39 -14.39 6.41 9.83
CA GLU B 39 -14.49 7.84 10.06
C GLU B 39 -14.36 8.68 8.81
N PRO B 40 -15.29 9.62 8.55
CA PRO B 40 -15.12 10.50 7.38
C PRO B 40 -13.86 11.34 7.52
N ILE B 41 -13.15 11.55 6.42
CA ILE B 41 -11.93 12.36 6.38
C ILE B 41 -12.30 13.71 5.78
N ALA B 42 -12.15 14.79 6.56
CA ALA B 42 -12.50 16.11 6.11
C ALA B 42 -11.50 16.72 5.15
N ILE B 43 -12.00 17.39 4.08
CA ILE B 43 -11.19 18.15 3.11
C ILE B 43 -11.20 19.60 3.60
N ILE B 44 -10.05 20.11 4.10
CA ILE B 44 -10.04 21.44 4.72
C ILE B 44 -9.45 22.62 3.93
N GLY B 45 -8.92 22.33 2.76
CA GLY B 45 -8.36 23.29 1.82
C GLY B 45 -7.82 22.58 0.59
N MET B 46 -7.77 23.30 -0.54
CA MET B 46 -7.28 22.79 -1.82
C MET B 46 -6.72 23.93 -2.60
N SER B 47 -5.83 23.62 -3.52
CA SER B 47 -5.29 24.57 -4.50
C SER B 47 -4.91 23.78 -5.74
N CYS B 48 -4.70 24.46 -6.85
CA CYS B 48 -4.44 23.84 -8.11
C CYS B 48 -3.80 24.76 -9.11
N ARG B 49 -3.33 24.17 -10.18
CA ARG B 49 -2.86 24.79 -11.39
C ARG B 49 -3.43 23.87 -12.44
N PHE B 50 -4.49 24.32 -13.11
CA PHE B 50 -5.12 23.56 -14.21
C PHE B 50 -5.13 24.38 -15.52
N PRO B 51 -5.31 23.76 -16.70
CA PRO B 51 -5.39 24.54 -17.95
C PRO B 51 -6.55 25.56 -17.91
N GLY B 52 -6.47 26.59 -18.78
CA GLY B 52 -7.44 27.67 -18.86
C GLY B 52 -7.12 28.79 -17.88
N GLY B 53 -5.82 28.92 -17.58
CA GLY B 53 -5.30 29.87 -16.63
C GLY B 53 -5.80 29.65 -15.22
N VAL B 54 -6.28 28.45 -14.91
CA VAL B 54 -6.79 28.12 -13.57
C VAL B 54 -5.62 28.02 -12.57
N ASP B 55 -5.71 28.77 -11.46
CA ASP B 55 -4.66 28.80 -10.45
C ASP B 55 -5.24 28.84 -9.05
N SER B 56 -6.53 28.53 -8.91
CA SER B 56 -7.27 28.51 -7.64
C SER B 56 -8.56 27.70 -7.75
N PRO B 57 -9.11 27.12 -6.66
CA PRO B 57 -10.43 26.46 -6.77
C PRO B 57 -11.51 27.40 -7.34
N GLU B 58 -11.38 28.75 -7.12
CA GLU B 58 -12.36 29.75 -7.60
C GLU B 58 -12.33 29.93 -9.10
N SER B 59 -11.13 30.01 -9.68
CA SER B 59 -10.97 30.15 -11.14
C SER B 59 -11.40 28.89 -11.86
N PHE B 60 -11.20 27.70 -11.22
CA PHE B 60 -11.55 26.38 -11.75
C PHE B 60 -13.06 26.26 -11.78
N TRP B 61 -13.74 26.79 -10.76
CA TRP B 61 -15.19 26.71 -10.74
C TRP B 61 -15.82 27.63 -11.77
N GLN B 62 -15.14 28.71 -12.18
CA GLN B 62 -15.66 29.54 -13.24
C GLN B 62 -15.57 28.78 -14.53
N LEU B 63 -14.47 28.08 -14.77
CA LEU B 63 -14.24 27.31 -15.99
C LEU B 63 -15.32 26.27 -16.16
N LEU B 64 -15.58 25.52 -15.08
CA LEU B 64 -16.58 24.47 -15.03
C LEU B 64 -17.97 25.04 -15.12
N ASN B 65 -18.29 26.09 -14.32
CA ASN B 65 -19.59 26.80 -14.27
C ASN B 65 -20.03 27.27 -15.67
N ASP B 66 -19.18 28.05 -16.33
CA ASP B 66 -19.41 28.62 -17.63
C ASP B 66 -19.16 27.65 -18.78
N GLY B 67 -18.97 26.38 -18.48
CA GLY B 67 -18.71 25.36 -19.49
C GLY B 67 -17.65 25.74 -20.50
N VAL B 68 -16.53 26.29 -20.00
CA VAL B 68 -15.40 26.74 -20.83
C VAL B 68 -14.57 25.52 -21.16
N ASP B 69 -14.10 25.44 -22.44
CA ASP B 69 -13.19 24.45 -23.02
C ASP B 69 -11.81 25.10 -22.97
N ALA B 70 -10.92 24.55 -22.15
CA ALA B 70 -9.57 25.07 -21.92
C ALA B 70 -8.49 24.50 -22.81
N ILE B 71 -8.87 23.70 -23.81
CA ILE B 71 -7.90 23.10 -24.73
C ILE B 71 -7.36 24.13 -25.71
N SER B 72 -6.09 24.01 -26.05
CA SER B 72 -5.36 24.86 -26.98
C SER B 72 -4.26 24.08 -27.71
N GLU B 73 -3.66 24.69 -28.73
CA GLU B 73 -2.56 24.12 -29.46
C GLU B 73 -1.30 24.11 -28.56
N VAL B 74 -0.34 23.23 -28.84
CA VAL B 74 0.88 23.18 -28.01
C VAL B 74 1.66 24.49 -28.09
N PRO B 75 1.93 25.11 -26.92
CA PRO B 75 2.65 26.39 -26.92
C PRO B 75 3.99 26.31 -27.62
N SER B 76 4.34 27.37 -28.39
CA SER B 76 5.57 27.49 -29.18
C SER B 76 6.82 27.29 -28.34
N ASN B 77 6.79 27.73 -27.06
CA ASN B 77 7.90 27.58 -26.13
C ASN B 77 8.02 26.18 -25.46
N ARG B 78 7.02 25.29 -25.67
CA ARG B 78 7.08 23.93 -25.15
C ARG B 78 7.80 23.09 -26.16
N TRP B 79 7.20 22.88 -27.33
CA TRP B 79 7.83 22.15 -28.44
C TRP B 79 7.17 22.51 -29.76
N ASN B 80 7.91 22.39 -30.88
CA ASN B 80 7.36 22.76 -32.18
C ASN B 80 6.41 21.68 -32.66
N ILE B 81 5.10 21.93 -32.48
CA ILE B 81 4.08 20.98 -32.86
C ILE B 81 4.09 20.63 -34.35
N ASN B 82 4.40 21.62 -35.19
CA ASN B 82 4.50 21.47 -36.64
C ASN B 82 5.48 20.39 -37.09
N ASN B 83 6.46 20.07 -36.24
CA ASN B 83 7.45 19.04 -36.54
C ASN B 83 7.03 17.62 -36.09
N TYR B 84 5.94 17.52 -35.31
CA TYR B 84 5.49 16.23 -34.79
C TYR B 84 4.04 15.90 -35.17
N TYR B 85 3.29 16.86 -35.74
CA TYR B 85 1.91 16.59 -36.14
C TYR B 85 1.77 16.06 -37.54
N ASP B 86 0.93 15.06 -37.68
CA ASP B 86 0.58 14.46 -38.95
C ASP B 86 -0.85 13.97 -38.80
N PRO B 87 -1.77 14.39 -39.70
CA PRO B 87 -3.17 13.95 -39.56
C PRO B 87 -3.35 12.44 -39.78
N ASP B 88 -2.59 11.90 -40.79
CA ASP B 88 -2.60 10.50 -41.17
C ASP B 88 -2.47 9.54 -39.98
N PRO B 89 -3.55 8.76 -39.67
CA PRO B 89 -3.51 7.81 -38.55
C PRO B 89 -2.62 6.59 -38.82
N ASP B 90 -1.88 6.62 -39.95
CA ASP B 90 -0.93 5.58 -40.37
C ASP B 90 0.52 6.11 -40.26
N ALA B 91 0.66 7.42 -39.91
CA ALA B 91 1.96 8.09 -39.77
C ALA B 91 2.76 7.55 -38.60
N THR B 92 4.03 7.24 -38.87
CA THR B 92 4.98 6.69 -37.91
C THR B 92 5.76 7.79 -37.21
N GLY B 93 5.82 7.71 -35.89
CA GLY B 93 6.54 8.65 -35.03
C GLY B 93 5.99 10.07 -35.03
N LYS B 94 4.64 10.19 -35.06
CA LYS B 94 3.95 11.47 -35.09
C LYS B 94 2.82 11.58 -34.08
N ILE B 95 2.40 12.82 -33.77
CA ILE B 95 1.33 13.11 -32.83
C ILE B 95 0.03 13.33 -33.62
N SER B 96 -1.03 12.62 -33.21
CA SER B 96 -2.36 12.56 -33.83
C SER B 96 -3.10 13.87 -33.89
N THR B 97 -2.83 14.74 -32.90
CA THR B 97 -3.47 16.04 -32.73
C THR B 97 -2.41 17.10 -32.48
N ARG B 98 -2.80 18.36 -32.66
CA ARG B 98 -1.88 19.46 -32.38
C ARG B 98 -2.27 20.24 -31.12
N ASP B 99 -3.27 19.74 -30.38
CA ASP B 99 -3.84 20.32 -29.17
C ASP B 99 -3.45 19.65 -27.85
N GLY B 100 -3.90 20.23 -26.76
CA GLY B 100 -3.66 19.73 -25.41
C GLY B 100 -4.14 20.72 -24.37
N GLY B 101 -4.31 20.26 -23.13
CA GLY B 101 -4.67 21.10 -22.00
C GLY B 101 -3.37 21.55 -21.34
N PHE B 102 -2.96 22.81 -21.61
CA PHE B 102 -1.67 23.34 -21.09
C PHE B 102 -1.76 24.37 -19.97
N LEU B 103 -0.69 24.45 -19.19
CA LEU B 103 -0.55 25.44 -18.13
C LEU B 103 0.04 26.72 -18.74
N SER B 104 -0.53 27.87 -18.34
CA SER B 104 -0.18 29.24 -18.78
C SER B 104 1.32 29.56 -18.74
N GLN B 105 2.01 29.04 -17.72
CA GLN B 105 3.46 29.12 -17.52
C GLN B 105 3.85 27.92 -16.65
N ILE B 106 5.08 27.39 -16.81
CA ILE B 106 5.57 26.24 -16.03
C ILE B 106 6.98 26.50 -15.49
N ASP B 107 7.75 27.43 -16.16
CA ASP B 107 9.12 27.88 -15.80
C ASP B 107 9.20 28.89 -14.61
N GLY B 108 8.08 29.53 -14.29
CA GLY B 108 7.98 30.50 -13.21
C GLY B 108 7.97 29.87 -11.83
N PHE B 109 8.79 30.43 -10.94
CA PHE B 109 8.98 29.95 -9.58
C PHE B 109 9.61 31.01 -8.66
N ASP B 110 9.11 31.10 -7.41
CA ASP B 110 9.65 31.98 -6.39
C ASP B 110 10.72 31.19 -5.58
N ALA B 111 11.88 30.99 -6.20
CA ALA B 111 13.02 30.29 -5.59
C ALA B 111 13.45 30.87 -4.22
N PRO B 112 13.58 32.22 -4.05
CA PRO B 112 14.04 32.73 -2.74
C PRO B 112 13.08 32.41 -1.62
N PHE B 113 11.77 32.48 -1.89
CA PHE B 113 10.76 32.13 -0.91
C PHE B 113 11.04 30.74 -0.31
N PHE B 114 11.39 29.81 -1.19
CA PHE B 114 11.62 28.42 -0.86
C PHE B 114 13.06 28.13 -0.45
N CYS B 115 13.96 29.14 -0.61
CA CYS B 115 15.39 29.07 -0.26
C CYS B 115 16.13 28.12 -1.17
N ILE B 116 15.89 28.26 -2.45
CA ILE B 116 16.52 27.45 -3.48
C ILE B 116 17.44 28.39 -4.24
N SER B 117 18.75 28.09 -4.29
CA SER B 117 19.72 28.90 -5.03
C SER B 117 19.37 28.90 -6.55
N PRO B 118 19.90 29.85 -7.37
CA PRO B 118 19.58 29.82 -8.79
C PRO B 118 20.28 28.65 -9.48
N ARG B 119 21.40 28.14 -8.92
CA ARG B 119 22.10 26.98 -9.48
C ARG B 119 21.26 25.72 -9.25
N GLU B 120 20.61 25.64 -8.05
CA GLU B 120 19.75 24.53 -7.67
C GLU B 120 18.48 24.51 -8.51
N VAL B 121 17.91 25.70 -8.80
CA VAL B 121 16.67 25.82 -9.57
C VAL B 121 16.80 25.43 -11.06
N GLN B 122 17.98 25.64 -11.69
CA GLN B 122 18.22 25.31 -13.09
C GLN B 122 17.83 23.87 -13.44
N SER B 123 18.18 22.91 -12.55
CA SER B 123 17.90 21.48 -12.67
C SER B 123 16.65 21.00 -11.87
N LEU B 124 15.95 21.94 -11.21
CA LEU B 124 14.78 21.60 -10.42
C LEU B 124 13.55 21.44 -11.30
N ASP B 125 13.10 20.19 -11.43
CA ASP B 125 11.94 19.72 -12.19
C ASP B 125 10.75 20.63 -11.89
N PRO B 126 10.12 21.19 -12.95
CA PRO B 126 8.94 22.06 -12.74
C PRO B 126 7.85 21.44 -11.85
N GLN B 127 7.71 20.10 -11.84
CA GLN B 127 6.73 19.37 -11.02
C GLN B 127 6.93 19.68 -9.57
N GLN B 128 8.20 19.80 -9.13
CA GLN B 128 8.61 20.11 -7.75
C GLN B 128 8.26 21.55 -7.43
N ARG B 129 8.44 22.46 -8.43
CA ARG B 129 8.12 23.88 -8.34
C ARG B 129 6.65 24.07 -8.07
N LEU B 130 5.79 23.42 -8.88
CA LEU B 130 4.34 23.51 -8.70
C LEU B 130 3.91 22.88 -7.41
N LEU B 131 4.54 21.77 -7.04
CA LEU B 131 4.14 21.12 -5.79
C LEU B 131 4.34 22.02 -4.57
N LEU B 132 5.47 22.76 -4.51
CA LEU B 132 5.77 23.70 -3.42
C LEU B 132 4.75 24.82 -3.36
N GLU B 133 4.52 25.54 -4.50
CA GLU B 133 3.52 26.63 -4.55
C GLU B 133 2.14 26.15 -4.14
N VAL B 134 1.68 25.06 -4.80
CA VAL B 134 0.36 24.49 -4.62
C VAL B 134 0.08 24.00 -3.23
N SER B 135 1.09 23.37 -2.59
CA SER B 135 0.94 22.87 -1.20
C SER B 135 0.87 24.05 -0.23
N TRP B 136 1.75 25.08 -0.44
CA TRP B 136 1.80 26.28 0.38
C TRP B 136 0.42 26.96 0.40
N GLU B 137 -0.18 27.13 -0.78
CA GLU B 137 -1.52 27.72 -0.90
C GLU B 137 -2.59 26.85 -0.22
N ALA B 138 -2.52 25.51 -0.40
CA ALA B 138 -3.50 24.59 0.20
C ALA B 138 -3.54 24.72 1.73
N ILE B 139 -2.35 24.77 2.35
CA ILE B 139 -2.20 24.93 3.80
C ILE B 139 -2.74 26.30 4.24
N GLU B 140 -2.44 27.38 3.44
CA GLU B 140 -2.91 28.74 3.75
C GLU B 140 -4.41 28.83 3.72
N ARG B 141 -5.02 28.21 2.71
CA ARG B 141 -6.46 28.17 2.50
C ARG B 141 -7.14 27.34 3.57
N ALA B 142 -6.44 26.34 4.13
CA ALA B 142 -6.95 25.50 5.19
C ALA B 142 -6.91 26.24 6.53
N ASN B 143 -6.17 27.39 6.56
CA ASN B 143 -5.96 28.32 7.70
C ASN B 143 -5.24 27.61 8.85
N ILE B 144 -4.21 26.82 8.50
CA ILE B 144 -3.43 26.10 9.50
C ILE B 144 -2.47 27.07 10.16
N VAL B 145 -2.45 27.08 11.52
CA VAL B 145 -1.57 27.94 12.30
C VAL B 145 -0.11 27.52 12.09
N PRO B 146 0.74 28.44 11.59
CA PRO B 146 2.12 28.07 11.29
C PRO B 146 2.87 27.25 12.35
N ASP B 147 2.77 27.61 13.65
CA ASP B 147 3.47 26.87 14.73
C ASP B 147 2.97 25.43 14.92
N GLN B 148 1.73 25.14 14.48
CA GLN B 148 1.11 23.82 14.58
C GLN B 148 1.51 22.91 13.42
N LEU B 149 2.00 23.51 12.31
CA LEU B 149 2.41 22.76 11.14
C LEU B 149 3.91 22.40 11.18
N PHE B 150 4.74 23.37 11.54
CA PHE B 150 6.17 23.13 11.61
C PHE B 150 6.48 22.19 12.76
N ASN B 151 7.32 21.15 12.47
CA ASN B 151 7.73 20.07 13.37
C ASN B 151 6.51 19.29 13.88
N SER B 152 5.78 18.69 12.92
CA SER B 152 4.52 17.96 13.13
C SER B 152 4.41 16.65 12.34
N LEU B 153 3.55 15.77 12.85
CA LEU B 153 3.25 14.47 12.30
C LEU B 153 2.21 14.61 11.19
N THR B 154 2.69 15.00 10.01
CA THR B 154 1.86 15.22 8.84
C THR B 154 2.36 14.36 7.73
N GLY B 155 1.43 13.64 7.11
CA GLY B 155 1.71 12.80 5.95
C GLY B 155 1.72 13.55 4.63
N VAL B 156 2.52 13.06 3.69
CA VAL B 156 2.62 13.56 2.32
C VAL B 156 2.46 12.36 1.36
N PHE B 157 1.32 12.30 0.63
CA PHE B 157 0.94 11.24 -0.31
C PHE B 157 0.67 11.86 -1.68
N ILE B 158 1.64 11.77 -2.57
CA ILE B 158 1.53 12.39 -3.88
C ILE B 158 1.66 11.43 -5.06
N GLY B 159 0.72 11.55 -5.99
CA GLY B 159 0.76 10.87 -7.27
C GLY B 159 1.72 11.64 -8.17
N ILE B 160 2.90 11.04 -8.42
CA ILE B 160 3.96 11.65 -9.21
C ILE B 160 4.92 10.62 -9.82
N GLY B 161 5.11 10.75 -11.13
CA GLY B 161 6.05 9.95 -11.90
C GLY B 161 7.08 10.90 -12.46
N SER B 162 8.22 10.39 -12.95
CA SER B 162 9.26 11.26 -13.49
C SER B 162 8.82 12.02 -14.74
N SER B 163 9.33 13.25 -14.90
CA SER B 163 9.08 14.10 -16.07
C SER B 163 10.34 14.03 -16.95
N ASP B 164 10.27 14.66 -18.11
CA ASP B 164 11.38 14.66 -19.06
C ASP B 164 12.49 15.66 -18.69
N TYR B 165 12.24 16.58 -17.74
CA TYR B 165 13.15 17.67 -17.37
C TYR B 165 14.65 17.36 -17.42
N LEU B 166 15.05 16.25 -16.76
CA LEU B 166 16.45 15.79 -16.75
C LEU B 166 16.90 15.35 -18.16
N ASN B 167 16.00 14.80 -19.01
CA ASN B 167 16.36 14.37 -20.37
C ASN B 167 16.81 15.58 -21.15
N GLN B 168 16.07 16.69 -21.08
CA GLN B 168 16.49 17.94 -21.73
C GLN B 168 17.72 18.65 -21.05
N LEU B 169 18.04 18.27 -19.78
CA LEU B 169 19.21 18.76 -19.01
C LEU B 169 20.47 18.03 -19.51
N ALA B 170 20.35 16.68 -19.68
CA ALA B 170 21.37 15.73 -20.13
C ALA B 170 21.94 16.04 -21.52
N THR B 171 21.09 16.61 -22.41
CA THR B 171 21.39 17.02 -23.80
C THR B 171 22.27 18.28 -23.84
N SER B 172 22.26 19.05 -22.73
CA SER B 172 22.93 20.34 -22.56
C SER B 172 24.15 20.40 -21.62
N GLU B 173 24.24 19.55 -20.58
CA GLU B 173 25.38 19.66 -19.64
C GLU B 173 25.95 18.36 -19.00
N VAL B 174 27.04 18.49 -18.21
CA VAL B 174 27.64 17.37 -17.46
C VAL B 174 26.79 17.19 -16.20
N PRO B 175 26.52 15.94 -15.79
CA PRO B 175 25.67 15.75 -14.60
C PRO B 175 26.21 16.39 -13.31
N GLN B 176 25.29 17.03 -12.54
CA GLN B 176 25.54 17.77 -11.28
C GLN B 176 24.83 17.06 -10.12
N ALA B 177 25.19 17.39 -8.88
CA ALA B 177 24.60 16.80 -7.67
C ALA B 177 23.11 17.03 -7.56
N TYR B 178 22.70 18.26 -7.91
CA TYR B 178 21.33 18.77 -7.88
C TYR B 178 20.33 18.09 -8.79
N TRP B 179 20.82 17.44 -9.86
CA TRP B 179 20.05 16.73 -10.84
C TRP B 179 19.26 15.61 -10.20
N GLY B 180 19.85 15.01 -9.14
CA GLY B 180 19.28 13.95 -8.33
C GLY B 180 18.07 14.44 -7.56
N THR B 181 18.28 15.28 -6.55
CA THR B 181 17.22 15.86 -5.70
C THR B 181 16.25 16.78 -6.45
N GLY B 182 16.66 17.23 -7.63
CA GLY B 182 15.85 18.13 -8.45
C GLY B 182 14.92 17.40 -9.38
N ASN B 183 15.10 16.09 -9.53
CA ASN B 183 14.30 15.32 -10.47
C ASN B 183 13.71 14.01 -9.97
N ALA B 184 14.21 13.46 -8.85
CA ALA B 184 13.69 12.20 -8.31
C ALA B 184 12.31 12.41 -7.70
N PRO B 185 11.28 11.63 -8.08
CA PRO B 185 9.93 11.84 -7.51
C PRO B 185 9.86 11.76 -5.98
N SER B 186 10.76 10.95 -5.36
CA SER B 186 10.91 10.81 -3.91
C SER B 186 11.42 12.12 -3.34
N ALA B 187 12.41 12.73 -4.02
CA ALA B 187 12.98 14.03 -3.66
C ALA B 187 11.93 15.13 -3.64
N ALA B 188 11.00 15.09 -4.65
CA ALA B 188 9.87 16.01 -4.79
C ALA B 188 8.96 16.00 -3.58
N THR B 189 8.60 14.81 -3.08
CA THR B 189 7.72 14.67 -1.92
C THR B 189 8.52 14.93 -0.66
N GLY B 190 9.80 14.55 -0.72
CA GLY B 190 10.78 14.74 0.34
C GLY B 190 10.94 16.20 0.67
N ARG B 191 11.13 17.01 -0.36
CA ARG B 191 11.25 18.47 -0.26
C ARG B 191 10.04 19.16 0.39
N LEU B 192 8.84 18.62 0.13
CA LEU B 192 7.61 19.17 0.74
C LEU B 192 7.70 19.06 2.26
N SER B 193 8.14 17.90 2.77
CA SER B 193 8.33 17.63 4.19
C SER B 193 9.45 18.46 4.75
N TYR B 194 10.53 18.62 3.93
CA TYR B 194 11.70 19.40 4.32
C TYR B 194 11.36 20.87 4.52
N ILE B 195 10.76 21.50 3.52
CA ILE B 195 10.37 22.91 3.62
C ILE B 195 9.23 23.18 4.64
N LEU B 196 8.19 22.31 4.66
CA LEU B 196 7.04 22.52 5.53
C LEU B 196 7.21 22.06 6.95
N GLY B 197 8.32 21.41 7.26
CA GLY B 197 8.63 20.86 8.59
C GLY B 197 7.72 19.74 9.02
N LEU B 198 7.52 18.72 8.13
CA LEU B 198 6.60 17.58 8.37
C LEU B 198 7.32 16.24 8.62
N THR B 199 6.94 15.56 9.70
CA THR B 199 7.61 14.32 10.11
C THR B 199 6.82 13.00 9.93
N GLY B 200 5.56 13.08 9.47
CA GLY B 200 4.74 11.89 9.27
C GLY B 200 5.08 11.10 8.01
N PRO B 201 4.27 10.06 7.67
CA PRO B 201 4.59 9.26 6.46
C PRO B 201 4.67 10.07 5.17
N ASN B 202 5.60 9.74 4.28
CA ASN B 202 5.79 10.44 3.02
C ASN B 202 6.00 9.40 1.87
N LEU B 203 5.22 9.50 0.78
CA LEU B 203 5.40 8.60 -0.34
C LEU B 203 4.94 9.15 -1.67
N ALA B 204 5.63 8.73 -2.74
CA ALA B 204 5.32 9.03 -4.12
C ALA B 204 4.73 7.76 -4.81
N VAL B 205 3.48 7.84 -5.30
CA VAL B 205 2.79 6.74 -5.98
C VAL B 205 2.63 6.99 -7.44
N GLU B 206 2.74 5.93 -8.20
CA GLU B 206 2.60 5.97 -9.63
C GLU B 206 1.74 4.77 -10.05
N THR B 207 0.45 5.01 -10.32
CA THR B 207 -0.46 3.95 -10.78
C THR B 207 -1.15 4.37 -12.10
N ALA B 208 -0.50 5.31 -12.86
CA ALA B 208 -0.93 5.97 -14.10
C ALA B 208 -2.08 6.93 -13.83
N CYS B 209 -3.23 6.78 -14.54
CA CYS B 209 -4.43 7.64 -14.46
C CYS B 209 -5.10 7.61 -13.11
N SER B 210 -4.72 6.66 -12.23
CA SER B 210 -5.39 6.56 -10.93
C SER B 210 -4.53 7.01 -9.73
N SER B 211 -3.27 7.45 -10.00
CA SER B 211 -2.27 7.87 -9.02
C SER B 211 -2.82 8.78 -7.93
N SER B 212 -3.51 9.88 -8.34
CA SER B 212 -4.15 10.88 -7.47
C SER B 212 -5.23 10.33 -6.58
N LEU B 213 -5.94 9.31 -7.02
CA LEU B 213 -6.98 8.69 -6.19
C LEU B 213 -6.34 7.66 -5.24
N VAL B 214 -5.26 6.98 -5.69
CA VAL B 214 -4.50 5.99 -4.90
C VAL B 214 -3.79 6.73 -3.75
N SER B 215 -3.20 7.90 -4.06
CA SER B 215 -2.54 8.75 -3.06
C SER B 215 -3.60 9.17 -1.96
N LEU B 216 -4.84 9.39 -2.39
CA LEU B 216 -5.90 9.76 -1.47
C LEU B 216 -6.25 8.65 -0.52
N HIS B 217 -6.48 7.44 -1.06
CA HIS B 217 -6.81 6.24 -0.31
C HIS B 217 -5.75 5.99 0.72
N LEU B 218 -4.46 6.10 0.33
CA LEU B 218 -3.32 5.90 1.23
C LEU B 218 -3.29 6.87 2.40
N ALA B 219 -3.59 8.14 2.10
CA ALA B 219 -3.69 9.26 3.03
C ALA B 219 -4.83 9.04 3.99
N CYS B 220 -6.01 8.63 3.48
CA CYS B 220 -7.15 8.35 4.34
C CYS B 220 -6.86 7.21 5.32
N GLN B 221 -6.19 6.13 4.86
CA GLN B 221 -5.77 5.01 5.69
C GLN B 221 -4.84 5.49 6.82
N SER B 222 -3.74 6.18 6.45
CA SER B 222 -2.75 6.77 7.33
C SER B 222 -3.42 7.58 8.46
N LEU B 223 -4.43 8.41 8.09
CA LEU B 223 -5.17 9.23 9.05
C LEU B 223 -6.02 8.37 9.98
N ARG B 224 -6.65 7.34 9.44
CA ARG B 224 -7.50 6.45 10.24
C ARG B 224 -6.69 5.58 11.16
N GLN B 225 -5.51 5.13 10.69
CA GLN B 225 -4.52 4.32 11.43
C GLN B 225 -3.78 5.18 12.45
N GLN B 226 -4.01 6.50 12.49
CA GLN B 226 -3.35 7.42 13.42
C GLN B 226 -1.83 7.53 13.15
N GLU B 227 -1.38 7.22 11.89
CA GLU B 227 0.03 7.33 11.52
C GLU B 227 0.39 8.80 11.48
N CYS B 228 -0.55 9.67 11.06
CA CYS B 228 -0.42 11.13 11.01
C CYS B 228 -1.71 11.82 11.51
N ASN B 229 -1.69 13.15 11.68
CA ASN B 229 -2.89 13.87 12.17
C ASN B 229 -3.39 14.88 11.16
N LEU B 230 -2.63 15.05 10.10
CA LEU B 230 -2.97 15.90 9.00
C LEU B 230 -2.24 15.27 7.82
N ALA B 231 -2.76 15.44 6.61
CA ALA B 231 -2.09 14.90 5.44
C ALA B 231 -2.27 15.79 4.24
N LEU B 232 -1.26 15.79 3.37
CA LEU B 232 -1.27 16.48 2.08
C LEU B 232 -1.46 15.36 1.05
N ALA B 233 -2.44 15.52 0.17
CA ALA B 233 -2.69 14.53 -0.87
C ALA B 233 -2.94 15.23 -2.20
N GLY B 234 -2.43 14.62 -3.26
CA GLY B 234 -2.63 15.12 -4.61
C GLY B 234 -1.77 14.45 -5.65
N GLY B 235 -1.45 15.19 -6.69
CA GLY B 235 -0.67 14.71 -7.80
C GLY B 235 -0.36 15.80 -8.80
N VAL B 236 0.55 15.50 -9.72
CA VAL B 236 1.00 16.41 -10.77
C VAL B 236 1.33 15.61 -12.06
N ASN B 237 1.14 16.26 -13.20
CA ASN B 237 1.41 15.76 -14.55
C ASN B 237 1.77 16.96 -15.37
N LEU B 238 2.85 16.87 -16.16
CA LEU B 238 3.31 17.96 -17.04
C LEU B 238 3.71 17.40 -18.40
N LEU B 239 3.41 18.14 -19.46
CA LEU B 239 3.73 17.70 -20.82
C LEU B 239 5.00 18.43 -21.29
N LEU B 240 6.19 17.90 -20.89
CA LEU B 240 7.50 18.50 -21.21
C LEU B 240 8.08 18.19 -22.57
N SER B 241 7.95 16.94 -23.04
CA SER B 241 8.48 16.56 -24.35
C SER B 241 7.42 15.95 -25.28
N PRO B 242 7.62 16.03 -26.62
CA PRO B 242 6.68 15.38 -27.56
C PRO B 242 6.68 13.85 -27.48
N GLU B 243 7.80 13.22 -27.05
CA GLU B 243 8.01 11.76 -26.97
C GLU B 243 6.83 10.97 -26.43
N THR B 244 6.26 11.36 -25.26
CA THR B 244 5.13 10.67 -24.66
C THR B 244 3.88 10.74 -25.55
N SER B 245 3.61 11.93 -26.13
CA SER B 245 2.48 12.15 -27.04
C SER B 245 2.65 11.32 -28.31
N ILE B 246 3.92 11.04 -28.70
CA ILE B 246 4.13 10.18 -29.84
C ILE B 246 3.66 8.76 -29.47
N ILE B 247 4.28 8.16 -28.41
CA ILE B 247 3.96 6.86 -27.84
C ILE B 247 2.44 6.67 -27.70
N PHE B 248 1.75 7.64 -27.07
CA PHE B 248 0.31 7.54 -26.86
C PHE B 248 -0.51 7.63 -28.16
N SER B 249 0.06 8.26 -29.23
CA SER B 249 -0.60 8.39 -30.53
C SER B 249 -0.43 7.10 -31.26
N GLN B 250 0.78 6.52 -31.20
CA GLN B 250 1.11 5.24 -31.85
C GLN B 250 0.27 4.13 -31.26
N ALA B 251 -0.04 4.23 -29.96
CA ALA B 251 -0.88 3.30 -29.21
C ALA B 251 -2.37 3.59 -29.45
N LYS B 252 -2.71 4.39 -30.48
CA LYS B 252 -4.08 4.72 -30.84
C LYS B 252 -4.97 5.20 -29.66
N MET B 253 -4.40 5.95 -28.69
CA MET B 253 -5.14 6.40 -27.51
C MET B 253 -5.68 7.79 -27.64
N LEU B 254 -5.00 8.62 -28.45
CA LEU B 254 -5.30 10.05 -28.59
C LEU B 254 -6.29 10.42 -29.62
N SER B 255 -7.24 11.30 -29.26
CA SER B 255 -8.26 11.82 -30.17
C SER B 255 -7.63 12.69 -31.27
N PRO B 256 -7.87 12.42 -32.58
CA PRO B 256 -7.32 13.31 -33.63
C PRO B 256 -7.96 14.70 -33.60
N ASP B 257 -9.14 14.81 -32.94
CA ASP B 257 -9.89 16.06 -32.73
C ASP B 257 -9.26 16.88 -31.60
N GLY B 258 -8.44 16.22 -30.79
CA GLY B 258 -7.80 16.83 -29.63
C GLY B 258 -8.83 17.17 -28.57
N ARG B 259 -9.84 16.30 -28.42
CA ARG B 259 -10.88 16.53 -27.45
C ARG B 259 -11.44 15.24 -26.82
N CYS B 260 -11.79 15.29 -25.51
CA CYS B 260 -12.40 14.17 -24.78
C CYS B 260 -13.89 14.36 -25.02
N LYS B 261 -14.47 13.65 -26.00
CA LYS B 261 -15.92 13.79 -26.31
C LYS B 261 -16.67 12.69 -25.58
N THR B 262 -16.55 12.71 -24.24
CA THR B 262 -17.08 11.72 -23.30
C THR B 262 -18.58 11.49 -23.48
N PHE B 263 -18.94 10.20 -23.65
CA PHE B 263 -20.30 9.71 -23.85
C PHE B 263 -20.93 10.01 -25.23
N ASP B 264 -20.28 10.83 -26.04
CA ASP B 264 -20.73 11.13 -27.38
C ASP B 264 -20.38 9.96 -28.30
N ALA B 265 -21.18 9.79 -29.38
CA ALA B 265 -21.05 8.80 -30.44
C ALA B 265 -19.70 8.84 -31.19
N SER B 266 -19.13 10.04 -31.33
CA SER B 266 -17.87 10.29 -32.03
C SER B 266 -16.61 10.03 -31.20
N ALA B 267 -16.74 9.76 -29.87
CA ALA B 267 -15.62 9.50 -28.95
C ALA B 267 -14.53 8.66 -29.64
N ASN B 268 -13.31 9.22 -29.78
CA ASN B 268 -12.24 8.54 -30.51
C ASN B 268 -10.84 8.71 -29.90
N GLY B 269 -10.84 8.85 -28.58
CA GLY B 269 -9.62 8.98 -27.81
C GLY B 269 -9.62 10.17 -26.87
N TYR B 270 -8.50 10.33 -26.19
CA TYR B 270 -8.40 11.42 -25.24
C TYR B 270 -7.42 12.46 -25.67
N VAL B 271 -7.42 13.57 -24.94
CA VAL B 271 -6.53 14.70 -25.16
C VAL B 271 -5.68 14.89 -23.89
N ARG B 272 -4.37 14.89 -24.05
CA ARG B 272 -3.44 15.02 -22.92
C ARG B 272 -3.48 16.39 -22.27
N GLY B 273 -3.54 16.38 -20.95
CA GLY B 273 -3.58 17.60 -20.17
C GLY B 273 -2.50 17.59 -19.11
N GLU B 274 -2.30 18.76 -18.51
CA GLU B 274 -1.30 18.89 -17.47
C GLU B 274 -1.83 19.70 -16.33
N GLY B 275 -1.31 19.46 -15.15
CA GLY B 275 -1.78 20.19 -14.00
C GLY B 275 -1.28 19.66 -12.68
N CYS B 276 -1.75 20.26 -11.62
CA CYS B 276 -1.33 19.89 -10.28
C CYS B 276 -2.42 20.26 -9.29
N GLY B 277 -2.69 19.36 -8.36
CA GLY B 277 -3.68 19.59 -7.31
C GLY B 277 -3.21 19.00 -6.00
N VAL B 278 -3.34 19.77 -4.91
CA VAL B 278 -3.01 19.33 -3.55
C VAL B 278 -4.20 19.68 -2.69
N ILE B 279 -4.62 18.75 -1.82
CA ILE B 279 -5.69 18.95 -0.85
C ILE B 279 -5.16 18.56 0.53
N VAL B 280 -5.67 19.26 1.56
CA VAL B 280 -5.30 19.10 2.97
C VAL B 280 -6.39 18.25 3.63
N LEU B 281 -5.96 17.18 4.29
CA LEU B 281 -6.86 16.22 4.91
C LEU B 281 -6.69 16.14 6.41
N LYS B 282 -7.81 15.94 7.11
CA LYS B 282 -7.89 15.80 8.58
C LYS B 282 -9.05 14.85 8.89
N ARG B 283 -8.95 14.02 9.93
CA ARG B 283 -10.10 13.18 10.33
C ARG B 283 -11.21 14.16 10.77
N LEU B 284 -12.50 13.87 10.47
CA LEU B 284 -13.62 14.75 10.81
C LEU B 284 -13.63 15.28 12.23
N SER B 285 -13.61 14.38 13.23
CA SER B 285 -13.61 14.75 14.65
C SER B 285 -12.56 15.83 15.00
N ASP B 286 -11.41 15.83 14.31
CA ASP B 286 -10.34 16.81 14.52
C ASP B 286 -10.65 18.17 13.84
N ALA B 287 -11.21 18.15 12.61
CA ALA B 287 -11.61 19.32 11.83
C ALA B 287 -12.70 20.10 12.57
N VAL B 288 -13.68 19.37 13.18
CA VAL B 288 -14.78 19.97 13.93
C VAL B 288 -14.26 20.59 15.24
N ALA B 289 -13.46 19.80 16.00
CA ALA B 289 -12.84 20.22 17.25
C ALA B 289 -12.03 21.49 17.08
N ASN B 290 -11.34 21.65 15.93
CA ASN B 290 -10.49 22.79 15.61
C ASN B 290 -11.23 23.92 14.85
N GLY B 291 -12.53 23.75 14.64
CA GLY B 291 -13.35 24.74 13.96
C GLY B 291 -12.90 25.06 12.55
N ASP B 292 -12.28 24.07 11.89
CA ASP B 292 -11.82 24.17 10.52
C ASP B 292 -13.01 24.21 9.57
N ASN B 293 -12.82 24.83 8.40
CA ASN B 293 -13.88 24.87 7.41
C ASN B 293 -13.82 23.59 6.57
N VAL B 294 -14.83 22.75 6.73
CA VAL B 294 -14.92 21.49 6.02
C VAL B 294 -15.58 21.76 4.65
N LEU B 295 -14.82 21.57 3.55
CA LEU B 295 -15.31 21.72 2.17
C LEU B 295 -16.16 20.52 1.72
N ALA B 296 -15.85 19.30 2.25
CA ALA B 296 -16.50 18.02 1.99
C ALA B 296 -15.83 16.96 2.80
N VAL B 297 -16.43 15.78 2.90
CA VAL B 297 -15.84 14.68 3.63
C VAL B 297 -15.60 13.52 2.66
N ILE B 298 -14.49 12.77 2.81
CA ILE B 298 -14.22 11.56 2.02
C ILE B 298 -14.75 10.41 2.85
N ARG B 299 -15.83 9.79 2.37
CA ARG B 299 -16.49 8.66 3.02
C ARG B 299 -15.74 7.34 2.94
N GLY B 300 -15.39 6.92 1.72
CA GLY B 300 -14.71 5.66 1.46
C GLY B 300 -13.91 5.70 0.18
N THR B 301 -12.95 4.77 0.05
CA THR B 301 -12.02 4.65 -1.07
C THR B 301 -11.71 3.17 -1.32
N ALA B 302 -11.31 2.83 -2.55
CA ALA B 302 -10.93 1.47 -2.94
C ALA B 302 -10.05 1.49 -4.16
N ILE B 303 -9.01 0.66 -4.14
CA ILE B 303 -8.06 0.49 -5.22
C ILE B 303 -8.10 -1.00 -5.59
N ASN B 304 -8.04 -1.31 -6.91
CA ASN B 304 -8.05 -2.69 -7.40
C ASN B 304 -7.30 -2.87 -8.72
N GLN B 305 -7.37 -4.09 -9.30
CA GLN B 305 -6.77 -4.40 -10.58
C GLN B 305 -7.68 -5.15 -11.52
N ASP B 306 -7.51 -4.89 -12.83
CA ASP B 306 -8.20 -5.60 -13.91
C ASP B 306 -7.83 -7.08 -13.86
N GLY B 307 -6.59 -7.38 -13.52
CA GLY B 307 -6.10 -8.73 -13.48
C GLY B 307 -5.87 -9.14 -14.91
N ALA B 308 -6.09 -10.43 -15.17
CA ALA B 308 -5.88 -11.05 -16.47
C ALA B 308 -7.08 -11.01 -17.37
N SER B 309 -8.26 -10.62 -16.86
CA SER B 309 -9.52 -10.57 -17.61
C SER B 309 -9.41 -9.98 -19.06
N GLY B 310 -9.41 -8.65 -19.23
CA GLY B 310 -9.22 -8.10 -20.56
C GLY B 310 -7.74 -8.05 -20.93
N GLY B 311 -7.39 -7.15 -21.86
CA GLY B 311 -6.00 -6.92 -22.25
C GLY B 311 -5.37 -5.88 -21.34
N LEU B 312 -4.03 -5.91 -21.23
CA LEU B 312 -3.22 -5.02 -20.38
C LEU B 312 -3.62 -3.52 -20.43
N THR B 313 -3.89 -3.00 -21.62
CA THR B 313 -4.25 -1.59 -21.83
C THR B 313 -5.77 -1.32 -22.08
N VAL B 314 -6.57 -2.40 -22.12
CA VAL B 314 -8.02 -2.36 -22.33
C VAL B 314 -8.77 -2.32 -20.97
N PRO B 315 -9.77 -1.45 -20.75
CA PRO B 315 -10.47 -1.45 -19.46
C PRO B 315 -11.31 -2.72 -19.24
N ASN B 316 -11.88 -2.84 -18.03
CA ASN B 316 -12.69 -3.97 -17.64
C ASN B 316 -13.87 -3.59 -16.72
N GLY B 317 -15.08 -3.79 -17.24
CA GLY B 317 -16.35 -3.54 -16.55
C GLY B 317 -16.42 -4.20 -15.19
N PRO B 318 -16.28 -5.55 -15.10
CA PRO B 318 -16.31 -6.20 -13.76
C PRO B 318 -15.35 -5.63 -12.70
N SER B 319 -14.12 -5.23 -13.10
CA SER B 319 -13.15 -4.62 -12.19
C SER B 319 -13.70 -3.29 -11.65
N GLN B 320 -14.28 -2.48 -12.56
CA GLN B 320 -14.91 -1.20 -12.23
C GLN B 320 -16.12 -1.37 -11.30
N VAL B 321 -16.85 -2.45 -11.45
CA VAL B 321 -18.00 -2.70 -10.59
C VAL B 321 -17.47 -3.01 -9.17
N ALA B 322 -16.48 -3.93 -9.08
CA ALA B 322 -15.84 -4.36 -7.83
C ALA B 322 -15.27 -3.16 -7.04
N VAL B 323 -14.52 -2.26 -7.73
CA VAL B 323 -13.92 -1.06 -7.14
C VAL B 323 -14.95 -0.05 -6.62
N ILE B 324 -16.05 0.21 -7.38
CA ILE B 324 -17.06 1.18 -6.94
C ILE B 324 -17.78 0.63 -5.72
N ARG B 325 -18.14 -0.67 -5.78
CA ARG B 325 -18.81 -1.33 -4.68
C ARG B 325 -17.92 -1.35 -3.44
N LYS B 326 -16.57 -1.60 -3.61
CA LYS B 326 -15.64 -1.60 -2.47
C LYS B 326 -15.54 -0.28 -1.78
N ALA B 327 -15.46 0.84 -2.57
CA ALA B 327 -15.40 2.23 -2.07
C ALA B 327 -16.68 2.58 -1.25
N LEU B 328 -17.87 2.08 -1.73
CA LEU B 328 -19.14 2.30 -1.06
C LEU B 328 -19.20 1.56 0.26
N SER B 329 -18.82 0.27 0.23
CA SER B 329 -18.78 -0.59 1.41
C SER B 329 -17.79 -0.05 2.47
N ASN B 330 -16.62 0.42 2.01
CA ASN B 330 -15.54 0.96 2.82
C ASN B 330 -16.03 2.18 3.60
N GLY B 331 -16.87 2.98 2.96
CA GLY B 331 -17.44 4.18 3.57
C GLY B 331 -18.77 3.98 4.22
N GLY B 332 -19.32 2.77 4.06
CA GLY B 332 -20.64 2.41 4.59
C GLY B 332 -21.73 3.24 3.96
N VAL B 333 -21.67 3.38 2.63
CA VAL B 333 -22.58 4.15 1.80
C VAL B 333 -23.47 3.20 0.98
N ASP B 334 -24.76 3.50 0.94
CA ASP B 334 -25.78 2.82 0.16
C ASP B 334 -25.69 3.35 -1.30
N PRO B 335 -25.62 2.48 -2.34
CA PRO B 335 -25.57 3.00 -3.72
C PRO B 335 -26.64 4.01 -4.06
N ALA B 336 -27.84 3.88 -3.46
CA ALA B 336 -29.01 4.76 -3.63
C ALA B 336 -28.73 6.24 -3.25
N SER B 337 -27.85 6.45 -2.24
CA SER B 337 -27.47 7.77 -1.71
C SER B 337 -26.67 8.59 -2.73
N VAL B 338 -25.95 7.92 -3.64
CA VAL B 338 -25.08 8.50 -4.68
C VAL B 338 -25.93 9.15 -5.76
N SER B 339 -25.76 10.47 -5.93
CA SER B 339 -26.54 11.21 -6.91
C SER B 339 -25.75 11.63 -8.13
N TYR B 340 -24.41 11.68 -8.00
CA TYR B 340 -23.54 12.11 -9.09
C TYR B 340 -22.26 11.25 -9.20
N ILE B 341 -21.75 11.05 -10.43
CA ILE B 341 -20.46 10.40 -10.59
C ILE B 341 -19.59 11.21 -11.46
N GLU B 342 -18.37 11.49 -10.97
CA GLU B 342 -17.31 12.14 -11.76
C GLU B 342 -16.59 10.96 -12.48
N ALA B 343 -17.07 10.69 -13.71
CA ALA B 343 -16.64 9.59 -14.56
C ALA B 343 -15.17 9.65 -14.89
N HIS B 344 -14.54 8.48 -15.07
CA HIS B 344 -13.16 8.42 -15.52
C HIS B 344 -13.15 9.02 -16.95
N GLY B 345 -14.24 8.78 -17.68
CA GLY B 345 -14.59 9.23 -19.02
C GLY B 345 -13.53 9.92 -19.85
N THR B 346 -12.56 9.14 -20.35
CA THR B 346 -11.47 9.67 -21.18
C THR B 346 -11.85 9.88 -22.65
N GLY B 347 -13.04 9.47 -23.03
CA GLY B 347 -13.54 9.63 -24.38
C GLY B 347 -13.06 8.58 -25.36
N THR B 348 -12.66 7.38 -24.88
CA THR B 348 -12.23 6.31 -25.81
C THR B 348 -13.46 5.59 -26.34
N SER B 349 -13.31 4.98 -27.53
CA SER B 349 -14.41 4.31 -28.21
C SER B 349 -15.04 3.18 -27.41
N LEU B 350 -14.22 2.30 -26.82
CA LEU B 350 -14.68 1.14 -26.05
C LEU B 350 -14.79 1.42 -24.55
N GLY B 351 -14.00 2.38 -24.06
CA GLY B 351 -13.97 2.80 -22.67
C GLY B 351 -15.30 3.31 -22.17
N ASP B 352 -15.90 4.26 -22.91
CA ASP B 352 -17.19 4.89 -22.58
C ASP B 352 -18.35 3.90 -22.41
N PRO B 353 -18.65 2.96 -23.38
CA PRO B 353 -19.68 1.94 -23.13
C PRO B 353 -19.41 1.09 -21.88
N ILE B 354 -18.13 0.69 -21.65
CA ILE B 354 -17.74 -0.14 -20.51
C ILE B 354 -18.06 0.58 -19.23
N GLU B 355 -17.64 1.84 -19.15
CA GLU B 355 -17.81 2.69 -18.00
C GLU B 355 -19.28 2.85 -17.65
N VAL B 356 -20.13 3.32 -18.58
CA VAL B 356 -21.56 3.48 -18.30
C VAL B 356 -22.21 2.17 -17.91
N GLY B 357 -21.83 1.09 -18.60
CA GLY B 357 -22.31 -0.26 -18.32
C GLY B 357 -22.09 -0.61 -16.87
N ALA B 358 -20.84 -0.32 -16.42
CA ALA B 358 -20.40 -0.58 -15.05
C ALA B 358 -21.14 0.30 -14.02
N ILE B 359 -21.43 1.58 -14.38
CA ILE B 359 -22.22 2.48 -13.54
C ILE B 359 -23.63 1.91 -13.41
N GLY B 360 -24.22 1.54 -14.53
CA GLY B 360 -25.53 0.89 -14.56
C GLY B 360 -25.59 -0.36 -13.71
N THR B 361 -24.54 -1.22 -13.75
CA THR B 361 -24.51 -2.43 -12.94
C THR B 361 -24.50 -2.16 -11.43
N VAL B 362 -23.80 -1.11 -10.99
CA VAL B 362 -23.70 -0.76 -9.57
C VAL B 362 -24.98 -0.03 -9.10
N PHE B 363 -25.61 0.77 -9.97
CA PHE B 363 -26.77 1.60 -9.63
C PHE B 363 -28.11 1.30 -10.34
N GLY B 364 -28.19 0.21 -11.11
CA GLY B 364 -29.38 -0.13 -11.86
C GLY B 364 -30.62 -0.42 -11.03
N LYS B 365 -30.42 -1.13 -9.93
CA LYS B 365 -31.51 -1.51 -9.06
C LYS B 365 -31.83 -0.46 -7.99
N THR B 366 -31.16 0.72 -8.03
CA THR B 366 -31.34 1.79 -7.03
C THR B 366 -31.77 3.09 -7.63
N HIS B 367 -31.50 3.28 -8.92
CA HIS B 367 -31.84 4.50 -9.67
C HIS B 367 -32.79 4.13 -10.76
N SER B 368 -33.59 5.09 -11.18
CA SER B 368 -34.61 4.88 -12.19
C SER B 368 -34.39 5.78 -13.40
N GLN B 369 -35.15 5.57 -14.49
CA GLN B 369 -35.06 6.40 -15.67
C GLN B 369 -35.65 7.79 -15.38
N GLU B 370 -36.66 7.84 -14.50
CA GLU B 370 -37.36 9.06 -14.05
C GLU B 370 -36.47 9.84 -13.08
N GLN B 371 -35.76 9.11 -12.16
CA GLN B 371 -34.85 9.67 -11.15
C GLN B 371 -33.43 9.08 -11.38
N PRO B 372 -32.69 9.60 -12.39
CA PRO B 372 -31.40 9.00 -12.74
C PRO B 372 -30.17 9.53 -12.03
N LEU B 373 -29.10 8.78 -12.17
CA LEU B 373 -27.80 9.13 -11.67
C LEU B 373 -27.21 10.13 -12.68
N ILE B 374 -26.57 11.21 -12.19
CA ILE B 374 -25.97 12.20 -13.07
C ILE B 374 -24.48 11.88 -13.23
N VAL B 375 -23.99 11.93 -14.46
CA VAL B 375 -22.60 11.65 -14.79
C VAL B 375 -22.03 12.80 -15.58
N GLY B 376 -20.72 13.00 -15.41
CA GLY B 376 -19.92 14.00 -16.09
C GLY B 376 -18.46 13.82 -15.77
N THR B 377 -17.60 14.57 -16.48
CA THR B 377 -16.14 14.59 -16.31
C THR B 377 -15.52 15.97 -16.65
N ALA B 378 -14.51 16.35 -15.87
CA ALA B 378 -13.75 17.60 -16.04
C ALA B 378 -12.83 17.50 -17.25
N LYS B 379 -12.63 16.27 -17.77
CA LYS B 379 -11.79 15.97 -18.94
C LYS B 379 -12.34 16.69 -20.19
N THR B 380 -13.67 16.90 -20.24
CA THR B 380 -14.30 17.61 -21.35
C THR B 380 -13.89 19.10 -21.39
N ASN B 381 -13.45 19.64 -20.21
CA ASN B 381 -12.98 21.02 -20.05
C ASN B 381 -11.47 21.16 -20.15
N ILE B 382 -10.68 20.30 -19.48
CA ILE B 382 -9.22 20.45 -19.39
C ILE B 382 -8.38 19.34 -19.99
N GLY B 383 -9.01 18.27 -20.43
CA GLY B 383 -8.25 17.15 -20.97
C GLY B 383 -7.95 16.11 -19.91
N HIS B 384 -7.20 15.11 -20.29
CA HIS B 384 -6.87 14.01 -19.41
C HIS B 384 -5.59 14.35 -18.73
N LEU B 385 -5.67 14.79 -17.44
CA LEU B 385 -4.48 15.19 -16.68
C LEU B 385 -3.64 14.00 -16.21
N GLU B 386 -4.04 12.77 -16.56
CA GLU B 386 -3.31 11.54 -16.32
C GLU B 386 -2.96 11.25 -14.84
N VAL B 387 -1.68 11.43 -14.43
CA VAL B 387 -1.30 11.23 -13.04
C VAL B 387 -2.10 12.18 -12.13
N ALA B 388 -2.41 13.39 -12.61
CA ALA B 388 -3.18 14.38 -11.84
C ALA B 388 -4.68 14.34 -12.20
N ALA B 389 -5.10 13.34 -13.01
CA ALA B 389 -6.49 13.22 -13.43
C ALA B 389 -7.49 13.11 -12.29
N GLY B 390 -7.17 12.29 -11.29
CA GLY B 390 -8.02 12.04 -10.13
C GLY B 390 -8.21 13.25 -9.23
N ILE B 391 -7.15 14.07 -9.07
CA ILE B 391 -7.20 15.28 -8.27
C ILE B 391 -8.14 16.37 -8.88
N ALA B 392 -8.17 16.50 -10.24
CA ALA B 392 -9.05 17.45 -10.94
C ALA B 392 -10.51 17.05 -10.74
N GLY B 393 -10.77 15.76 -10.92
CA GLY B 393 -12.10 15.19 -10.76
C GLY B 393 -12.65 15.42 -9.38
N LEU B 394 -11.82 15.18 -8.35
CA LEU B 394 -12.17 15.36 -6.96
C LEU B 394 -12.48 16.80 -6.67
N MET B 395 -11.56 17.72 -7.07
CA MET B 395 -11.68 19.17 -6.91
C MET B 395 -12.99 19.66 -7.51
N LYS B 396 -13.30 19.21 -8.74
CA LYS B 396 -14.57 19.50 -9.42
C LYS B 396 -15.77 19.11 -8.52
N VAL B 397 -15.82 17.87 -8.04
CA VAL B 397 -16.92 17.40 -7.20
C VAL B 397 -17.05 18.18 -5.91
N VAL B 398 -15.90 18.53 -5.29
CA VAL B 398 -15.88 19.30 -4.04
C VAL B 398 -16.53 20.66 -4.29
N LEU B 399 -16.12 21.35 -5.40
CA LEU B 399 -16.65 22.65 -5.87
C LEU B 399 -18.15 22.55 -6.14
N GLN B 400 -18.59 21.42 -6.76
CA GLN B 400 -20.00 21.10 -7.01
C GLN B 400 -20.81 21.00 -5.71
N LEU B 401 -20.29 20.32 -4.69
CA LEU B 401 -20.94 20.23 -3.36
C LEU B 401 -21.02 21.61 -2.69
N GLN B 402 -19.96 22.41 -2.79
CA GLN B 402 -19.87 23.73 -2.18
C GLN B 402 -20.97 24.65 -2.70
N HIS B 403 -21.01 24.84 -4.04
CA HIS B 403 -21.95 25.69 -4.74
C HIS B 403 -23.32 25.04 -5.00
N GLN B 404 -23.55 23.80 -4.51
CA GLN B 404 -24.77 22.99 -4.65
C GLN B 404 -25.31 22.94 -6.08
N GLN B 405 -24.41 22.81 -7.06
CA GLN B 405 -24.73 22.80 -8.49
C GLN B 405 -23.94 21.75 -9.24
N ILE B 406 -24.49 21.24 -10.37
CA ILE B 406 -23.76 20.31 -11.24
C ILE B 406 -23.32 21.06 -12.49
N ALA B 407 -22.02 21.12 -12.73
CA ALA B 407 -21.47 21.82 -13.90
C ALA B 407 -21.75 21.04 -15.18
N PRO B 408 -21.88 21.71 -16.35
CA PRO B 408 -22.12 20.96 -17.59
C PRO B 408 -20.92 20.12 -18.01
N SER B 409 -21.18 19.12 -18.86
CA SER B 409 -20.13 18.32 -19.45
C SER B 409 -20.19 18.66 -20.93
N LEU B 410 -19.03 18.97 -21.52
CA LEU B 410 -18.94 19.41 -22.90
C LEU B 410 -18.84 18.29 -23.90
N HIS B 411 -19.11 18.63 -25.19
CA HIS B 411 -19.04 17.77 -26.38
C HIS B 411 -20.09 16.65 -26.48
N PHE B 412 -21.16 16.71 -25.67
CA PHE B 412 -22.20 15.68 -25.72
C PHE B 412 -23.36 16.12 -26.59
N LYS B 413 -23.20 15.88 -27.90
CA LYS B 413 -24.13 16.25 -28.97
C LYS B 413 -25.01 15.03 -29.36
N GLN B 414 -24.36 13.90 -29.68
CA GLN B 414 -25.05 12.67 -30.07
C GLN B 414 -24.80 11.56 -29.04
N PRO B 415 -25.82 11.15 -28.26
CA PRO B 415 -25.60 10.06 -27.29
C PRO B 415 -25.11 8.82 -28.01
N ASN B 416 -24.13 8.15 -27.41
CA ASN B 416 -23.49 6.98 -28.00
C ASN B 416 -24.47 5.80 -28.19
N PRO B 417 -24.69 5.40 -29.47
CA PRO B 417 -25.62 4.26 -29.73
C PRO B 417 -25.13 2.90 -29.17
N TYR B 418 -23.82 2.79 -28.86
CA TYR B 418 -23.30 1.57 -28.24
C TYR B 418 -23.62 1.48 -26.72
N ILE B 419 -24.20 2.56 -26.15
CA ILE B 419 -24.62 2.63 -24.76
C ILE B 419 -26.16 2.47 -24.73
N ASN B 420 -26.65 1.49 -23.95
CA ASN B 420 -28.06 1.19 -23.86
C ASN B 420 -28.72 2.16 -22.90
N TRP B 421 -28.69 3.44 -23.26
CA TRP B 421 -29.25 4.54 -22.50
C TRP B 421 -30.63 4.28 -21.95
N SER B 422 -31.45 3.52 -22.69
CA SER B 422 -32.85 3.23 -22.34
C SER B 422 -33.03 2.34 -21.13
N GLN B 423 -31.99 1.56 -20.78
CA GLN B 423 -31.92 0.60 -19.67
C GLN B 423 -31.00 1.07 -18.54
N LEU B 424 -30.03 1.97 -18.84
CA LEU B 424 -29.08 2.52 -17.87
C LEU B 424 -29.67 3.77 -17.21
N PRO B 425 -29.96 3.76 -15.87
CA PRO B 425 -30.57 4.95 -15.22
C PRO B 425 -29.51 6.05 -14.96
N VAL B 426 -28.77 6.39 -16.03
CA VAL B 426 -27.63 7.30 -16.10
C VAL B 426 -28.02 8.45 -17.01
N GLN B 427 -27.68 9.69 -16.61
CA GLN B 427 -27.94 10.91 -17.40
C GLN B 427 -26.68 11.78 -17.42
N VAL B 428 -26.23 12.20 -18.60
CA VAL B 428 -25.08 13.10 -18.76
C VAL B 428 -25.50 14.55 -18.40
N SER B 429 -24.67 15.26 -17.62
CA SER B 429 -24.92 16.65 -17.25
C SER B 429 -24.62 17.54 -18.48
N THR B 430 -25.63 18.19 -19.06
CA THR B 430 -25.39 19.03 -20.26
C THR B 430 -25.40 20.54 -19.96
N GLN B 431 -26.11 20.93 -18.91
CA GLN B 431 -26.27 22.31 -18.50
C GLN B 431 -25.90 22.48 -17.04
N LEU B 432 -25.48 23.71 -16.64
CA LEU B 432 -25.24 24.06 -15.24
C LEU B 432 -26.62 24.03 -14.57
N THR B 433 -26.79 23.04 -13.71
CA THR B 433 -28.01 22.63 -13.04
C THR B 433 -27.90 22.73 -11.52
N PRO B 434 -29.00 23.07 -10.79
CA PRO B 434 -28.97 23.02 -9.31
C PRO B 434 -28.91 21.56 -8.85
N TRP B 435 -27.91 21.18 -8.00
CA TRP B 435 -27.82 19.83 -7.48
C TRP B 435 -28.96 19.62 -6.51
N GLN B 436 -30.12 19.25 -7.06
CA GLN B 436 -31.35 19.09 -6.31
C GLN B 436 -31.42 17.73 -5.63
N THR B 437 -31.34 17.74 -4.31
CA THR B 437 -31.50 16.53 -3.49
C THR B 437 -32.80 16.60 -2.70
N ASN B 438 -33.47 15.47 -2.49
CA ASN B 438 -34.71 15.49 -1.71
C ASN B 438 -34.39 15.43 -0.20
N GLY B 439 -33.95 16.56 0.34
CA GLY B 439 -33.58 16.74 1.74
C GLY B 439 -32.28 16.07 2.17
N LYS B 440 -32.08 14.81 1.70
CA LYS B 440 -30.93 13.92 1.93
C LYS B 440 -29.56 14.55 1.56
N SER B 441 -28.45 14.10 2.19
CA SER B 441 -27.10 14.63 1.95
C SER B 441 -26.59 14.33 0.53
N ARG B 442 -25.89 15.29 -0.08
CA ARG B 442 -25.34 15.13 -1.42
C ARG B 442 -24.10 14.25 -1.35
N ILE B 443 -24.13 13.12 -2.05
CA ILE B 443 -23.03 12.15 -2.12
C ILE B 443 -22.71 11.91 -3.58
N ALA B 444 -21.43 11.82 -3.89
CA ALA B 444 -20.91 11.50 -5.20
C ALA B 444 -19.70 10.58 -5.05
N GLY B 445 -19.14 10.21 -6.20
CA GLY B 445 -17.98 9.34 -6.31
C GLY B 445 -17.18 9.80 -7.51
N VAL B 446 -15.86 9.58 -7.45
CA VAL B 446 -14.91 9.95 -8.49
C VAL B 446 -14.22 8.69 -8.87
N SER B 447 -14.20 8.39 -10.17
CA SER B 447 -13.54 7.22 -10.72
C SER B 447 -12.31 7.60 -11.50
N SER B 448 -11.31 6.72 -11.50
CA SER B 448 -10.08 6.84 -12.27
C SER B 448 -9.56 5.46 -12.48
N PHE B 449 -9.50 5.04 -13.76
CA PHE B 449 -9.05 3.71 -14.13
C PHE B 449 -7.78 3.84 -14.90
N GLY B 450 -6.69 3.38 -14.30
CA GLY B 450 -5.36 3.49 -14.87
C GLY B 450 -5.27 2.73 -16.17
N PHE B 451 -4.55 3.31 -17.13
CA PHE B 451 -4.32 2.71 -18.44
C PHE B 451 -3.88 1.24 -18.41
N SER B 452 -3.10 0.85 -17.37
CA SER B 452 -2.54 -0.49 -17.16
C SER B 452 -3.29 -1.35 -16.10
N GLY B 453 -4.55 -1.00 -15.87
CA GLY B 453 -5.44 -1.78 -15.03
C GLY B 453 -5.64 -1.41 -13.58
N THR B 454 -4.83 -0.50 -13.03
CA THR B 454 -4.99 -0.17 -11.61
C THR B 454 -6.13 0.78 -11.46
N ASN B 455 -7.19 0.33 -10.80
CA ASN B 455 -8.40 1.13 -10.67
C ASN B 455 -8.58 1.71 -9.31
N ALA B 456 -9.24 2.85 -9.28
CA ALA B 456 -9.54 3.56 -8.05
C ALA B 456 -10.87 4.29 -8.18
N HIS B 457 -11.61 4.31 -7.08
CA HIS B 457 -12.87 5.02 -6.92
C HIS B 457 -12.89 5.55 -5.49
N VAL B 458 -13.37 6.79 -5.32
CA VAL B 458 -13.42 7.51 -4.05
C VAL B 458 -14.88 7.98 -3.88
N VAL B 459 -15.43 7.91 -2.68
CA VAL B 459 -16.79 8.36 -2.41
C VAL B 459 -16.73 9.64 -1.53
N ILE B 460 -17.18 10.80 -2.10
CA ILE B 460 -17.16 12.10 -1.43
C ILE B 460 -18.56 12.54 -1.09
N GLU B 461 -18.78 12.98 0.16
CA GLU B 461 -20.04 13.47 0.69
C GLU B 461 -19.92 14.94 1.09
N GLU B 462 -21.05 15.65 1.05
CA GLU B 462 -21.22 17.06 1.44
C GLU B 462 -20.82 17.23 2.91
N ALA B 463 -20.24 18.38 3.23
CA ALA B 463 -19.79 18.72 4.59
C ALA B 463 -20.95 18.76 5.61
N PRO B 464 -20.69 18.37 6.88
CA PRO B 464 -21.78 18.38 7.90
C PRO B 464 -22.49 19.72 8.06
N LYS B 465 -23.80 19.67 8.47
CA LYS B 465 -24.76 20.78 8.70
C LYS B 465 -25.39 21.23 7.38
N ARG B 489 -15.23 44.83 22.38
CA ARG B 489 -14.14 45.64 21.85
C ARG B 489 -14.28 45.92 20.35
N ALA B 490 -13.93 47.15 19.90
CA ALA B 490 -14.04 47.49 18.48
C ALA B 490 -12.91 48.36 17.92
N VAL B 491 -11.67 47.96 18.26
CA VAL B 491 -10.43 48.57 17.74
C VAL B 491 -9.56 47.37 17.31
N TYR B 492 -9.09 47.41 16.06
CA TYR B 492 -8.39 46.27 15.48
C TYR B 492 -7.01 46.52 15.00
N LEU B 493 -6.22 45.43 14.97
CA LEU B 493 -4.84 45.41 14.52
C LEU B 493 -4.67 44.27 13.52
N LEU B 494 -4.36 44.65 12.27
CA LEU B 494 -4.12 43.73 11.18
C LEU B 494 -2.63 43.69 10.94
N THR B 495 -2.09 42.48 10.81
CA THR B 495 -0.68 42.27 10.49
C THR B 495 -0.57 41.63 9.14
N LEU B 496 0.23 42.24 8.26
CA LEU B 496 0.52 41.71 6.94
C LEU B 496 2.04 41.52 6.85
N SER B 497 2.50 40.48 6.15
CA SER B 497 3.94 40.19 6.02
C SER B 497 4.28 39.38 4.79
N ALA B 498 5.48 39.58 4.28
CA ALA B 498 6.02 38.87 3.13
C ALA B 498 7.55 38.80 3.22
N LYS B 499 8.20 37.90 2.48
CA LYS B 499 9.65 37.71 2.50
C LYS B 499 10.44 38.82 1.79
N THR B 500 9.71 39.65 1.02
CA THR B 500 10.26 40.69 0.17
C THR B 500 9.37 41.94 0.14
N GLN B 501 9.94 43.12 -0.22
CA GLN B 501 9.18 44.36 -0.30
C GLN B 501 8.12 44.32 -1.42
N ALA B 502 8.53 43.83 -2.63
CA ALA B 502 7.68 43.68 -3.80
C ALA B 502 6.46 42.82 -3.46
N ALA B 503 6.67 41.69 -2.72
CA ALA B 503 5.62 40.76 -2.31
C ALA B 503 4.66 41.38 -1.29
N LEU B 504 5.16 42.20 -0.34
CA LEU B 504 4.30 42.87 0.65
C LEU B 504 3.37 43.91 -0.01
N ASP B 505 3.86 44.58 -1.05
CA ASP B 505 3.04 45.57 -1.77
C ASP B 505 1.97 44.81 -2.52
N ASP B 506 2.39 43.70 -3.17
CA ASP B 506 1.48 42.81 -3.90
C ASP B 506 0.47 42.23 -2.93
N LEU B 507 0.90 41.90 -1.68
CA LEU B 507 0.01 41.41 -0.65
C LEU B 507 -1.00 42.47 -0.20
N VAL B 508 -0.52 43.71 0.03
CA VAL B 508 -1.41 44.82 0.42
C VAL B 508 -2.43 45.07 -0.70
N ASN B 509 -1.95 45.10 -1.97
CA ASN B 509 -2.81 45.27 -3.15
C ASN B 509 -3.93 44.25 -3.19
N SER B 510 -3.62 42.96 -2.90
CA SER B 510 -4.61 41.88 -2.87
C SER B 510 -5.62 42.07 -1.73
N TYR B 511 -5.18 42.61 -0.57
CA TYR B 511 -6.09 42.88 0.55
C TYR B 511 -7.02 44.05 0.21
N GLN B 512 -6.50 45.08 -0.51
CA GLN B 512 -7.31 46.23 -0.96
C GLN B 512 -8.47 45.68 -1.81
N ASN B 513 -8.15 44.95 -2.92
CA ASN B 513 -9.12 44.32 -3.82
C ASN B 513 -10.07 43.42 -3.05
N TYR B 514 -9.53 42.61 -2.13
CA TYR B 514 -10.29 41.68 -1.30
C TYR B 514 -11.27 42.40 -0.37
N LEU B 515 -10.83 43.49 0.29
CA LEU B 515 -11.69 44.23 1.20
C LEU B 515 -12.87 44.90 0.51
N LYS B 516 -12.69 45.28 -0.78
CA LYS B 516 -13.74 45.87 -1.63
C LYS B 516 -14.78 44.81 -2.07
N ASN B 517 -14.31 43.67 -2.61
CA ASN B 517 -15.13 42.56 -3.13
C ASN B 517 -15.96 41.80 -2.09
N TYR B 518 -15.60 41.91 -0.80
CA TYR B 518 -16.29 41.21 0.29
C TYR B 518 -16.55 42.15 1.50
N PRO B 519 -17.44 43.19 1.36
CA PRO B 519 -17.71 44.08 2.50
C PRO B 519 -18.51 43.39 3.59
N GLU B 520 -19.03 42.18 3.28
CA GLU B 520 -19.80 41.31 4.17
C GLU B 520 -18.94 40.73 5.31
N LEU B 521 -17.60 40.85 5.17
CA LEU B 521 -16.67 40.30 6.13
C LEU B 521 -16.20 41.23 7.24
N ARG B 522 -16.43 40.78 8.49
CA ARG B 522 -16.06 41.46 9.74
C ARG B 522 -14.55 41.59 9.85
N ILE B 523 -14.08 42.81 10.10
CA ILE B 523 -12.68 43.13 10.31
C ILE B 523 -12.08 42.29 11.46
N ALA B 524 -12.86 42.01 12.54
CA ALA B 524 -12.38 41.21 13.69
C ALA B 524 -11.87 39.84 13.26
N ASP B 525 -12.65 39.15 12.42
CA ASP B 525 -12.39 37.84 11.87
C ASP B 525 -11.26 37.92 10.84
N ILE B 526 -11.27 38.94 9.95
CA ILE B 526 -10.21 39.17 8.95
C ILE B 526 -8.86 39.36 9.66
N CYS B 527 -8.82 40.16 10.74
CA CYS B 527 -7.62 40.41 11.52
C CYS B 527 -7.18 39.14 12.19
N TYR B 528 -8.14 38.42 12.80
CA TYR B 528 -7.92 37.18 13.52
C TYR B 528 -7.24 36.14 12.67
N THR B 529 -7.80 35.89 11.47
CA THR B 529 -7.27 34.93 10.50
C THR B 529 -5.85 35.32 10.05
N ALA B 530 -5.65 36.61 9.70
CA ALA B 530 -4.36 37.10 9.23
C ALA B 530 -3.25 37.12 10.29
N ASN B 531 -3.60 37.28 11.58
CA ASN B 531 -2.61 37.31 12.67
C ASN B 531 -2.25 35.91 13.19
N THR B 532 -3.27 35.02 13.25
CA THR B 532 -3.11 33.65 13.74
C THR B 532 -2.83 32.59 12.68
N CYS B 533 -3.38 32.75 11.46
CA CYS B 533 -3.26 31.72 10.40
C CYS B 533 -2.36 32.05 9.22
N ARG B 534 -1.39 32.94 9.42
CA ARG B 534 -0.45 33.31 8.37
C ARG B 534 0.96 33.46 8.93
N SER B 535 1.97 32.93 8.23
CA SER B 535 3.37 33.06 8.63
C SER B 535 3.74 34.55 8.77
N HIS B 536 4.56 34.86 9.78
CA HIS B 536 5.04 36.23 9.99
C HIS B 536 6.49 36.34 9.45
N PHE B 537 6.63 37.03 8.32
CA PHE B 537 7.92 37.22 7.65
C PHE B 537 8.58 38.61 7.91
N ASN B 538 9.83 38.76 7.45
CA ASN B 538 10.71 39.93 7.60
C ASN B 538 10.14 41.28 7.19
N ASN B 539 9.56 41.43 5.98
CA ASN B 539 8.92 42.69 5.59
C ASN B 539 7.51 42.66 6.14
N ARG B 540 7.24 43.49 7.14
CA ARG B 540 5.95 43.52 7.80
C ARG B 540 5.22 44.87 7.82
N LEU B 541 3.93 44.81 8.15
CA LEU B 541 3.02 45.92 8.22
C LEU B 541 2.01 45.69 9.36
N ALA B 542 1.82 46.69 10.22
CA ALA B 542 0.86 46.65 11.33
C ALA B 542 -0.07 47.82 11.14
N VAL B 543 -1.39 47.58 11.14
CA VAL B 543 -2.40 48.61 10.97
C VAL B 543 -3.48 48.56 12.05
N VAL B 544 -3.56 49.65 12.83
CA VAL B 544 -4.58 49.86 13.85
C VAL B 544 -5.71 50.60 13.10
N ALA B 545 -6.94 50.05 13.17
CA ALA B 545 -8.15 50.62 12.57
C ALA B 545 -9.38 50.08 13.31
N SER B 546 -10.40 50.94 13.50
CA SER B 546 -11.63 50.61 14.22
C SER B 546 -12.77 50.03 13.36
N ASN B 547 -12.67 50.22 12.02
CA ASN B 547 -13.66 49.72 11.07
C ASN B 547 -13.05 49.41 9.69
N GLN B 548 -13.84 48.75 8.82
CA GLN B 548 -13.49 48.36 7.45
C GLN B 548 -13.05 49.57 6.60
N GLN B 549 -13.81 50.68 6.68
CA GLN B 549 -13.56 51.91 5.94
C GLN B 549 -12.19 52.52 6.29
N GLU B 550 -11.88 52.55 7.61
CA GLU B 550 -10.64 53.06 8.17
C GLU B 550 -9.43 52.28 7.64
N LEU B 551 -9.56 50.94 7.59
CA LEU B 551 -8.53 50.01 7.13
C LEU B 551 -8.23 50.16 5.63
N VAL B 552 -9.28 50.25 4.79
CA VAL B 552 -9.18 50.42 3.32
C VAL B 552 -8.39 51.71 3.02
N GLU B 553 -8.76 52.79 3.72
CA GLU B 553 -8.17 54.10 3.56
C GLU B 553 -6.73 54.16 4.04
N LYS B 554 -6.44 53.59 5.22
CA LYS B 554 -5.09 53.52 5.77
C LYS B 554 -4.14 52.71 4.85
N LEU B 555 -4.64 51.61 4.26
CA LEU B 555 -3.87 50.81 3.31
C LEU B 555 -3.61 51.59 2.02
N ARG B 556 -4.59 52.40 1.56
CA ARG B 556 -4.45 53.27 0.39
C ARG B 556 -3.36 54.31 0.66
N GLN B 557 -3.36 54.88 1.89
CA GLN B 557 -2.41 55.89 2.39
C GLN B 557 -1.00 55.32 2.44
N HIS B 558 -0.88 54.04 2.80
CA HIS B 558 0.41 53.35 2.90
C HIS B 558 0.99 53.13 1.51
N GLN B 559 0.16 52.71 0.52
CA GLN B 559 0.59 52.46 -0.87
C GLN B 559 1.07 53.75 -1.55
N GLN B 560 0.71 54.90 -0.96
CA GLN B 560 1.07 56.24 -1.40
C GLN B 560 2.29 56.78 -0.66
N GLY B 561 2.40 56.42 0.63
CA GLY B 561 3.46 56.86 1.51
C GLY B 561 3.01 57.98 2.43
N GLU B 562 1.68 58.25 2.44
CA GLU B 562 1.04 59.28 3.26
C GLU B 562 1.04 58.80 4.72
N GLU B 563 2.15 59.05 5.45
CA GLU B 563 2.32 58.65 6.86
C GLU B 563 1.23 59.21 7.78
N VAL B 564 0.46 58.29 8.35
CA VAL B 564 -0.66 58.53 9.27
C VAL B 564 -0.48 57.62 10.51
N THR B 565 -1.00 58.05 11.67
CA THR B 565 -0.90 57.27 12.91
C THR B 565 -1.58 55.90 12.77
N GLY B 566 -1.02 54.91 13.44
CA GLY B 566 -1.53 53.55 13.46
C GLY B 566 -1.04 52.67 12.32
N ILE B 567 -0.06 53.15 11.51
CA ILE B 567 0.52 52.39 10.39
C ILE B 567 2.01 52.24 10.58
N TYR B 568 2.43 50.99 10.82
CA TYR B 568 3.83 50.61 11.07
C TYR B 568 4.34 49.68 9.97
N SER B 569 5.60 49.87 9.58
CA SER B 569 6.27 49.16 8.50
C SER B 569 7.78 49.04 8.80
N ILE B 570 8.35 47.86 8.49
CA ILE B 570 9.77 47.56 8.66
C ILE B 570 10.19 46.34 7.82
N GLU B 571 11.49 46.25 7.50
CA GLU B 571 12.10 45.09 6.86
C GLU B 571 13.11 44.61 7.90
N LEU B 572 12.75 43.57 8.65
CA LEU B 572 13.63 42.98 9.65
C LEU B 572 14.73 42.24 8.92
N PRO B 573 15.99 42.28 9.38
CA PRO B 573 17.04 41.59 8.61
C PRO B 573 16.92 40.06 8.63
N ASN B 574 17.53 39.42 7.62
CA ASN B 574 17.51 37.97 7.49
C ASN B 574 18.17 37.35 8.71
N ASN B 575 17.37 36.53 9.43
CA ASN B 575 17.71 35.82 10.67
C ASN B 575 18.02 36.83 11.78
N SER B 576 16.99 37.59 12.15
CA SER B 576 17.05 38.59 13.21
C SER B 576 16.12 38.12 14.31
N THR B 577 16.72 37.73 15.44
CA THR B 577 16.00 37.22 16.61
C THR B 577 15.16 38.29 17.31
N ALA B 578 14.22 37.84 18.17
CA ALA B 578 13.34 38.70 18.98
C ALA B 578 14.21 39.55 19.92
N PRO B 579 13.93 40.88 20.01
CA PRO B 579 14.80 41.75 20.81
C PRO B 579 14.54 41.72 22.32
N LYS B 580 15.49 42.27 23.08
CA LYS B 580 15.41 42.40 24.53
C LYS B 580 14.44 43.52 24.88
N ILE B 581 13.44 43.17 25.69
CA ILE B 581 12.42 44.11 26.14
C ILE B 581 12.61 44.43 27.61
N ALA B 582 12.73 45.72 27.91
CA ALA B 582 12.91 46.24 29.26
C ALA B 582 11.61 46.90 29.68
N LEU B 583 10.99 46.37 30.75
CA LEU B 583 9.73 46.87 31.30
C LEU B 583 10.00 47.90 32.37
N LEU B 584 9.37 49.08 32.25
CA LEU B 584 9.51 50.23 33.17
C LEU B 584 8.16 50.51 33.82
N PHE B 585 8.10 50.47 35.15
CA PHE B 585 6.90 50.69 35.94
C PHE B 585 6.95 52.06 36.63
N THR B 586 5.95 52.95 36.39
CA THR B 586 5.93 54.29 37.01
C THR B 586 5.78 54.31 38.55
N GLY B 587 6.09 55.49 39.10
CA GLY B 587 5.98 55.80 40.52
C GLY B 587 4.87 56.80 40.74
N GLN B 588 4.83 57.38 41.95
CA GLN B 588 3.86 58.39 42.39
C GLN B 588 3.77 59.60 41.42
N GLY B 589 2.58 60.18 41.31
CA GLY B 589 2.34 61.36 40.46
C GLY B 589 1.65 61.09 39.14
N SER B 590 1.88 59.88 38.56
CA SER B 590 1.31 59.45 37.28
C SER B 590 -0.20 59.16 37.31
N GLN B 591 -0.73 58.78 38.49
CA GLN B 591 -2.15 58.43 38.72
C GLN B 591 -3.21 59.47 38.31
N TYR B 592 -4.38 58.97 37.87
CA TYR B 592 -5.59 59.72 37.50
C TYR B 592 -6.89 58.96 37.78
N VAL B 593 -8.03 59.67 37.86
CA VAL B 593 -9.34 59.10 38.23
C VAL B 593 -9.89 58.01 37.30
N ASN B 594 -9.68 58.15 35.98
CA ASN B 594 -10.17 57.14 35.03
C ASN B 594 -9.06 56.26 34.42
N MET B 595 -8.13 55.80 35.30
CA MET B 595 -6.99 54.94 34.97
C MET B 595 -7.40 53.57 34.38
N GLY B 596 -7.30 53.48 33.06
CA GLY B 596 -7.59 52.28 32.29
C GLY B 596 -8.97 51.67 32.46
N ARG B 597 -10.02 52.52 32.34
CA ARG B 597 -11.43 52.12 32.45
C ARG B 597 -11.86 51.29 31.24
N GLN B 598 -11.43 51.70 30.00
CA GLN B 598 -11.75 51.01 28.75
C GLN B 598 -11.20 49.58 28.76
N LEU B 599 -10.02 49.39 29.37
CA LEU B 599 -9.39 48.08 29.53
C LEU B 599 -10.04 47.31 30.71
N TYR B 600 -10.59 48.03 31.71
CA TYR B 600 -11.29 47.37 32.84
C TYR B 600 -12.57 46.70 32.36
N GLN B 601 -13.27 47.33 31.41
CA GLN B 601 -14.53 46.79 30.93
C GLN B 601 -14.42 45.85 29.72
N GLN B 602 -13.64 46.23 28.70
CA GLN B 602 -13.49 45.47 27.46
C GLN B 602 -12.47 44.35 27.50
N ALA B 603 -11.36 44.53 28.25
CA ALA B 603 -10.29 43.53 28.37
C ALA B 603 -10.47 42.66 29.62
N PRO B 604 -10.88 41.38 29.45
CA PRO B 604 -11.14 40.52 30.62
C PRO B 604 -9.91 40.12 31.43
N VAL B 605 -8.74 40.01 30.78
CA VAL B 605 -7.46 39.66 31.42
C VAL B 605 -7.12 40.74 32.47
N PHE B 606 -7.38 42.02 32.12
CA PHE B 606 -7.19 43.22 32.94
C PHE B 606 -8.11 43.20 34.16
N ARG B 607 -9.41 42.80 33.97
CA ARG B 607 -10.41 42.70 35.05
C ARG B 607 -9.97 41.65 36.09
N LYS B 608 -9.56 40.45 35.61
CA LYS B 608 -9.11 39.29 36.40
C LYS B 608 -8.06 39.64 37.45
N ALA B 609 -7.01 40.35 37.00
CA ALA B 609 -5.88 40.80 37.82
C ALA B 609 -6.30 41.87 38.83
N LEU B 610 -7.25 42.74 38.45
CA LEU B 610 -7.76 43.81 39.32
C LEU B 610 -8.58 43.23 40.50
N GLU B 611 -9.60 42.40 40.18
CA GLU B 611 -10.47 41.75 41.16
C GLU B 611 -9.75 40.69 42.02
N GLN B 647 -3.25 60.59 47.64
CA GLN B 647 -3.35 59.95 48.96
C GLN B 647 -2.48 58.69 49.05
N THR B 648 -1.32 58.79 49.75
CA THR B 648 -0.31 57.73 49.93
C THR B 648 -0.80 56.35 50.43
N ALA B 649 -1.82 56.32 51.32
CA ALA B 649 -2.38 55.06 51.83
C ALA B 649 -3.22 54.31 50.76
N TYR B 650 -3.72 55.06 49.75
CA TYR B 650 -4.57 54.57 48.66
C TYR B 650 -3.83 54.43 47.31
N THR B 651 -3.17 55.53 46.85
CA THR B 651 -2.42 55.63 45.58
C THR B 651 -1.27 54.63 45.44
N GLN B 652 -0.46 54.45 46.50
CA GLN B 652 0.67 53.50 46.47
C GLN B 652 0.25 52.05 46.13
N PRO B 653 -0.75 51.39 46.80
CA PRO B 653 -1.20 50.07 46.31
C PRO B 653 -2.06 50.16 45.02
N CYS B 654 -2.72 51.32 44.75
CA CYS B 654 -3.54 51.57 43.56
C CYS B 654 -2.74 51.53 42.26
N LEU B 655 -1.56 52.18 42.26
CA LEU B 655 -0.65 52.18 41.12
C LEU B 655 -0.14 50.75 40.90
N PHE B 656 0.15 49.98 42.00
CA PHE B 656 0.58 48.58 41.95
C PHE B 656 -0.51 47.75 41.28
N ALA B 657 -1.78 47.94 41.71
CA ALA B 657 -2.98 47.28 41.20
C ALA B 657 -3.13 47.46 39.69
N LEU B 658 -3.02 48.72 39.20
CA LEU B 658 -3.10 49.07 37.78
C LEU B 658 -1.89 48.52 36.99
N GLU B 659 -0.69 48.58 37.57
CA GLU B 659 0.51 48.07 36.91
C GLU B 659 0.56 46.54 36.81
N TYR B 660 -0.13 45.84 37.74
CA TYR B 660 -0.25 44.38 37.70
C TYR B 660 -1.21 43.99 36.57
N ALA B 661 -2.40 44.65 36.52
CA ALA B 661 -3.44 44.47 35.50
C ALA B 661 -2.93 44.75 34.06
N LEU B 662 -2.09 45.79 33.89
CA LEU B 662 -1.52 46.16 32.59
C LEU B 662 -0.49 45.13 32.15
N PHE B 663 0.34 44.65 33.10
CA PHE B 663 1.39 43.65 32.86
C PHE B 663 0.80 42.30 32.47
N LYS B 664 -0.20 41.79 33.25
CA LYS B 664 -0.91 40.53 32.99
C LYS B 664 -1.51 40.56 31.58
N LEU B 665 -2.15 41.69 31.20
CA LEU B 665 -2.73 41.96 29.89
C LEU B 665 -1.66 41.99 28.80
N TRP B 666 -0.49 42.59 29.08
CA TRP B 666 0.63 42.61 28.12
C TRP B 666 1.21 41.20 27.98
N GLN B 667 1.30 40.44 29.11
CA GLN B 667 1.81 39.06 29.17
C GLN B 667 0.90 38.10 28.41
N SER B 668 -0.44 38.35 28.41
CA SER B 668 -1.42 37.53 27.70
C SER B 668 -1.27 37.69 26.18
N TRP B 669 -0.47 38.67 25.76
CA TRP B 669 -0.18 38.98 24.36
C TRP B 669 1.21 38.47 23.96
N GLY B 670 1.83 37.70 24.86
CA GLY B 670 3.15 37.09 24.64
C GLY B 670 4.35 37.92 25.05
N ILE B 671 4.13 39.00 25.83
CA ILE B 671 5.19 39.90 26.33
C ILE B 671 5.82 39.32 27.60
N GLN B 672 7.15 39.17 27.60
CA GLN B 672 7.94 38.68 28.74
C GLN B 672 9.23 39.51 28.82
N PRO B 673 9.43 40.26 29.93
CA PRO B 673 10.64 41.11 30.04
C PRO B 673 11.94 40.34 30.21
N ASP B 674 13.05 40.99 29.79
CA ASP B 674 14.43 40.50 29.93
C ASP B 674 15.03 41.11 31.21
N VAL B 675 14.51 42.31 31.60
CA VAL B 675 14.80 43.12 32.79
C VAL B 675 13.53 43.86 33.22
N VAL B 676 13.45 44.15 34.54
CA VAL B 676 12.36 44.90 35.17
C VAL B 676 12.94 45.92 36.16
N MET B 677 12.20 47.01 36.40
CA MET B 677 12.56 48.11 37.31
C MET B 677 11.40 49.08 37.40
N GLY B 678 11.45 49.98 38.38
CA GLY B 678 10.42 50.99 38.53
C GLY B 678 10.65 52.05 39.58
N HIS B 679 10.06 53.22 39.34
CA HIS B 679 10.12 54.38 40.22
C HIS B 679 9.29 54.14 41.49
N SER B 680 9.92 54.29 42.69
CA SER B 680 9.30 54.07 44.03
C SER B 680 8.41 52.81 44.12
N VAL B 681 7.08 52.96 43.85
CA VAL B 681 6.09 51.87 43.85
C VAL B 681 6.36 50.86 42.73
N GLY B 682 6.87 51.37 41.61
CA GLY B 682 7.25 50.61 40.43
C GLY B 682 8.28 49.51 40.71
N GLU B 683 9.18 49.73 41.69
CA GLU B 683 10.18 48.74 42.07
C GLU B 683 9.51 47.55 42.79
N TYR B 684 8.47 47.84 43.61
CA TYR B 684 7.72 46.82 44.36
C TYR B 684 6.90 45.94 43.40
N VAL B 685 6.38 46.54 42.32
CA VAL B 685 5.62 45.81 41.29
C VAL B 685 6.54 45.03 40.32
N ALA B 686 7.77 45.54 40.08
CA ALA B 686 8.79 44.86 39.26
C ALA B 686 9.26 43.58 39.98
N ALA B 687 9.21 43.60 41.33
CA ALA B 687 9.59 42.50 42.22
C ALA B 687 8.63 41.31 42.15
N THR B 688 7.28 41.56 42.20
CA THR B 688 6.24 40.52 42.09
C THR B 688 6.39 39.81 40.75
N VAL B 689 6.58 40.61 39.67
CA VAL B 689 6.77 40.18 38.28
C VAL B 689 8.00 39.27 38.19
N ALA B 690 9.10 39.64 38.88
CA ALA B 690 10.34 38.86 38.95
C ALA B 690 10.13 37.54 39.73
N GLY B 691 9.16 37.54 40.64
CA GLY B 691 8.82 36.38 41.46
C GLY B 691 9.55 36.32 42.78
N VAL B 692 10.09 37.49 43.23
CA VAL B 692 10.83 37.62 44.49
C VAL B 692 9.90 37.49 45.72
N PHE B 693 8.61 37.82 45.54
CA PHE B 693 7.56 37.66 46.54
C PHE B 693 6.21 37.57 45.87
N SER B 694 5.22 37.04 46.61
CA SER B 694 3.84 36.84 46.14
C SER B 694 3.11 38.16 45.84
N LEU B 695 2.05 38.08 44.99
CA LEU B 695 1.18 39.19 44.66
C LEU B 695 0.40 39.50 45.92
N GLU B 696 -0.03 38.42 46.61
CA GLU B 696 -0.72 38.42 47.90
C GLU B 696 0.17 39.14 48.92
N GLU B 697 1.48 38.77 48.98
CA GLU B 697 2.48 39.38 49.86
C GLU B 697 2.80 40.83 49.44
N GLY B 698 3.06 41.05 48.15
CA GLY B 698 3.42 42.34 47.55
C GLY B 698 2.39 43.46 47.69
N LEU B 699 1.15 43.20 47.23
CA LEU B 699 0.04 44.16 47.29
C LEU B 699 -0.36 44.53 48.72
N LYS B 700 -0.27 43.56 49.67
CA LYS B 700 -0.61 43.70 51.09
C LYS B 700 0.10 44.89 51.79
N LEU B 701 1.29 45.29 51.30
CA LEU B 701 2.06 46.40 51.84
C LEU B 701 1.45 47.76 51.45
N GLY B 716 6.52 68.69 55.47
CA GLY B 716 7.42 67.97 54.58
C GLY B 716 7.10 68.20 53.11
N GLU B 717 8.07 68.77 52.36
CA GLU B 717 7.93 69.10 50.93
C GLU B 717 9.05 68.53 50.04
N MET B 718 8.71 68.22 48.78
CA MET B 718 9.62 67.73 47.74
C MET B 718 9.64 68.70 46.55
N VAL B 719 10.84 69.01 46.01
CA VAL B 719 11.00 69.95 44.89
C VAL B 719 11.85 69.35 43.75
N SER B 720 11.49 69.65 42.48
CA SER B 720 12.22 69.23 41.29
C SER B 720 13.28 70.27 40.95
N VAL B 721 14.53 69.82 40.77
CA VAL B 721 15.67 70.68 40.47
C VAL B 721 16.21 70.38 39.06
N ILE B 722 16.53 71.43 38.30
CA ILE B 722 17.12 71.26 36.97
C ILE B 722 18.64 71.53 37.10
N ALA B 723 19.33 70.60 37.80
CA ALA B 723 20.78 70.61 38.05
C ALA B 723 21.30 69.21 38.38
N SER B 724 22.63 69.00 38.19
CA SER B 724 23.37 67.76 38.43
C SER B 724 23.27 67.25 39.88
N GLU B 725 23.47 65.92 40.08
CA GLU B 725 23.46 65.28 41.41
C GLU B 725 24.64 65.81 42.26
N SER B 726 25.77 66.17 41.61
CA SER B 726 26.96 66.73 42.24
C SER B 726 26.72 68.21 42.59
N LYS B 727 26.19 69.01 41.63
CA LYS B 727 25.88 70.44 41.73
C LYS B 727 24.90 70.80 42.86
N VAL B 728 24.05 69.84 43.27
CA VAL B 728 23.05 70.00 44.32
C VAL B 728 23.61 69.55 45.67
N LEU B 729 24.43 68.48 45.68
CA LEU B 729 25.06 67.96 46.90
C LEU B 729 26.11 68.91 47.51
N GLU B 730 26.79 69.72 46.67
CA GLU B 730 27.80 70.71 47.10
C GLU B 730 27.13 71.91 47.79
N ILE B 731 25.90 72.27 47.35
CA ILE B 731 25.11 73.36 47.91
C ILE B 731 24.56 72.98 49.31
N PHE B 732 24.24 71.68 49.53
CA PHE B 732 23.78 71.12 50.80
C PHE B 732 24.87 71.25 51.88
N LYS B 733 26.16 71.10 51.48
CA LYS B 733 27.35 71.22 52.35
C LYS B 733 27.67 72.70 52.61
N ALA B 734 27.55 73.55 51.57
CA ALA B 734 27.80 75.00 51.60
C ALA B 734 26.83 75.71 52.56
N MET B 735 25.52 75.40 52.46
CA MET B 735 24.45 75.94 53.32
C MET B 735 24.30 75.13 54.62
N SER B 736 25.11 74.05 54.77
CA SER B 736 25.14 73.10 55.90
C SER B 736 23.74 72.55 56.23
N LEU B 737 22.96 72.25 55.16
CA LEU B 737 21.59 71.75 55.25
C LEU B 737 21.44 70.22 55.29
N GLU B 738 22.57 69.49 55.21
CA GLU B 738 22.67 68.03 55.30
C GLU B 738 21.97 67.54 56.60
N GLU B 739 20.82 66.85 56.43
CA GLU B 739 19.93 66.34 57.49
C GLU B 739 19.22 67.48 58.23
N ALA B 742 18.21 66.62 51.59
CA ALA B 742 18.55 65.29 51.04
C ALA B 742 17.92 65.01 49.65
N ILE B 743 18.63 64.23 48.80
CA ILE B 743 18.20 63.85 47.43
C ILE B 743 17.23 62.64 47.42
N ALA B 744 16.02 62.85 46.86
CA ALA B 744 14.96 61.85 46.73
C ALA B 744 15.20 60.92 45.51
N ALA B 745 15.30 61.49 44.29
CA ALA B 745 15.51 60.74 43.04
C ALA B 745 16.41 61.47 42.04
N ILE B 746 17.32 60.73 41.38
CA ILE B 746 18.23 61.24 40.35
C ILE B 746 17.68 60.78 38.98
N ASN B 747 16.77 61.58 38.41
CA ASN B 747 16.10 61.30 37.13
C ASN B 747 16.87 61.79 35.91
N GLY B 748 18.12 62.21 36.11
CA GLY B 748 18.98 62.70 35.04
C GLY B 748 20.23 63.43 35.50
N PRO B 749 21.12 63.78 34.54
CA PRO B 749 22.36 64.50 34.91
C PRO B 749 22.15 66.01 35.12
N GLU B 750 20.89 66.47 34.90
CA GLU B 750 20.41 67.85 35.08
C GLU B 750 18.92 67.81 35.41
N SER B 751 18.54 66.82 36.25
CA SER B 751 17.17 66.57 36.70
C SER B 751 17.27 65.70 37.95
N THR B 752 17.08 66.31 39.14
CA THR B 752 17.14 65.67 40.47
C THR B 752 15.95 66.09 41.35
N VAL B 753 15.59 65.25 42.35
CA VAL B 753 14.47 65.50 43.28
C VAL B 753 15.02 65.71 44.70
N ILE B 754 14.60 66.83 45.36
CA ILE B 754 15.02 67.15 46.73
C ILE B 754 13.92 66.92 47.74
N SER B 755 14.22 66.15 48.81
CA SER B 755 13.30 65.81 49.88
C SER B 755 13.77 66.40 51.22
N GLY B 756 12.82 66.97 51.96
CA GLY B 756 13.08 67.59 53.26
C GLY B 756 11.90 68.39 53.79
N GLU B 757 12.18 69.32 54.73
CA GLU B 757 11.15 70.18 55.34
C GLU B 757 10.98 71.47 54.53
N ALA B 758 9.72 71.95 54.42
CA ALA B 758 9.30 73.14 53.66
C ALA B 758 10.19 74.39 53.80
N GLU B 759 10.73 74.63 55.01
CA GLU B 759 11.64 75.73 55.35
C GLU B 759 13.04 75.45 54.73
N ALA B 760 13.59 74.24 55.00
CA ALA B 760 14.89 73.77 54.51
C ALA B 760 14.95 73.72 52.98
N VAL B 761 13.90 73.14 52.33
CA VAL B 761 13.78 73.02 50.86
C VAL B 761 13.48 74.37 50.15
N GLY B 762 12.72 75.24 50.83
CA GLY B 762 12.36 76.56 50.34
C GLY B 762 13.56 77.49 50.31
N ALA B 763 14.51 77.26 51.24
CA ALA B 763 15.78 77.99 51.38
C ALA B 763 16.75 77.61 50.24
N ILE B 764 16.68 76.35 49.79
CA ILE B 764 17.47 75.78 48.68
C ILE B 764 16.94 76.37 47.39
N ALA B 765 15.62 76.22 47.15
CA ALA B 765 14.86 76.71 46.00
C ALA B 765 15.10 78.20 45.73
N THR B 766 15.12 79.03 46.80
CA THR B 766 15.37 80.48 46.72
C THR B 766 16.82 80.79 46.33
N HIS B 767 17.78 80.02 46.89
CA HIS B 767 19.20 80.13 46.61
C HIS B 767 19.54 79.64 45.19
N LEU B 768 18.91 78.51 44.78
CA LEU B 768 19.06 77.87 43.46
C LEU B 768 18.44 78.68 42.33
N GLU B 769 17.38 79.47 42.64
CA GLU B 769 16.71 80.36 41.68
C GLU B 769 17.58 81.63 41.55
N SER B 770 18.33 81.97 42.62
CA SER B 770 19.26 83.10 42.68
C SER B 770 20.53 82.79 41.85
N LEU B 771 20.86 81.48 41.70
CA LEU B 771 21.98 80.95 40.91
C LEU B 771 21.56 80.66 39.46
N SER B 772 20.28 80.98 39.12
CA SER B 772 19.62 80.81 37.81
C SER B 772 19.42 79.34 37.38
N ILE B 773 19.06 78.48 38.35
CA ILE B 773 18.79 77.05 38.15
C ILE B 773 17.27 76.81 38.31
N LYS B 774 16.63 76.28 37.22
CA LYS B 774 15.18 76.00 37.13
C LYS B 774 14.69 75.03 38.20
N THR B 775 13.59 75.39 38.89
CA THR B 775 12.98 74.60 39.96
C THR B 775 11.46 74.78 40.08
N LYS B 776 10.74 73.66 40.30
CA LYS B 776 9.27 73.60 40.44
C LYS B 776 8.84 72.43 41.35
N GLN B 777 7.59 72.47 41.87
CA GLN B 777 7.00 71.42 42.71
C GLN B 777 5.47 71.42 42.66
N GLN B 779 4.51 68.83 44.32
CA GLN B 779 3.09 68.77 44.68
C GLN B 779 2.80 67.63 45.64
N VAL B 780 3.86 66.90 46.06
CA VAL B 780 3.82 65.77 46.99
C VAL B 780 3.40 66.25 48.39
N SER B 781 2.41 65.59 48.99
CA SER B 781 1.90 65.91 50.33
C SER B 781 2.76 65.33 51.48
N HIS B 782 4.04 64.98 51.17
CA HIS B 782 5.07 64.42 52.06
C HIS B 782 6.46 64.59 51.43
N ALA B 783 7.52 64.15 52.15
CA ALA B 783 8.91 64.19 51.70
C ALA B 783 9.53 62.78 51.71
N PHE B 784 9.37 62.03 50.60
CA PHE B 784 9.85 60.64 50.45
C PHE B 784 11.32 60.56 50.00
N HIS B 785 12.10 59.62 50.62
CA HIS B 785 13.54 59.37 50.42
C HIS B 785 14.37 60.59 50.84
N TYR B 805 9.96 35.23 52.13
CA TYR B 805 9.74 35.34 50.68
C TYR B 805 10.88 34.78 49.77
N SER B 806 10.53 34.53 48.47
CA SER B 806 11.37 33.93 47.41
C SER B 806 12.53 34.79 46.84
N GLN B 807 13.13 34.34 45.70
CA GLN B 807 14.25 34.95 44.98
C GLN B 807 13.81 35.47 43.58
N PRO B 808 14.55 36.37 42.88
CA PRO B 808 14.07 36.84 41.57
C PRO B 808 14.45 35.94 40.40
N GLN B 809 13.45 35.60 39.57
CA GLN B 809 13.62 34.75 38.39
C GLN B 809 13.87 35.62 37.14
N ILE B 810 13.42 36.90 37.18
CA ILE B 810 13.60 37.91 36.12
C ILE B 810 14.52 39.02 36.65
N SER B 811 15.62 39.30 35.92
CA SER B 811 16.63 40.32 36.24
C SER B 811 16.01 41.65 36.67
N LEU B 812 16.52 42.24 37.77
CA LEU B 812 16.00 43.51 38.29
C LEU B 812 17.08 44.55 38.54
N ILE B 813 16.80 45.80 38.13
CA ILE B 813 17.67 46.95 38.36
C ILE B 813 17.13 47.69 39.59
N SER B 814 17.96 47.70 40.65
CA SER B 814 17.66 48.33 41.94
C SER B 814 17.68 49.86 41.84
N ASN B 815 16.77 50.54 42.58
CA ASN B 815 16.68 52.00 42.65
C ASN B 815 17.86 52.54 43.47
N VAL B 816 18.22 51.81 44.54
CA VAL B 816 19.32 52.09 45.48
C VAL B 816 20.67 51.95 44.76
N THR B 817 20.98 50.74 44.23
CA THR B 817 22.24 50.38 43.56
C THR B 817 22.40 51.05 42.18
N GLY B 818 21.27 51.24 41.47
CA GLY B 818 21.24 51.77 40.11
C GLY B 818 21.75 50.72 39.15
N GLN B 819 21.98 49.51 39.68
CA GLN B 819 22.52 48.32 39.01
C GLN B 819 21.63 47.09 39.33
N GLN B 820 22.01 45.90 38.81
CA GLN B 820 21.33 44.61 39.03
C GLN B 820 21.33 44.23 40.52
N VAL B 821 20.30 43.46 40.95
CA VAL B 821 20.16 43.03 42.34
C VAL B 821 19.68 41.57 42.44
N TYR B 830 16.46 44.81 52.92
CA TYR B 830 16.64 45.49 51.63
C TYR B 830 15.52 46.50 51.35
N TRP B 831 14.26 46.10 51.58
CA TRP B 831 13.07 46.92 51.34
C TRP B 831 12.93 48.09 52.31
N VAL B 832 13.48 47.94 53.53
CA VAL B 832 13.51 48.96 54.58
C VAL B 832 14.44 50.12 54.20
N ASN B 833 15.67 49.79 53.77
CA ASN B 833 16.72 50.72 53.33
C ASN B 833 16.29 51.51 52.08
N HIS B 834 15.56 50.83 51.17
CA HIS B 834 15.03 51.36 49.92
C HIS B 834 14.19 52.64 50.12
N VAL B 835 13.37 52.68 51.20
CA VAL B 835 12.49 53.80 51.60
C VAL B 835 13.33 55.05 51.95
N ARG B 836 14.47 54.84 52.63
CA ARG B 836 15.41 55.86 53.07
C ARG B 836 16.27 56.37 51.90
N GLN B 837 17.10 55.47 51.33
CA GLN B 837 18.06 55.69 50.23
C GLN B 837 17.44 56.34 48.94
N PRO B 838 18.21 57.14 48.13
CA PRO B 838 17.61 57.72 46.91
C PRO B 838 17.37 56.76 45.73
N VAL B 839 16.42 57.15 44.83
CA VAL B 839 16.06 56.40 43.63
C VAL B 839 16.98 56.84 42.48
N ARG B 840 18.05 56.07 42.24
CA ARG B 840 19.08 56.31 41.21
C ARG B 840 18.56 55.86 39.82
N PHE B 841 17.59 56.62 39.29
CA PHE B 841 16.94 56.38 38.00
C PHE B 841 17.90 56.55 36.81
N SER B 842 18.72 57.61 36.80
CA SER B 842 19.68 57.93 35.74
C SER B 842 20.74 56.82 35.60
N GLU B 843 21.20 56.25 36.74
CA GLU B 843 22.18 55.15 36.81
C GLU B 843 21.56 53.86 36.26
N SER B 844 20.28 53.61 36.61
CA SER B 844 19.48 52.46 36.18
C SER B 844 19.29 52.45 34.64
N MET B 845 19.11 53.64 34.03
CA MET B 845 18.96 53.80 32.59
C MET B 845 20.28 53.58 31.85
N THR B 846 21.41 54.09 32.41
CA THR B 846 22.74 53.93 31.79
C THR B 846 23.19 52.46 31.72
N THR B 847 22.80 51.63 32.72
CA THR B 847 23.13 50.20 32.79
C THR B 847 22.38 49.41 31.72
N LEU B 848 21.12 49.83 31.46
CA LEU B 848 20.27 49.25 30.44
C LEU B 848 20.92 49.48 29.08
N HIS B 849 21.36 50.75 28.83
CA HIS B 849 22.06 51.20 27.63
C HIS B 849 23.38 50.45 27.44
N GLN B 850 24.14 50.30 28.54
CA GLN B 850 25.44 49.60 28.63
C GLN B 850 25.28 48.10 28.29
N GLU B 851 24.18 47.46 28.75
CA GLU B 851 23.84 46.05 28.51
C GLU B 851 23.06 45.83 27.17
N GLY B 852 23.19 46.81 26.26
CA GLY B 852 22.60 46.82 24.93
C GLY B 852 21.09 46.99 24.77
N TYR B 853 20.35 47.30 25.87
CA TYR B 853 18.90 47.50 25.81
C TYR B 853 18.51 48.72 24.98
N GLU B 854 17.68 48.50 23.94
CA GLU B 854 17.18 49.53 23.03
C GLU B 854 15.63 49.62 23.04
N LEU B 855 14.94 48.54 23.44
CA LEU B 855 13.48 48.49 23.43
C LEU B 855 12.83 48.69 24.81
N PHE B 856 12.13 49.82 24.99
CA PHE B 856 11.53 50.17 26.28
C PHE B 856 10.03 50.27 26.29
N LEU B 857 9.41 49.45 27.15
CA LEU B 857 7.97 49.42 27.35
C LEU B 857 7.67 49.96 28.73
N GLU B 858 6.79 50.96 28.79
CA GLU B 858 6.38 51.54 30.05
C GLU B 858 5.02 51.05 30.47
N ILE B 859 4.94 50.47 31.68
CA ILE B 859 3.72 49.97 32.29
C ILE B 859 3.27 50.99 33.36
N GLY B 860 2.17 51.69 33.05
CA GLY B 860 1.61 52.72 33.91
C GLY B 860 0.55 53.59 33.26
N PRO B 861 -0.01 54.56 34.02
CA PRO B 861 -1.07 55.44 33.48
C PRO B 861 -0.62 56.61 32.64
N LYS B 862 0.58 57.14 32.90
CA LYS B 862 1.16 58.25 32.14
C LYS B 862 2.57 57.86 31.65
N PRO B 863 2.99 58.26 30.42
CA PRO B 863 4.34 57.91 29.93
C PRO B 863 5.49 58.76 30.53
N ILE B 864 5.57 58.82 31.87
CA ILE B 864 6.55 59.58 32.65
C ILE B 864 8.00 59.08 32.50
N LEU B 865 8.23 57.79 32.79
CA LEU B 865 9.53 57.11 32.74
C LEU B 865 10.23 57.12 31.35
N LEU B 866 9.45 57.25 30.24
CA LEU B 866 9.95 57.31 28.84
C LEU B 866 10.62 58.65 28.56
N GLY B 867 9.99 59.74 29.04
CA GLY B 867 10.49 61.10 28.93
C GLY B 867 11.74 61.23 29.77
N MET B 868 11.71 60.59 30.94
CA MET B 868 12.81 60.51 31.88
C MET B 868 13.99 59.68 31.32
N GLY B 869 13.68 58.59 30.63
CA GLY B 869 14.66 57.69 30.04
C GLY B 869 15.40 58.21 28.82
N ARG B 870 14.68 58.90 27.90
CA ARG B 870 15.21 59.51 26.67
C ARG B 870 16.26 60.57 27.01
N GLN B 871 16.05 61.28 28.14
CA GLN B 871 16.94 62.30 28.67
C GLN B 871 18.23 61.71 29.23
N CYS B 872 18.19 60.42 29.62
CA CYS B 872 19.30 59.64 30.19
C CYS B 872 20.14 58.87 29.15
N LEU B 873 19.70 58.83 27.90
CA LEU B 873 20.35 58.10 26.83
C LEU B 873 20.67 58.97 25.59
N PRO B 874 21.61 58.56 24.70
CA PRO B 874 21.94 59.38 23.53
C PRO B 874 20.78 59.69 22.57
N GLU B 875 20.92 60.79 21.78
CA GLU B 875 19.92 61.28 20.82
C GLU B 875 19.44 60.22 19.80
N GLY B 876 18.12 60.02 19.75
CA GLY B 876 17.45 59.06 18.87
C GLY B 876 17.71 57.59 19.14
N VAL B 877 18.38 57.26 20.28
CA VAL B 877 18.71 55.90 20.68
C VAL B 877 17.53 55.22 21.39
N GLY B 878 17.16 54.04 20.89
CA GLY B 878 16.08 53.23 21.43
C GLY B 878 14.68 53.54 20.96
N VAL B 879 13.75 52.61 21.27
CA VAL B 879 12.31 52.66 20.97
C VAL B 879 11.59 52.76 22.32
N TRP B 880 10.76 53.80 22.46
CA TRP B 880 10.07 54.16 23.69
C TRP B 880 8.56 53.97 23.59
N LEU B 881 8.03 52.98 24.35
CA LEU B 881 6.63 52.59 24.26
C LEU B 881 5.76 52.73 25.51
N PRO B 882 4.64 53.48 25.40
CA PRO B 882 3.72 53.57 26.55
C PRO B 882 2.75 52.38 26.64
N SER B 883 1.75 52.48 27.53
CA SER B 883 0.66 51.54 27.74
C SER B 883 -0.59 52.40 27.69
N LEU B 884 -0.57 53.50 28.44
CA LEU B 884 -1.65 54.46 28.51
C LEU B 884 -1.06 55.86 28.39
N ARG B 885 -1.75 56.75 27.65
CA ARG B 885 -1.39 58.15 27.46
C ARG B 885 -2.69 58.94 27.59
N PRO B 886 -2.80 59.87 28.56
CA PRO B 886 -4.09 60.57 28.77
C PRO B 886 -4.92 61.07 27.59
N GLY B 887 -4.28 61.70 26.61
CA GLY B 887 -4.97 62.20 25.42
C GLY B 887 -5.46 61.09 24.49
N VAL B 888 -4.72 59.96 24.47
CA VAL B 888 -4.95 58.78 23.64
C VAL B 888 -5.87 57.77 24.33
N GLU B 889 -6.72 57.10 23.53
CA GLU B 889 -7.65 56.06 23.96
C GLU B 889 -6.88 54.82 24.42
N ALA B 890 -7.33 54.19 25.53
CA ALA B 890 -6.72 52.99 26.12
C ALA B 890 -6.43 51.88 25.10
N TRP B 891 -7.40 51.58 24.19
CA TRP B 891 -7.17 50.56 23.17
C TRP B 891 -6.18 51.04 22.10
N GLN B 892 -6.34 52.31 21.65
CA GLN B 892 -5.48 52.92 20.65
C GLN B 892 -4.01 52.92 21.06
N GLN B 893 -3.68 53.33 22.32
CA GLN B 893 -2.29 53.38 22.80
C GLN B 893 -1.64 51.98 22.93
N MET B 894 -2.42 51.00 23.46
CA MET B 894 -1.97 49.61 23.67
C MET B 894 -1.68 48.91 22.34
N LEU B 895 -2.58 49.11 21.34
CA LEU B 895 -2.49 48.51 20.01
C LEU B 895 -1.39 49.14 19.18
N GLN B 896 -1.14 50.45 19.36
CA GLN B 896 -0.06 51.16 18.67
C GLN B 896 1.28 50.74 19.27
N SER B 897 1.30 50.40 20.56
CA SER B 897 2.51 49.92 21.21
C SER B 897 2.79 48.47 20.77
N LEU B 898 1.73 47.64 20.67
CA LEU B 898 1.81 46.24 20.22
C LEU B 898 2.35 46.16 18.80
N GLY B 899 1.82 47.00 17.92
CA GLY B 899 2.23 47.13 16.53
C GLY B 899 3.71 47.44 16.38
N GLN B 900 4.24 48.22 17.34
CA GLN B 900 5.66 48.58 17.36
C GLN B 900 6.54 47.47 17.94
N LEU B 901 5.97 46.60 18.80
CA LEU B 901 6.66 45.44 19.37
C LEU B 901 6.81 44.36 18.27
N TYR B 902 5.75 44.20 17.45
CA TYR B 902 5.70 43.31 16.29
C TYR B 902 6.77 43.72 15.28
N MET B 903 6.89 45.04 14.98
CA MET B 903 7.91 45.59 14.06
C MET B 903 9.34 45.28 14.53
N LYS B 904 9.56 45.28 15.88
CA LYS B 904 10.87 44.97 16.45
C LYS B 904 11.26 43.48 16.35
N GLY B 905 10.28 42.61 16.15
CA GLY B 905 10.51 41.17 16.00
C GLY B 905 9.97 40.33 17.14
N ILE B 906 9.31 40.99 18.13
CA ILE B 906 8.71 40.34 19.30
C ILE B 906 7.65 39.36 18.84
N LYS B 907 7.78 38.09 19.30
CA LYS B 907 6.80 37.06 18.98
C LYS B 907 5.60 37.33 19.86
N VAL B 908 4.59 37.90 19.23
CA VAL B 908 3.33 38.28 19.84
C VAL B 908 2.43 37.05 19.82
N ASN B 909 1.71 36.82 20.93
CA ASN B 909 0.73 35.74 21.02
C ASN B 909 -0.59 36.33 20.52
N TRP B 910 -0.79 36.30 19.19
CA TRP B 910 -1.97 36.84 18.53
C TRP B 910 -3.28 36.13 18.90
N SER B 911 -3.19 34.88 19.38
CA SER B 911 -4.39 34.14 19.79
C SER B 911 -4.90 34.59 21.16
N GLY B 912 -3.98 35.01 22.03
CA GLY B 912 -4.28 35.54 23.35
C GLY B 912 -4.81 36.96 23.24
N PHE B 913 -4.40 37.64 22.16
CA PHE B 913 -4.83 38.99 21.84
C PHE B 913 -6.32 38.99 21.49
N ASP B 914 -6.83 37.87 20.91
CA ASP B 914 -8.22 37.68 20.49
C ASP B 914 -8.98 36.57 21.27
N GLN B 915 -8.35 36.04 22.34
CA GLN B 915 -8.86 34.94 23.20
C GLN B 915 -10.21 35.15 23.86
N ASP B 916 -10.55 36.41 24.14
CA ASP B 916 -11.79 36.75 24.85
C ASP B 916 -12.90 37.35 23.98
N TYR B 917 -12.68 37.35 22.66
CA TYR B 917 -13.63 37.90 21.69
C TYR B 917 -14.08 36.82 20.69
N ALA B 918 -15.36 36.86 20.27
CA ALA B 918 -15.95 35.91 19.32
C ALA B 918 -15.37 36.11 17.91
N CYS B 919 -14.25 35.40 17.64
CA CYS B 919 -13.52 35.46 16.38
C CYS B 919 -13.56 34.16 15.62
N HIS B 920 -13.88 34.25 14.33
CA HIS B 920 -14.02 33.12 13.43
C HIS B 920 -13.05 33.23 12.27
N LYS B 921 -12.46 32.09 11.89
CA LYS B 921 -11.53 32.01 10.78
C LYS B 921 -12.34 32.25 9.50
N VAL B 922 -11.80 33.07 8.58
CA VAL B 922 -12.46 33.42 7.32
C VAL B 922 -11.53 33.19 6.15
N ALA B 923 -12.08 33.13 4.92
CA ALA B 923 -11.27 32.94 3.72
C ALA B 923 -10.53 34.23 3.43
N ILE B 924 -9.21 34.22 3.69
CA ILE B 924 -8.28 35.35 3.57
C ILE B 924 -7.33 35.13 2.39
N PRO B 925 -6.72 36.18 1.79
CA PRO B 925 -5.82 35.96 0.63
C PRO B 925 -4.59 35.10 0.89
N THR B 926 -3.98 34.55 -0.19
CA THR B 926 -2.77 33.72 -0.09
C THR B 926 -1.54 34.42 -0.63
N TYR B 927 -0.34 33.99 -0.19
CA TYR B 927 0.95 34.54 -0.59
C TYR B 927 1.11 34.96 -2.07
N PRO B 928 1.56 36.21 -2.33
CA PRO B 928 1.84 36.61 -3.73
C PRO B 928 3.26 36.22 -4.14
N PHE B 929 3.41 35.04 -4.74
CA PHE B 929 4.73 34.57 -5.15
C PHE B 929 5.32 35.47 -6.20
N GLN B 930 6.53 35.91 -5.95
CA GLN B 930 7.29 36.81 -6.79
C GLN B 930 8.04 35.97 -7.80
N ARG B 931 7.36 35.63 -8.87
CA ARG B 931 7.91 34.74 -9.90
C ARG B 931 9.01 35.26 -10.80
N GLU B 932 9.91 34.35 -11.18
CA GLU B 932 11.04 34.55 -12.08
C GLU B 932 11.22 33.27 -12.90
N SER B 933 11.82 33.40 -14.11
CA SER B 933 12.01 32.30 -15.04
C SER B 933 13.32 31.57 -14.87
N TYR B 934 13.22 30.24 -14.68
CA TYR B 934 14.33 29.31 -14.50
C TYR B 934 14.13 28.10 -15.42
N TRP B 935 15.20 27.71 -16.12
CA TRP B 935 15.19 26.62 -17.09
C TRP B 935 16.57 25.96 -17.34
N ILE B 936 16.61 25.01 -18.32
CA ILE B 936 17.71 24.19 -18.84
C ILE B 936 17.67 22.80 -18.17
#